data_5QP8
# 
_entry.id   5QP8 
# 
_audit_conform.dict_name       mmcif_pdbx.dic 
_audit_conform.dict_version    5.387 
_audit_conform.dict_location   http://mmcif.pdb.org/dictionaries/ascii/mmcif_pdbx.dic 
# 
loop_
_database_2.database_id 
_database_2.database_code 
_database_2.pdbx_database_accession 
_database_2.pdbx_DOI 
PDB   5QP8         pdb_00005qp8 10.2210/pdb5qp8/pdb 
WWPDB D_1001402233 ?            ?                   
# 
loop_
_pdbx_audit_revision_history.ordinal 
_pdbx_audit_revision_history.data_content_type 
_pdbx_audit_revision_history.major_revision 
_pdbx_audit_revision_history.minor_revision 
_pdbx_audit_revision_history.revision_date 
1 'Structure model' 1 0 2019-05-08 
2 'Structure model' 1 1 2019-11-20 
3 'Structure model' 1 2 2024-03-06 
# 
_pdbx_audit_revision_details.ordinal             1 
_pdbx_audit_revision_details.revision_ordinal    1 
_pdbx_audit_revision_details.data_content_type   'Structure model' 
_pdbx_audit_revision_details.provider            repository 
_pdbx_audit_revision_details.type                'Initial release' 
_pdbx_audit_revision_details.description         ? 
_pdbx_audit_revision_details.details             ? 
# 
loop_
_pdbx_audit_revision_group.ordinal 
_pdbx_audit_revision_group.revision_ordinal 
_pdbx_audit_revision_group.data_content_type 
_pdbx_audit_revision_group.group 
1 2 'Structure model' 'Data collection'     
2 3 'Structure model' 'Data collection'     
3 3 'Structure model' 'Database references' 
# 
loop_
_pdbx_audit_revision_category.ordinal 
_pdbx_audit_revision_category.revision_ordinal 
_pdbx_audit_revision_category.data_content_type 
_pdbx_audit_revision_category.category 
1 2 'Structure model' diffrn_source  
2 3 'Structure model' chem_comp_atom 
3 3 'Structure model' chem_comp_bond 
4 3 'Structure model' database_2     
# 
loop_
_pdbx_audit_revision_item.ordinal 
_pdbx_audit_revision_item.revision_ordinal 
_pdbx_audit_revision_item.data_content_type 
_pdbx_audit_revision_item.item 
1 2 'Structure model' '_diffrn_source.pdbx_synchrotron_beamline' 
2 2 'Structure model' '_diffrn_source.type'                      
3 3 'Structure model' '_database_2.pdbx_DOI'                     
4 3 'Structure model' '_database_2.pdbx_database_accession'      
# 
_database_PDB_caveat.id     1 
_database_PDB_caveat.text   
'Residues THR A 190 and ARG A 191 (B conformer) that are next to each other in the sample sequence are not properly linked.' 
# 
_pdbx_database_status.entry_id                        5QP8 
_pdbx_database_status.status_code                     REL 
_pdbx_database_status.status_code_sf                  REL 
_pdbx_database_status.status_code_mr                  ? 
_pdbx_database_status.status_code_cs                  ? 
_pdbx_database_status.recvd_initial_deposition_date   2019-02-22 
_pdbx_database_status.deposit_site                    RCSB 
_pdbx_database_status.process_site                    RCSB 
_pdbx_database_status.SG_entry                        ? 
_pdbx_database_status.pdb_format_compatible           Y 
_pdbx_database_status.methods_development_category    ? 
_pdbx_database_status.status_code_nmr_data            ? 
# 
loop_
_audit_author.name 
_audit_author.pdbx_ordinal 
_audit_author.identifier_ORCID 
'Nelson, E.R.'      1  ? 
'Velupillai, S.'    2  ? 
'Talon, R.'         3  ? 
'Collins, P.M.'     4  ? 
'Krojer, T.'        5  ? 
'Wang, D.'          6  ? 
'Brandao-Neto, J.'  7  ? 
'Douangamath, A.'   8  ? 
'Burgess-Brown, N.' 9  ? 
'Arrowsmith, C.H.'  10 ? 
'Bountra, C.'       11 ? 
'Huber, K.'         12 ? 
'von Delft, F.'     13 ? 
# 
_citation.id                        primary 
_citation.title                     'PanDDA analysis group deposition' 
_citation.journal_abbrev            'To Be Published' 
_citation.journal_volume            ? 
_citation.page_first                ? 
_citation.page_last                 ? 
_citation.year                      ? 
_citation.journal_id_ASTM           ? 
_citation.country                   ? 
_citation.journal_id_ISSN           ? 
_citation.journal_id_CSD            0353 
_citation.book_publisher            ? 
_citation.pdbx_database_id_PubMed   ? 
_citation.pdbx_database_id_DOI      ? 
# 
loop_
_citation_author.citation_id 
_citation_author.name 
_citation_author.identifier_ORCID 
_citation_author.ordinal 
primary 'Nelson, E.R.'      ? 1  
primary 'Velupillai, S.'    ? 2  
primary 'Talon, R.'         ? 3  
primary 'Collins, P.M.'     ? 4  
primary 'Krojer, T.'        ? 5  
primary 'Wang, D.'          ? 6  
primary 'Brandao-Neto, J.'  ? 7  
primary 'Douangamath, A.'   ? 8  
primary 'Burgess-Brown, N.' ? 9  
primary 'Arrowsmith, C.H.'  ? 10 
primary 'Bountra, C.'       ? 11 
primary 'Huber, K.'         ? 12 
primary 'von Delft, F.'     ? 13 
# 
loop_
_entity.id 
_entity.type 
_entity.src_method 
_entity.pdbx_description 
_entity.formula_weight 
_entity.pdbx_number_of_molecules 
_entity.pdbx_ec 
_entity.pdbx_mutation 
_entity.pdbx_fragment 
_entity.details 
1 polymer     man 'DCP2 (NUDT20)'                                     19073.738 1  3.6.1.62 ? 'UNP residues 95-260' ? 
2 non-polymer syn 1,2-ETHANEDIOL                                      62.068    2  ?        ? ?                     ? 
3 non-polymer syn 'DIMETHYL SULFOXIDE'                                78.133    1  ?        ? ?                     ? 
4 non-polymer syn 'ACETATE ION'                                       59.044    2  ?        ? ?                     ? 
5 non-polymer syn N-cycloheptyl-5-cyclopropyl-1,3,4-oxadiazol-2-amine 221.299   1  ?        ? ?                     ? 
6 water       nat water                                               18.015    92 ?        ? ?                     ? 
# 
_entity_name_com.entity_id   1 
_entity_name_com.name        
'Nucleoside diphosphate-linked moiety X motif 20, Nudix motif 20, mRNA-decapping enzyme 2, hDpc, m7GpppN-mRNA hydrolase' 
# 
_entity_poly.entity_id                      1 
_entity_poly.type                           'polypeptide(L)' 
_entity_poly.nstd_linkage                   no 
_entity_poly.nstd_monomer                   no 
_entity_poly.pdbx_seq_one_letter_code       
;SMGVPTYGAIILDETLENVLLVQGYLAKSGWGFPKGKVNKEEAPHDCAAREVFEETGFDIKDYICKDDYIELRINDQLAR
LYIIPGIPKDTKFNPKTRREIRNIEWFSIEKLPCHRNDMTPKSKLGLAPNKFFMAIPFIRPLRDWLSRRFGDSSDSDNGF
SSTGSTP
;
_entity_poly.pdbx_seq_one_letter_code_can   
;SMGVPTYGAIILDETLENVLLVQGYLAKSGWGFPKGKVNKEEAPHDCAAREVFEETGFDIKDYICKDDYIELRINDQLAR
LYIIPGIPKDTKFNPKTRREIRNIEWFSIEKLPCHRNDMTPKSKLGLAPNKFFMAIPFIRPLRDWLSRRFGDSSDSDNGF
SSTGSTP
;
_entity_poly.pdbx_strand_id                 A 
_entity_poly.pdbx_target_identifier         ? 
# 
loop_
_pdbx_entity_nonpoly.entity_id 
_pdbx_entity_nonpoly.name 
_pdbx_entity_nonpoly.comp_id 
2 1,2-ETHANEDIOL                                      EDO 
3 'DIMETHYL SULFOXIDE'                                DMS 
4 'ACETATE ION'                                       ACT 
5 N-cycloheptyl-5-cyclopropyl-1,3,4-oxadiazol-2-amine LFG 
6 water                                               HOH 
# 
loop_
_entity_poly_seq.entity_id 
_entity_poly_seq.num 
_entity_poly_seq.mon_id 
_entity_poly_seq.hetero 
1 1   SER n 
1 2   MET n 
1 3   GLY n 
1 4   VAL n 
1 5   PRO n 
1 6   THR n 
1 7   TYR n 
1 8   GLY n 
1 9   ALA n 
1 10  ILE n 
1 11  ILE n 
1 12  LEU n 
1 13  ASP n 
1 14  GLU n 
1 15  THR n 
1 16  LEU n 
1 17  GLU n 
1 18  ASN n 
1 19  VAL n 
1 20  LEU n 
1 21  LEU n 
1 22  VAL n 
1 23  GLN n 
1 24  GLY n 
1 25  TYR n 
1 26  LEU n 
1 27  ALA n 
1 28  LYS n 
1 29  SER n 
1 30  GLY n 
1 31  TRP n 
1 32  GLY n 
1 33  PHE n 
1 34  PRO n 
1 35  LYS n 
1 36  GLY n 
1 37  LYS n 
1 38  VAL n 
1 39  ASN n 
1 40  LYS n 
1 41  GLU n 
1 42  GLU n 
1 43  ALA n 
1 44  PRO n 
1 45  HIS n 
1 46  ASP n 
1 47  CYS n 
1 48  ALA n 
1 49  ALA n 
1 50  ARG n 
1 51  GLU n 
1 52  VAL n 
1 53  PHE n 
1 54  GLU n 
1 55  GLU n 
1 56  THR n 
1 57  GLY n 
1 58  PHE n 
1 59  ASP n 
1 60  ILE n 
1 61  LYS n 
1 62  ASP n 
1 63  TYR n 
1 64  ILE n 
1 65  CYS n 
1 66  LYS n 
1 67  ASP n 
1 68  ASP n 
1 69  TYR n 
1 70  ILE n 
1 71  GLU n 
1 72  LEU n 
1 73  ARG n 
1 74  ILE n 
1 75  ASN n 
1 76  ASP n 
1 77  GLN n 
1 78  LEU n 
1 79  ALA n 
1 80  ARG n 
1 81  LEU n 
1 82  TYR n 
1 83  ILE n 
1 84  ILE n 
1 85  PRO n 
1 86  GLY n 
1 87  ILE n 
1 88  PRO n 
1 89  LYS n 
1 90  ASP n 
1 91  THR n 
1 92  LYS n 
1 93  PHE n 
1 94  ASN n 
1 95  PRO n 
1 96  LYS n 
1 97  THR n 
1 98  ARG n 
1 99  ARG n 
1 100 GLU n 
1 101 ILE n 
1 102 ARG n 
1 103 ASN n 
1 104 ILE n 
1 105 GLU n 
1 106 TRP n 
1 107 PHE n 
1 108 SER n 
1 109 ILE n 
1 110 GLU n 
1 111 LYS n 
1 112 LEU n 
1 113 PRO n 
1 114 CYS n 
1 115 HIS n 
1 116 ARG n 
1 117 ASN n 
1 118 ASP n 
1 119 MET n 
1 120 THR n 
1 121 PRO n 
1 122 LYS n 
1 123 SER n 
1 124 LYS n 
1 125 LEU n 
1 126 GLY n 
1 127 LEU n 
1 128 ALA n 
1 129 PRO n 
1 130 ASN n 
1 131 LYS n 
1 132 PHE n 
1 133 PHE n 
1 134 MET n 
1 135 ALA n 
1 136 ILE n 
1 137 PRO n 
1 138 PHE n 
1 139 ILE n 
1 140 ARG n 
1 141 PRO n 
1 142 LEU n 
1 143 ARG n 
1 144 ASP n 
1 145 TRP n 
1 146 LEU n 
1 147 SER n 
1 148 ARG n 
1 149 ARG n 
1 150 PHE n 
1 151 GLY n 
1 152 ASP n 
1 153 SER n 
1 154 SER n 
1 155 ASP n 
1 156 SER n 
1 157 ASP n 
1 158 ASN n 
1 159 GLY n 
1 160 PHE n 
1 161 SER n 
1 162 SER n 
1 163 THR n 
1 164 GLY n 
1 165 SER n 
1 166 THR n 
1 167 PRO n 
# 
_entity_src_gen.entity_id                          1 
_entity_src_gen.pdbx_src_id                        1 
_entity_src_gen.pdbx_alt_source_flag               sample 
_entity_src_gen.pdbx_seq_type                      'Biological sequence' 
_entity_src_gen.pdbx_beg_seq_num                   1 
_entity_src_gen.pdbx_end_seq_num                   167 
_entity_src_gen.gene_src_common_name               Human 
_entity_src_gen.gene_src_genus                     ? 
_entity_src_gen.pdbx_gene_src_gene                 'DCP2, NUDT20' 
_entity_src_gen.gene_src_species                   ? 
_entity_src_gen.gene_src_strain                    ? 
_entity_src_gen.gene_src_tissue                    ? 
_entity_src_gen.gene_src_tissue_fraction           ? 
_entity_src_gen.gene_src_details                   ? 
_entity_src_gen.pdbx_gene_src_fragment             ? 
_entity_src_gen.pdbx_gene_src_scientific_name      'Homo sapiens' 
_entity_src_gen.pdbx_gene_src_ncbi_taxonomy_id     9606 
_entity_src_gen.pdbx_gene_src_variant              ? 
_entity_src_gen.pdbx_gene_src_cell_line            ? 
_entity_src_gen.pdbx_gene_src_atcc                 ? 
_entity_src_gen.pdbx_gene_src_organ                ? 
_entity_src_gen.pdbx_gene_src_organelle            ? 
_entity_src_gen.pdbx_gene_src_cell                 ? 
_entity_src_gen.pdbx_gene_src_cellular_location    ? 
_entity_src_gen.host_org_common_name               ? 
_entity_src_gen.pdbx_host_org_scientific_name      'Escherichia coli' 
_entity_src_gen.pdbx_host_org_ncbi_taxonomy_id     562 
_entity_src_gen.host_org_genus                     ? 
_entity_src_gen.pdbx_host_org_gene                 ? 
_entity_src_gen.pdbx_host_org_organ                ? 
_entity_src_gen.host_org_species                   ? 
_entity_src_gen.pdbx_host_org_tissue               ? 
_entity_src_gen.pdbx_host_org_tissue_fraction      ? 
_entity_src_gen.pdbx_host_org_strain               ? 
_entity_src_gen.pdbx_host_org_variant              ? 
_entity_src_gen.pdbx_host_org_cell_line            ? 
_entity_src_gen.pdbx_host_org_atcc                 ? 
_entity_src_gen.pdbx_host_org_culture_collection   ? 
_entity_src_gen.pdbx_host_org_cell                 ? 
_entity_src_gen.pdbx_host_org_organelle            ? 
_entity_src_gen.pdbx_host_org_cellular_location    ? 
_entity_src_gen.pdbx_host_org_vector_type          ? 
_entity_src_gen.pdbx_host_org_vector               ? 
_entity_src_gen.host_org_details                   ? 
_entity_src_gen.expression_system_id               ? 
_entity_src_gen.plasmid_name                       ? 
_entity_src_gen.plasmid_details                    ? 
_entity_src_gen.pdbx_description                   ? 
# 
loop_
_chem_comp.id 
_chem_comp.type 
_chem_comp.mon_nstd_flag 
_chem_comp.name 
_chem_comp.pdbx_synonyms 
_chem_comp.formula 
_chem_comp.formula_weight 
ACT non-polymer         . 'ACETATE ION'                                       ?                 'C2 H3 O2 -1'    59.044  
ALA 'L-peptide linking' y ALANINE                                             ?                 'C3 H7 N O2'     89.093  
ARG 'L-peptide linking' y ARGININE                                            ?                 'C6 H15 N4 O2 1' 175.209 
ASN 'L-peptide linking' y ASPARAGINE                                          ?                 'C4 H8 N2 O3'    132.118 
ASP 'L-peptide linking' y 'ASPARTIC ACID'                                     ?                 'C4 H7 N O4'     133.103 
CYS 'L-peptide linking' y CYSTEINE                                            ?                 'C3 H7 N O2 S'   121.158 
DMS non-polymer         . 'DIMETHYL SULFOXIDE'                                ?                 'C2 H6 O S'      78.133  
EDO non-polymer         . 1,2-ETHANEDIOL                                      'ETHYLENE GLYCOL' 'C2 H6 O2'       62.068  
GLN 'L-peptide linking' y GLUTAMINE                                           ?                 'C5 H10 N2 O3'   146.144 
GLU 'L-peptide linking' y 'GLUTAMIC ACID'                                     ?                 'C5 H9 N O4'     147.129 
GLY 'peptide linking'   y GLYCINE                                             ?                 'C2 H5 N O2'     75.067  
HIS 'L-peptide linking' y HISTIDINE                                           ?                 'C6 H10 N3 O2 1' 156.162 
HOH non-polymer         . WATER                                               ?                 'H2 O'           18.015  
ILE 'L-peptide linking' y ISOLEUCINE                                          ?                 'C6 H13 N O2'    131.173 
LEU 'L-peptide linking' y LEUCINE                                             ?                 'C6 H13 N O2'    131.173 
LFG non-polymer         . N-cycloheptyl-5-cyclopropyl-1,3,4-oxadiazol-2-amine ?                 'C12 H19 N3 O'   221.299 
LYS 'L-peptide linking' y LYSINE                                              ?                 'C6 H15 N2 O2 1' 147.195 
MET 'L-peptide linking' y METHIONINE                                          ?                 'C5 H11 N O2 S'  149.211 
PHE 'L-peptide linking' y PHENYLALANINE                                       ?                 'C9 H11 N O2'    165.189 
PRO 'L-peptide linking' y PROLINE                                             ?                 'C5 H9 N O2'     115.130 
SER 'L-peptide linking' y SERINE                                              ?                 'C3 H7 N O3'     105.093 
THR 'L-peptide linking' y THREONINE                                           ?                 'C4 H9 N O3'     119.119 
TRP 'L-peptide linking' y TRYPTOPHAN                                          ?                 'C11 H12 N2 O2'  204.225 
TYR 'L-peptide linking' y TYROSINE                                            ?                 'C9 H11 N O3'    181.189 
VAL 'L-peptide linking' y VALINE                                              ?                 'C5 H11 N O2'    117.146 
# 
loop_
_pdbx_poly_seq_scheme.asym_id 
_pdbx_poly_seq_scheme.entity_id 
_pdbx_poly_seq_scheme.seq_id 
_pdbx_poly_seq_scheme.mon_id 
_pdbx_poly_seq_scheme.ndb_seq_num 
_pdbx_poly_seq_scheme.pdb_seq_num 
_pdbx_poly_seq_scheme.auth_seq_num 
_pdbx_poly_seq_scheme.pdb_mon_id 
_pdbx_poly_seq_scheme.auth_mon_id 
_pdbx_poly_seq_scheme.pdb_strand_id 
_pdbx_poly_seq_scheme.pdb_ins_code 
_pdbx_poly_seq_scheme.hetero 
A 1 1   SER 1   94  ?   ?   ?   A . n 
A 1 2   MET 2   95  ?   ?   ?   A . n 
A 1 3   GLY 3   96  96  GLY GLY A . n 
A 1 4   VAL 4   97  97  VAL VAL A . n 
A 1 5   PRO 5   98  98  PRO PRO A . n 
A 1 6   THR 6   99  99  THR THR A . n 
A 1 7   TYR 7   100 100 TYR TYR A . n 
A 1 8   GLY 8   101 101 GLY GLY A . n 
A 1 9   ALA 9   102 102 ALA ALA A . n 
A 1 10  ILE 10  103 103 ILE ILE A . n 
A 1 11  ILE 11  104 104 ILE ILE A . n 
A 1 12  LEU 12  105 105 LEU LEU A . n 
A 1 13  ASP 13  106 106 ASP ASP A . n 
A 1 14  GLU 14  107 107 GLU GLU A . n 
A 1 15  THR 15  108 108 THR THR A . n 
A 1 16  LEU 16  109 109 LEU LEU A . n 
A 1 17  GLU 17  110 110 GLU GLU A . n 
A 1 18  ASN 18  111 111 ASN ASN A . n 
A 1 19  VAL 19  112 112 VAL VAL A . n 
A 1 20  LEU 20  113 113 LEU LEU A . n 
A 1 21  LEU 21  114 114 LEU LEU A . n 
A 1 22  VAL 22  115 115 VAL VAL A . n 
A 1 23  GLN 23  116 116 GLN GLN A . n 
A 1 24  GLY 24  117 117 GLY GLY A . n 
A 1 25  TYR 25  118 118 TYR TYR A . n 
A 1 26  LEU 26  119 119 LEU LEU A . n 
A 1 27  ALA 27  120 120 ALA ALA A . n 
A 1 28  LYS 28  121 121 LYS LYS A . n 
A 1 29  SER 29  122 122 SER SER A . n 
A 1 30  GLY 30  123 123 GLY GLY A . n 
A 1 31  TRP 31  124 124 TRP TRP A . n 
A 1 32  GLY 32  125 125 GLY GLY A . n 
A 1 33  PHE 33  126 126 PHE PHE A . n 
A 1 34  PRO 34  127 127 PRO PRO A . n 
A 1 35  LYS 35  128 128 LYS LYS A . n 
A 1 36  GLY 36  129 129 GLY GLY A . n 
A 1 37  LYS 37  130 130 LYS LYS A . n 
A 1 38  VAL 38  131 131 VAL VAL A . n 
A 1 39  ASN 39  132 132 ASN ASN A . n 
A 1 40  LYS 40  133 133 LYS LYS A . n 
A 1 41  GLU 41  134 134 GLU GLU A . n 
A 1 42  GLU 42  135 135 GLU GLU A . n 
A 1 43  ALA 43  136 136 ALA ALA A . n 
A 1 44  PRO 44  137 137 PRO PRO A . n 
A 1 45  HIS 45  138 138 HIS HIS A . n 
A 1 46  ASP 46  139 139 ASP ASP A . n 
A 1 47  CYS 47  140 140 CYS CYS A . n 
A 1 48  ALA 48  141 141 ALA ALA A . n 
A 1 49  ALA 49  142 142 ALA ALA A . n 
A 1 50  ARG 50  143 143 ARG ARG A . n 
A 1 51  GLU 51  144 144 GLU GLU A . n 
A 1 52  VAL 52  145 145 VAL VAL A . n 
A 1 53  PHE 53  146 146 PHE PHE A . n 
A 1 54  GLU 54  147 147 GLU GLU A . n 
A 1 55  GLU 55  148 148 GLU GLU A . n 
A 1 56  THR 56  149 149 THR THR A . n 
A 1 57  GLY 57  150 150 GLY GLY A . n 
A 1 58  PHE 58  151 151 PHE PHE A . n 
A 1 59  ASP 59  152 152 ASP ASP A . n 
A 1 60  ILE 60  153 153 ILE ILE A . n 
A 1 61  LYS 61  154 154 LYS LYS A . n 
A 1 62  ASP 62  155 155 ASP ASP A . n 
A 1 63  TYR 63  156 156 TYR TYR A . n 
A 1 64  ILE 64  157 157 ILE ILE A . n 
A 1 65  CYS 65  158 158 CYS CYS A . n 
A 1 66  LYS 66  159 159 LYS LYS A . n 
A 1 67  ASP 67  160 160 ASP ASP A . n 
A 1 68  ASP 68  161 161 ASP ASP A . n 
A 1 69  TYR 69  162 162 TYR TYR A . n 
A 1 70  ILE 70  163 163 ILE ILE A . n 
A 1 71  GLU 71  164 164 GLU GLU A . n 
A 1 72  LEU 72  165 165 LEU LEU A . n 
A 1 73  ARG 73  166 166 ARG ARG A . n 
A 1 74  ILE 74  167 167 ILE ILE A . n 
A 1 75  ASN 75  168 168 ASN ASN A . n 
A 1 76  ASP 76  169 169 ASP ASP A . n 
A 1 77  GLN 77  170 170 GLN GLN A . n 
A 1 78  LEU 78  171 171 LEU LEU A . n 
A 1 79  ALA 79  172 172 ALA ALA A . n 
A 1 80  ARG 80  173 173 ARG ARG A . n 
A 1 81  LEU 81  174 174 LEU LEU A . n 
A 1 82  TYR 82  175 175 TYR TYR A . n 
A 1 83  ILE 83  176 176 ILE ILE A . n 
A 1 84  ILE 84  177 177 ILE ILE A . n 
A 1 85  PRO 85  178 178 PRO PRO A . n 
A 1 86  GLY 86  179 179 GLY GLY A . n 
A 1 87  ILE 87  180 180 ILE ILE A . n 
A 1 88  PRO 88  181 181 PRO PRO A . n 
A 1 89  LYS 89  182 182 LYS LYS A . n 
A 1 90  ASP 90  183 183 ASP ASP A . n 
A 1 91  THR 91  184 184 THR THR A . n 
A 1 92  LYS 92  185 185 LYS LYS A . n 
A 1 93  PHE 93  186 186 PHE PHE A . n 
A 1 94  ASN 94  187 187 ASN ASN A . n 
A 1 95  PRO 95  188 188 PRO PRO A . n 
A 1 96  LYS 96  189 189 LYS LYS A . n 
A 1 97  THR 97  190 190 THR THR A . n 
A 1 98  ARG 98  191 191 ARG ARG A . n 
A 1 99  ARG 99  192 192 ARG ARG A . n 
A 1 100 GLU 100 193 193 GLU GLU A . n 
A 1 101 ILE 101 194 194 ILE ILE A . n 
A 1 102 ARG 102 195 195 ARG ARG A . n 
A 1 103 ASN 103 196 196 ASN ASN A . n 
A 1 104 ILE 104 197 197 ILE ILE A . n 
A 1 105 GLU 105 198 198 GLU GLU A . n 
A 1 106 TRP 106 199 199 TRP TRP A . n 
A 1 107 PHE 107 200 200 PHE PHE A . n 
A 1 108 SER 108 201 201 SER SER A . n 
A 1 109 ILE 109 202 202 ILE ILE A . n 
A 1 110 GLU 110 203 203 GLU GLU A . n 
A 1 111 LYS 111 204 204 LYS LYS A . n 
A 1 112 LEU 112 205 205 LEU LEU A . n 
A 1 113 PRO 113 206 206 PRO PRO A . n 
A 1 114 CYS 114 207 207 CYS CYS A . n 
A 1 115 HIS 115 208 208 HIS HIS A . n 
A 1 116 ARG 116 209 209 ARG ARG A . n 
A 1 117 ASN 117 210 210 ASN ASN A . n 
A 1 118 ASP 118 211 211 ASP ASP A . n 
A 1 119 MET 119 212 212 MET MET A . n 
A 1 120 THR 120 213 213 THR THR A . n 
A 1 121 PRO 121 214 214 PRO PRO A . n 
A 1 122 LYS 122 215 215 LYS LYS A . n 
A 1 123 SER 123 216 216 SER SER A . n 
A 1 124 LYS 124 217 217 LYS LYS A . n 
A 1 125 LEU 125 218 218 LEU LEU A . n 
A 1 126 GLY 126 219 219 GLY GLY A . n 
A 1 127 LEU 127 220 220 LEU LEU A . n 
A 1 128 ALA 128 221 221 ALA ALA A . n 
A 1 129 PRO 129 222 222 PRO PRO A . n 
A 1 130 ASN 130 223 223 ASN ASN A . n 
A 1 131 LYS 131 224 224 LYS LYS A . n 
A 1 132 PHE 132 225 225 PHE PHE A . n 
A 1 133 PHE 133 226 226 PHE PHE A . n 
A 1 134 MET 134 227 227 MET MET A . n 
A 1 135 ALA 135 228 228 ALA ALA A . n 
A 1 136 ILE 136 229 229 ILE ILE A . n 
A 1 137 PRO 137 230 230 PRO PRO A . n 
A 1 138 PHE 138 231 231 PHE PHE A . n 
A 1 139 ILE 139 232 232 ILE ILE A . n 
A 1 140 ARG 140 233 233 ARG ARG A . n 
A 1 141 PRO 141 234 234 PRO PRO A . n 
A 1 142 LEU 142 235 235 LEU LEU A . n 
A 1 143 ARG 143 236 236 ARG ARG A . n 
A 1 144 ASP 144 237 237 ASP ASP A . n 
A 1 145 TRP 145 238 238 TRP TRP A . n 
A 1 146 LEU 146 239 239 LEU LEU A . n 
A 1 147 SER 147 240 240 SER SER A . n 
A 1 148 ARG 148 241 241 ARG ARG A . n 
A 1 149 ARG 149 242 242 ARG ARG A . n 
A 1 150 PHE 150 243 243 PHE PHE A . n 
A 1 151 GLY 151 244 244 GLY GLY A . n 
A 1 152 ASP 152 245 ?   ?   ?   A . n 
A 1 153 SER 153 246 ?   ?   ?   A . n 
A 1 154 SER 154 247 ?   ?   ?   A . n 
A 1 155 ASP 155 248 ?   ?   ?   A . n 
A 1 156 SER 156 249 ?   ?   ?   A . n 
A 1 157 ASP 157 250 ?   ?   ?   A . n 
A 1 158 ASN 158 251 ?   ?   ?   A . n 
A 1 159 GLY 159 252 ?   ?   ?   A . n 
A 1 160 PHE 160 253 ?   ?   ?   A . n 
A 1 161 SER 161 254 ?   ?   ?   A . n 
A 1 162 SER 162 255 ?   ?   ?   A . n 
A 1 163 THR 163 256 ?   ?   ?   A . n 
A 1 164 GLY 164 257 ?   ?   ?   A . n 
A 1 165 SER 165 258 ?   ?   ?   A . n 
A 1 166 THR 166 259 ?   ?   ?   A . n 
A 1 167 PRO 167 260 ?   ?   ?   A . n 
# 
loop_
_pdbx_nonpoly_scheme.asym_id 
_pdbx_nonpoly_scheme.entity_id 
_pdbx_nonpoly_scheme.mon_id 
_pdbx_nonpoly_scheme.ndb_seq_num 
_pdbx_nonpoly_scheme.pdb_seq_num 
_pdbx_nonpoly_scheme.auth_seq_num 
_pdbx_nonpoly_scheme.pdb_mon_id 
_pdbx_nonpoly_scheme.auth_mon_id 
_pdbx_nonpoly_scheme.pdb_strand_id 
_pdbx_nonpoly_scheme.pdb_ins_code 
B 2 EDO 1  301 2   EDO EDO A . 
C 2 EDO 1  302 3   EDO EDO A . 
D 3 DMS 1  303 1   DMS DMS A . 
E 4 ACT 1  304 1   ACT ACT A . 
F 4 ACT 1  305 2   ACT ACT A . 
G 5 LFG 1  306 1   LFG LIG A . 
H 6 HOH 1  401 83  HOH HOH A . 
H 6 HOH 2  402 64  HOH HOH A . 
H 6 HOH 3  403 32  HOH HOH A . 
H 6 HOH 4  404 91  HOH HOH A . 
H 6 HOH 5  405 104 HOH HOH A . 
H 6 HOH 6  406 12  HOH HOH A . 
H 6 HOH 7  407 70  HOH HOH A . 
H 6 HOH 8  408 60  HOH HOH A . 
H 6 HOH 9  409 102 HOH HOH A . 
H 6 HOH 10 410 10  HOH HOH A . 
H 6 HOH 11 411 8   HOH HOH A . 
H 6 HOH 12 412 67  HOH HOH A . 
H 6 HOH 13 413 66  HOH HOH A . 
H 6 HOH 14 414 38  HOH HOH A . 
H 6 HOH 15 415 68  HOH HOH A . 
H 6 HOH 16 416 81  HOH HOH A . 
H 6 HOH 17 417 96  HOH HOH A . 
H 6 HOH 18 418 39  HOH HOH A . 
H 6 HOH 19 419 17  HOH HOH A . 
H 6 HOH 20 420 16  HOH HOH A . 
H 6 HOH 21 421 85  HOH HOH A . 
H 6 HOH 22 422 18  HOH HOH A . 
H 6 HOH 23 423 23  HOH HOH A . 
H 6 HOH 24 424 13  HOH HOH A . 
H 6 HOH 25 425 35  HOH HOH A . 
H 6 HOH 26 426 76  HOH HOH A . 
H 6 HOH 27 427 95  HOH HOH A . 
H 6 HOH 28 428 90  HOH HOH A . 
H 6 HOH 29 429 78  HOH HOH A . 
H 6 HOH 30 430 5   HOH HOH A . 
H 6 HOH 31 431 31  HOH HOH A . 
H 6 HOH 32 432 43  HOH HOH A . 
H 6 HOH 33 433 2   HOH HOH A . 
H 6 HOH 34 434 14  HOH HOH A . 
H 6 HOH 35 435 100 HOH HOH A . 
H 6 HOH 36 436 4   HOH HOH A . 
H 6 HOH 37 437 1   HOH HOH A . 
H 6 HOH 38 438 29  HOH HOH A . 
H 6 HOH 39 439 15  HOH HOH A . 
H 6 HOH 40 440 71  HOH HOH A . 
H 6 HOH 41 441 6   HOH HOH A . 
H 6 HOH 42 442 7   HOH HOH A . 
H 6 HOH 43 443 24  HOH HOH A . 
H 6 HOH 44 444 9   HOH HOH A . 
H 6 HOH 45 445 101 HOH HOH A . 
H 6 HOH 46 446 97  HOH HOH A . 
H 6 HOH 47 447 106 HOH HOH A . 
H 6 HOH 48 448 30  HOH HOH A . 
H 6 HOH 49 449 50  HOH HOH A . 
H 6 HOH 50 450 59  HOH HOH A . 
H 6 HOH 51 451 80  HOH HOH A . 
H 6 HOH 52 452 11  HOH HOH A . 
H 6 HOH 53 453 79  HOH HOH A . 
H 6 HOH 54 454 3   HOH HOH A . 
H 6 HOH 55 455 27  HOH HOH A . 
H 6 HOH 56 456 88  HOH HOH A . 
H 6 HOH 57 457 22  HOH HOH A . 
H 6 HOH 58 458 109 HOH HOH A . 
H 6 HOH 59 459 62  HOH HOH A . 
H 6 HOH 60 460 46  HOH HOH A . 
H 6 HOH 61 461 65  HOH HOH A . 
H 6 HOH 62 462 33  HOH HOH A . 
H 6 HOH 63 463 36  HOH HOH A . 
H 6 HOH 64 464 42  HOH HOH A . 
H 6 HOH 65 465 57  HOH HOH A . 
H 6 HOH 66 466 105 HOH HOH A . 
H 6 HOH 67 467 72  HOH HOH A . 
H 6 HOH 68 468 55  HOH HOH A . 
H 6 HOH 69 469 69  HOH HOH A . 
H 6 HOH 70 470 75  HOH HOH A . 
H 6 HOH 71 471 25  HOH HOH A . 
H 6 HOH 72 472 28  HOH HOH A . 
H 6 HOH 73 473 19  HOH HOH A . 
H 6 HOH 74 474 103 HOH HOH A . 
H 6 HOH 75 475 74  HOH HOH A . 
H 6 HOH 76 476 87  HOH HOH A . 
H 6 HOH 77 477 40  HOH HOH A . 
H 6 HOH 78 478 94  HOH HOH A . 
H 6 HOH 79 479 84  HOH HOH A . 
H 6 HOH 80 480 21  HOH HOH A . 
H 6 HOH 81 481 92  HOH HOH A . 
H 6 HOH 82 482 47  HOH HOH A . 
H 6 HOH 83 483 52  HOH HOH A . 
H 6 HOH 84 484 26  HOH HOH A . 
H 6 HOH 85 485 86  HOH HOH A . 
H 6 HOH 86 486 107 HOH HOH A . 
H 6 HOH 87 487 98  HOH HOH A . 
H 6 HOH 88 488 20  HOH HOH A . 
H 6 HOH 89 489 51  HOH HOH A . 
H 6 HOH 90 490 56  HOH HOH A . 
H 6 HOH 91 491 93  HOH HOH A . 
H 6 HOH 92 492 41  HOH HOH A . 
# 
loop_
_pdbx_unobs_or_zero_occ_atoms.id 
_pdbx_unobs_or_zero_occ_atoms.PDB_model_num 
_pdbx_unobs_or_zero_occ_atoms.polymer_flag 
_pdbx_unobs_or_zero_occ_atoms.occupancy_flag 
_pdbx_unobs_or_zero_occ_atoms.auth_asym_id 
_pdbx_unobs_or_zero_occ_atoms.auth_comp_id 
_pdbx_unobs_or_zero_occ_atoms.auth_seq_id 
_pdbx_unobs_or_zero_occ_atoms.PDB_ins_code 
_pdbx_unobs_or_zero_occ_atoms.auth_atom_id 
_pdbx_unobs_or_zero_occ_atoms.label_alt_id 
_pdbx_unobs_or_zero_occ_atoms.label_asym_id 
_pdbx_unobs_or_zero_occ_atoms.label_comp_id 
_pdbx_unobs_or_zero_occ_atoms.label_seq_id 
_pdbx_unobs_or_zero_occ_atoms.label_atom_id 
1  1 Y 1 A LYS 130 ? CE  ? A LYS 37  CE  
2  1 Y 1 A LYS 130 ? NZ  ? A LYS 37  NZ  
3  1 Y 1 A LYS 133 ? CG  ? A LYS 40  CG  
4  1 Y 1 A LYS 133 ? CD  ? A LYS 40  CD  
5  1 Y 1 A LYS 133 ? CE  ? A LYS 40  CE  
6  1 Y 1 A LYS 133 ? NZ  ? A LYS 40  NZ  
7  1 Y 1 A GLU 134 ? CG  ? A GLU 41  CG  
8  1 Y 1 A GLU 134 ? CD  ? A GLU 41  CD  
9  1 Y 1 A GLU 134 ? OE1 ? A GLU 41  OE1 
10 1 Y 1 A GLU 134 ? OE2 ? A GLU 41  OE2 
11 1 Y 1 A LYS 159 ? CD  ? A LYS 66  CD  
12 1 Y 1 A LYS 159 ? CE  ? A LYS 66  CE  
13 1 Y 1 A LYS 159 ? NZ  ? A LYS 66  NZ  
14 1 Y 1 A LYS 185 ? CE  ? A LYS 92  CE  
15 1 Y 1 A LYS 185 ? NZ  ? A LYS 92  NZ  
16 1 Y 1 A LYS 215 ? CD  ? A LYS 122 CD  
17 1 Y 1 A LYS 215 ? CE  ? A LYS 122 CE  
18 1 Y 1 A LYS 215 ? NZ  ? A LYS 122 NZ  
19 1 Y 1 A LYS 217 ? CE  ? A LYS 124 CE  
20 1 Y 1 A LYS 217 ? NZ  ? A LYS 124 NZ  
21 1 Y 1 A ARG 241 ? CD  ? A ARG 148 CD  
22 1 Y 1 A ARG 241 ? NE  ? A ARG 148 NE  
23 1 Y 1 A ARG 241 ? CZ  ? A ARG 148 CZ  
24 1 Y 1 A ARG 241 ? NH1 ? A ARG 148 NH1 
25 1 Y 1 A ARG 241 ? NH2 ? A ARG 148 NH2 
# 
loop_
_software.pdbx_ordinal 
_software.name 
_software.version 
_software.date 
_software.type 
_software.contact_author 
_software.contact_author_email 
_software.classification 
_software.location 
_software.language 
_software.citation_id 
1 REFMAC      5.8.0189 ?               program 'Garib N. Murshudov' garib@ysbl.york.ac.uk    refinement        
http://www.ccp4.ac.uk/dist/html/refmac5.html        Fortran_77 ? 
2 Aimless     0.5.32   29/03/17        program 'Phil Evans'         ?                        'data scaling'    
http://www.mrc-lmb.cam.ac.uk/harry/pre/aimless.html ?          ? 
3 PDB_EXTRACT 3.23     'SEP. 23, 2016' package PDB                  deposit@deposit.rcsb.org 'data extraction' 
http://sw-tools.pdb.org/apps/PDB_EXTRACT/           C++        ? 
4 XDS         .        ?               program ?                    ?                        'data reduction'  ? ?          ? 
5 REFMAC      .        ?               program ?                    ?                        phasing           ? ?          ? 
# 
_cell.entry_id           5QP8 
_cell.length_a           48.450 
_cell.length_b           60.450 
_cell.length_c           65.130 
_cell.angle_alpha        90.000 
_cell.angle_beta         90.000 
_cell.angle_gamma        90.000 
_cell.Z_PDB              4 
_cell.pdbx_unique_axis   ? 
# 
_symmetry.entry_id                         5QP8 
_symmetry.Int_Tables_number                19 
_symmetry.space_group_name_H-M             'P 21 21 21' 
_symmetry.pdbx_full_space_group_name_H-M   ? 
_symmetry.cell_setting                     ? 
# 
_exptl.crystals_number   1 
_exptl.entry_id          5QP8 
_exptl.method            'X-RAY DIFFRACTION' 
# 
_exptl_crystal.id                    1 
_exptl_crystal.pdbx_mosaicity        0.000 
_exptl_crystal.pdbx_mosaicity_esd    ? 
_exptl_crystal.density_Matthews      2.50 
_exptl_crystal.density_diffrn        ? 
_exptl_crystal.density_meas          ? 
_exptl_crystal.density_meas_temp     ? 
_exptl_crystal.density_percent_sol   50.80 
_exptl_crystal.size_max              ? 
_exptl_crystal.size_mid              ? 
_exptl_crystal.size_min              ? 
_exptl_crystal.size_rad              ? 
_exptl_crystal.description           ? 
# 
_exptl_crystal_grow.crystal_id      1 
_exptl_crystal_grow.method          'VAPOR DIFFUSION, SITTING DROP' 
_exptl_crystal_grow.pH              4.5 
_exptl_crystal_grow.temp            277 
_exptl_crystal_grow.pdbx_details    '0.1 M acetate, pH 4.5, 5-25% PEG3350' 
_exptl_crystal_grow.temp_details    ? 
_exptl_crystal_grow.pdbx_pH_range   ? 
# 
_diffrn.id                     1 
_diffrn.ambient_temp           ? 
_diffrn.crystal_id             1 
_diffrn.ambient_temp_details   ? 
# 
_diffrn_detector.detector               PIXEL 
_diffrn_detector.type                   'DECTRIS PILATUS 2M' 
_diffrn_detector.pdbx_collection_date   2017-07-27 
_diffrn_detector.diffrn_id              1 
_diffrn_detector.details                ? 
# 
_diffrn_radiation.diffrn_id                        1 
_diffrn_radiation.wavelength_id                    1 
_diffrn_radiation.pdbx_diffrn_protocol             'SINGLE WAVELENGTH' 
_diffrn_radiation.pdbx_monochromatic_or_laue_m_l   ? 
_diffrn_radiation.monochromator                    ? 
_diffrn_radiation.pdbx_scattering_type             x-ray 
# 
_diffrn_radiation_wavelength.id           1 
_diffrn_radiation_wavelength.wavelength   0.91587 
_diffrn_radiation_wavelength.wt           1.0 
# 
_diffrn_source.diffrn_id                   1 
_diffrn_source.source                      SYNCHROTRON 
_diffrn_source.type                        'DIAMOND BEAMLINE I04-1' 
_diffrn_source.pdbx_wavelength_list        0.91587 
_diffrn_source.pdbx_synchrotron_site       Diamond 
_diffrn_source.pdbx_synchrotron_beamline   I04-1 
_diffrn_source.pdbx_wavelength             ? 
# 
_reflns.entry_id                     5QP8 
_reflns.pdbx_diffrn_id               1 
_reflns.pdbx_ordinal                 1 
_reflns.observed_criterion_sigma_I   ? 
_reflns.observed_criterion_sigma_F   ? 
_reflns.d_resolution_low             44.310 
_reflns.d_resolution_high            1.640 
_reflns.number_obs                   23993 
_reflns.number_all                   ? 
_reflns.percent_possible_obs         99.500 
_reflns.pdbx_Rmerge_I_obs            0.050 
_reflns.pdbx_Rsym_value              ? 
_reflns.pdbx_netI_over_sigmaI        15.300 
_reflns.B_iso_Wilson_estimate        ? 
_reflns.pdbx_redundancy              6.300 
_reflns.pdbx_Rrim_I_all              0.055 
_reflns.pdbx_Rpim_I_all              0.022 
_reflns.pdbx_CC_half                 0.999 
_reflns.pdbx_netI_over_av_sigmaI     ? 
_reflns.pdbx_number_measured_all     150815 
_reflns.pdbx_scaling_rejects         0 
_reflns.pdbx_chi_squared             ? 
_reflns.Rmerge_F_all                 ? 
_reflns.Rmerge_F_obs                 ? 
_reflns.observed_criterion_F_max     ? 
_reflns.observed_criterion_F_min     ? 
_reflns.observed_criterion_I_max     ? 
_reflns.observed_criterion_I_min     ? 
_reflns.pdbx_d_res_high_opt          ? 
_reflns.pdbx_d_res_low_opt           ? 
_reflns.details                      ? 
# 
loop_
_reflns_shell.pdbx_diffrn_id 
_reflns_shell.pdbx_ordinal 
_reflns_shell.d_res_high 
_reflns_shell.d_res_low 
_reflns_shell.number_measured_obs 
_reflns_shell.number_measured_all 
_reflns_shell.number_unique_obs 
_reflns_shell.pdbx_rejects 
_reflns_shell.Rmerge_I_obs 
_reflns_shell.meanI_over_sigI_obs 
_reflns_shell.pdbx_Rsym_value 
_reflns_shell.pdbx_chi_squared 
_reflns_shell.pdbx_redundancy 
_reflns_shell.percent_possible_obs 
_reflns_shell.pdbx_netI_over_sigmaI_obs 
_reflns_shell.number_possible 
_reflns_shell.number_unique_all 
_reflns_shell.Rmerge_F_all 
_reflns_shell.Rmerge_F_obs 
_reflns_shell.Rmerge_I_all 
_reflns_shell.meanI_over_sigI_all 
_reflns_shell.percent_possible_all 
_reflns_shell.pdbx_Rrim_I_all 
_reflns_shell.pdbx_Rpim_I_all 
_reflns_shell.pdbx_CC_half 
1 1 1.640 1.680  ? 9356 ? ? 1.243 ? ? ? 5.300 ? 1.300  ? 1750 ? ? ? ? 99.500 1.381 0.591 0.637 
1 2 7.330 44.310 ? 1764 ? ? 0.029 ? ? ? 5.500 ? 47.900 ? 321  ? ? ? ? 98.600 0.032 0.014 0.998 
# 
_refine.entry_id                                 5QP8 
_refine.pdbx_refine_id                           'X-RAY DIFFRACTION' 
_refine.ls_d_res_high                            1.6400 
_refine.ls_d_res_low                             44.3500 
_refine.pdbx_ls_sigma_F                          0.000 
_refine.pdbx_data_cutoff_high_absF               ? 
_refine.pdbx_data_cutoff_low_absF                ? 
_refine.ls_percent_reflns_obs                    99.3000 
_refine.ls_number_reflns_obs                     22756 
_refine.ls_number_reflns_all                     ? 
_refine.pdbx_ls_cross_valid_method               THROUGHOUT 
_refine.ls_matrix_type                           ? 
_refine.pdbx_R_Free_selection_details            RANDOM 
_refine.details                                  
'HYDROGENS HAVE BEEN ADDED IN THE RIDING POSITIONS U VALUES : REFINED INDIVIDUALLY' 
_refine.ls_R_factor_all                          ? 
_refine.ls_R_factor_obs                          0.2082 
_refine.ls_R_factor_R_work                       0.2055 
_refine.ls_wR_factor_R_work                      ? 
_refine.ls_R_factor_R_free                       0.2647 
_refine.ls_wR_factor_R_free                      ? 
_refine.ls_percent_reflns_R_free                 4.9000 
_refine.ls_number_reflns_R_free                  1168 
_refine.ls_number_reflns_R_work                  ? 
_refine.ls_R_factor_R_free_error                 ? 
_refine.B_iso_mean                               35.9420 
_refine.solvent_model_param_bsol                 ? 
_refine.solvent_model_param_ksol                 ? 
_refine.pdbx_isotropic_thermal_model             ? 
_refine.aniso_B[1][1]                            1.7600 
_refine.aniso_B[2][2]                            -2.2000 
_refine.aniso_B[3][3]                            0.4400 
_refine.aniso_B[1][2]                            0.0000 
_refine.aniso_B[1][3]                            -0.0000 
_refine.aniso_B[2][3]                            0.0000 
_refine.correlation_coeff_Fo_to_Fc               0.9610 
_refine.correlation_coeff_Fo_to_Fc_free          0.9250 
_refine.overall_SU_R_Cruickshank_DPI             ? 
_refine.pdbx_overall_SU_R_free_Cruickshank_DPI   ? 
_refine.pdbx_overall_SU_R_Blow_DPI               ? 
_refine.pdbx_overall_SU_R_free_Blow_DPI          ? 
_refine.overall_SU_R_free                        ? 
_refine.pdbx_overall_ESU_R                       0.1070 
_refine.pdbx_overall_ESU_R_Free                  0.1170 
_refine.overall_SU_ML                            0.0940 
_refine.overall_SU_B                             2.8860 
_refine.solvent_model_details                    MASK 
_refine.pdbx_solvent_vdw_probe_radii             1.2000 
_refine.pdbx_solvent_ion_probe_radii             0.8000 
_refine.pdbx_solvent_shrinkage_radii             0.8000 
_refine.ls_number_parameters                     ? 
_refine.ls_number_restraints                     ? 
_refine.pdbx_starting_model                      'PDB entry 5MP0' 
_refine.pdbx_method_to_determine_struct          'FOURIER SYNTHESIS' 
_refine.pdbx_stereochemistry_target_values       'MAXIMUM LIKELIHOOD' 
_refine.pdbx_stereochem_target_val_spec_case     ? 
_refine.overall_FOM_work_R_set                   ? 
_refine.B_iso_max                                91.050 
_refine.B_iso_min                                19.260 
_refine.pdbx_overall_phase_error                 ? 
_refine.occupancy_max                            ? 
_refine.occupancy_min                            ? 
_refine.pdbx_diffrn_id                           1 
_refine.pdbx_TLS_residual_ADP_flag               ? 
_refine.pdbx_ls_sigma_I                          ? 
_refine.pdbx_data_cutoff_high_rms_absF           ? 
_refine.ls_R_factor_R_free_error_details         ? 
# 
_refine_hist.cycle_id                         final 
_refine_hist.pdbx_refine_id                   'X-RAY DIFFRACTION' 
_refine_hist.d_res_high                       1.6400 
_refine_hist.d_res_low                        44.3500 
_refine_hist.pdbx_number_atoms_ligand         36 
_refine_hist.number_atoms_solvent             92 
_refine_hist.number_atoms_total               1323 
_refine_hist.pdbx_number_residues_total       149 
_refine_hist.pdbx_B_iso_mean_ligand           59.48 
_refine_hist.pdbx_B_iso_mean_solvent          43.61 
_refine_hist.pdbx_number_atoms_protein        1195 
_refine_hist.pdbx_number_atoms_nucleic_acid   0 
# 
loop_
_refine_ls_restr.pdbx_refine_id 
_refine_ls_restr.type 
_refine_ls_restr.number 
_refine_ls_restr.dev_ideal 
_refine_ls_restr.dev_ideal_target 
_refine_ls_restr.weight 
_refine_ls_restr.pdbx_restraint_function 
'X-RAY DIFFRACTION' r_bond_refined_d       1714 0.021  0.019  ? ? 
'X-RAY DIFFRACTION' r_bond_other_d         1448 0.003  0.020  ? ? 
'X-RAY DIFFRACTION' r_angle_refined_deg    2095 2.013  1.967  ? ? 
'X-RAY DIFFRACTION' r_angle_other_deg      3362 1.161  2.962  ? ? 
'X-RAY DIFFRACTION' r_dihedral_angle_1_deg 193  7.579  5.000  ? ? 
'X-RAY DIFFRACTION' r_dihedral_angle_2_deg 73   29.964 21.781 ? ? 
'X-RAY DIFFRACTION' r_dihedral_angle_3_deg 259  15.149 15.000 ? ? 
'X-RAY DIFFRACTION' r_dihedral_angle_4_deg 19   23.154 15.000 ? ? 
'X-RAY DIFFRACTION' r_chiral_restr         205  0.133  0.200  ? ? 
'X-RAY DIFFRACTION' r_gen_planes_refined   1779 0.011  0.021  ? ? 
'X-RAY DIFFRACTION' r_gen_planes_other     362  0.003  0.020  ? ? 
'X-RAY DIFFRACTION' r_mcbond_it            780  3.258  3.326  ? ? 
'X-RAY DIFFRACTION' r_mcbond_other         775  3.214  3.315  ? ? 
'X-RAY DIFFRACTION' r_mcangle_it           925  4.583  4.951  ? ? 
# 
_refine_ls_shell.d_res_high                       1.6400 
_refine_ls_shell.d_res_low                        1.6830 
_refine_ls_shell.pdbx_total_number_of_bins_used   20 
_refine_ls_shell.percent_reflns_obs               99.3700 
_refine_ls_shell.number_reflns_R_work             1656 
_refine_ls_shell.R_factor_all                     ? 
_refine_ls_shell.R_factor_R_work                  0.3310 
_refine_ls_shell.R_factor_R_free                  0.3570 
_refine_ls_shell.percent_reflns_R_free            ? 
_refine_ls_shell.number_reflns_R_free             90 
_refine_ls_shell.R_factor_R_free_error            ? 
_refine_ls_shell.number_reflns_all                1746 
_refine_ls_shell.number_reflns_obs                ? 
_refine_ls_shell.pdbx_refine_id                   'X-RAY DIFFRACTION' 
# 
_struct.entry_id                  5QP8 
_struct.title                     
'PanDDA analysis group deposition -- Crystal Structure of DCP2 (NUDT20) in complex with PB1787571279' 
_struct.pdbx_model_details        ? 
_struct.pdbx_CASP_flag            ? 
_struct.pdbx_model_type_details   ? 
# 
_struct_keywords.entry_id        5QP8 
_struct_keywords.text            'SGC - Diamond I04-1 fragment screening, PanDDA, XChemExplorer, HYDROLASE' 
_struct_keywords.pdbx_keywords   HYDROLASE 
# 
loop_
_struct_asym.id 
_struct_asym.pdbx_blank_PDB_chainid_flag 
_struct_asym.pdbx_modified 
_struct_asym.entity_id 
_struct_asym.details 
A N N 1 ? 
B N N 2 ? 
C N N 2 ? 
D N N 3 ? 
E N N 4 ? 
F N N 4 ? 
G N N 5 ? 
H N N 6 ? 
# 
_struct_ref.id                         1 
_struct_ref.db_name                    UNP 
_struct_ref.db_code                    DCP2_HUMAN 
_struct_ref.pdbx_db_accession          Q8IU60 
_struct_ref.pdbx_db_isoform            ? 
_struct_ref.entity_id                  1 
_struct_ref.pdbx_seq_one_letter_code   
;MGVPTYGAIILDETLENVLLVQGYLAKSGWGFPKGKVNKEEAPHDCAAREVFEETGFDIKDYICKDDYIELRINDQLARL
YIIPGIPKDTKFNPKTRREIRNIEWFSIEKLPCHRNDMTPKSKLGLAPNKFFMAIPFIRPLRDWLSRRFGDSSDSDNGFS
STGSTP
;
_struct_ref.pdbx_align_begin           95 
# 
_struct_ref_seq.align_id                      1 
_struct_ref_seq.ref_id                        1 
_struct_ref_seq.pdbx_PDB_id_code              5QP8 
_struct_ref_seq.pdbx_strand_id                A 
_struct_ref_seq.seq_align_beg                 2 
_struct_ref_seq.pdbx_seq_align_beg_ins_code   ? 
_struct_ref_seq.seq_align_end                 167 
_struct_ref_seq.pdbx_seq_align_end_ins_code   ? 
_struct_ref_seq.pdbx_db_accession             Q8IU60 
_struct_ref_seq.db_align_beg                  95 
_struct_ref_seq.pdbx_db_align_beg_ins_code    ? 
_struct_ref_seq.db_align_end                  260 
_struct_ref_seq.pdbx_db_align_end_ins_code    ? 
_struct_ref_seq.pdbx_auth_seq_align_beg       95 
_struct_ref_seq.pdbx_auth_seq_align_end       260 
# 
_struct_ref_seq_dif.align_id                     1 
_struct_ref_seq_dif.pdbx_pdb_id_code             5QP8 
_struct_ref_seq_dif.mon_id                       SER 
_struct_ref_seq_dif.pdbx_pdb_strand_id           A 
_struct_ref_seq_dif.seq_num                      1 
_struct_ref_seq_dif.pdbx_pdb_ins_code            ? 
_struct_ref_seq_dif.pdbx_seq_db_name             UNP 
_struct_ref_seq_dif.pdbx_seq_db_accession_code   Q8IU60 
_struct_ref_seq_dif.db_mon_id                    ? 
_struct_ref_seq_dif.pdbx_seq_db_seq_num          ? 
_struct_ref_seq_dif.details                      'expression tag' 
_struct_ref_seq_dif.pdbx_auth_seq_num            94 
_struct_ref_seq_dif.pdbx_ordinal                 1 
# 
_pdbx_struct_assembly.id                   1 
_pdbx_struct_assembly.details              author_and_software_defined_assembly 
_pdbx_struct_assembly.method_details       PISA 
_pdbx_struct_assembly.oligomeric_details   monomeric 
_pdbx_struct_assembly.oligomeric_count     1 
# 
loop_
_pdbx_struct_assembly_prop.biol_id 
_pdbx_struct_assembly_prop.type 
_pdbx_struct_assembly_prop.value 
_pdbx_struct_assembly_prop.details 
1 'ABSA (A^2)' 860  ? 
1 MORE         4    ? 
1 'SSA (A^2)'  8620 ? 
# 
_pdbx_struct_assembly_gen.assembly_id       1 
_pdbx_struct_assembly_gen.oper_expression   1 
_pdbx_struct_assembly_gen.asym_id_list      A,B,C,D,E,F,G,H 
# 
_pdbx_struct_oper_list.id                   1 
_pdbx_struct_oper_list.type                 'identity operation' 
_pdbx_struct_oper_list.name                 1_555 
_pdbx_struct_oper_list.symmetry_operation   x,y,z 
_pdbx_struct_oper_list.matrix[1][1]         1.0000000000 
_pdbx_struct_oper_list.matrix[1][2]         0.0000000000 
_pdbx_struct_oper_list.matrix[1][3]         0.0000000000 
_pdbx_struct_oper_list.vector[1]            0.0000000000 
_pdbx_struct_oper_list.matrix[2][1]         0.0000000000 
_pdbx_struct_oper_list.matrix[2][2]         1.0000000000 
_pdbx_struct_oper_list.matrix[2][3]         0.0000000000 
_pdbx_struct_oper_list.vector[2]            0.0000000000 
_pdbx_struct_oper_list.matrix[3][1]         0.0000000000 
_pdbx_struct_oper_list.matrix[3][2]         0.0000000000 
_pdbx_struct_oper_list.matrix[3][3]         1.0000000000 
_pdbx_struct_oper_list.vector[3]            0.0000000000 
# 
loop_
_struct_conf.conf_type_id 
_struct_conf.id 
_struct_conf.pdbx_PDB_helix_id 
_struct_conf.beg_label_comp_id 
_struct_conf.beg_label_asym_id 
_struct_conf.beg_label_seq_id 
_struct_conf.pdbx_beg_PDB_ins_code 
_struct_conf.end_label_comp_id 
_struct_conf.end_label_asym_id 
_struct_conf.end_label_seq_id 
_struct_conf.pdbx_end_PDB_ins_code 
_struct_conf.beg_auth_comp_id 
_struct_conf.beg_auth_asym_id 
_struct_conf.beg_auth_seq_id 
_struct_conf.end_auth_comp_id 
_struct_conf.end_auth_asym_id 
_struct_conf.end_auth_seq_id 
_struct_conf.pdbx_PDB_helix_class 
_struct_conf.details 
_struct_conf.pdbx_PDB_helix_length 
HELX_P HELX_P1 AA1 TYR A 25  ? SER A 29  ? TYR A 118 SER A 122 5 ? 5  
HELX_P HELX_P2 AA2 ALA A 43  ? GLY A 57  ? ALA A 136 GLY A 150 1 ? 15 
HELX_P HELX_P3 AA3 GLU A 110 ? LEU A 112 ? GLU A 203 LEU A 205 5 ? 3  
HELX_P HELX_P4 AA4 MET A 119 ? SER A 123 ? MET A 212 SER A 216 5 ? 5  
HELX_P HELX_P5 AA5 ALA A 135 ? PHE A 150 ? ALA A 228 PHE A 243 1 ? 16 
# 
_struct_conf_type.id          HELX_P 
_struct_conf_type.criteria    ? 
_struct_conf_type.reference   ? 
# 
loop_
_struct_sheet.id 
_struct_sheet.type 
_struct_sheet.number_strands 
_struct_sheet.details 
AA1 ? 4 ? 
AA2 ? 3 ? 
# 
loop_
_struct_sheet_order.sheet_id 
_struct_sheet_order.range_id_1 
_struct_sheet_order.range_id_2 
_struct_sheet_order.offset 
_struct_sheet_order.sense 
AA1 1 2 ? anti-parallel 
AA1 2 3 ? parallel      
AA1 3 4 ? anti-parallel 
AA2 1 2 ? anti-parallel 
AA2 2 3 ? anti-parallel 
# 
loop_
_struct_sheet_range.sheet_id 
_struct_sheet_range.id 
_struct_sheet_range.beg_label_comp_id 
_struct_sheet_range.beg_label_asym_id 
_struct_sheet_range.beg_label_seq_id 
_struct_sheet_range.pdbx_beg_PDB_ins_code 
_struct_sheet_range.end_label_comp_id 
_struct_sheet_range.end_label_asym_id 
_struct_sheet_range.end_label_seq_id 
_struct_sheet_range.pdbx_end_PDB_ins_code 
_struct_sheet_range.beg_auth_comp_id 
_struct_sheet_range.beg_auth_asym_id 
_struct_sheet_range.beg_auth_seq_id 
_struct_sheet_range.end_auth_comp_id 
_struct_sheet_range.end_auth_asym_id 
_struct_sheet_range.end_auth_seq_id 
AA1 1 LYS A 35  ? LYS A 37  ? LYS A 128 LYS A 130 
AA1 2 THR A 6   ? ILE A 11  ? THR A 99  ILE A 104 
AA1 3 GLN A 77  ? ILE A 84  ? GLN A 170 ILE A 177 
AA1 4 TYR A 69  ? ILE A 74  ? TYR A 162 ILE A 167 
AA2 1 TRP A 31  ? GLY A 32  ? TRP A 124 GLY A 125 
AA2 2 ASN A 18  ? GLN A 23  ? ASN A 111 GLN A 116 
AA2 3 ASN A 103 ? SER A 108 ? ASN A 196 SER A 201 
# 
loop_
_pdbx_struct_sheet_hbond.sheet_id 
_pdbx_struct_sheet_hbond.range_id_1 
_pdbx_struct_sheet_hbond.range_id_2 
_pdbx_struct_sheet_hbond.range_1_label_atom_id 
_pdbx_struct_sheet_hbond.range_1_label_comp_id 
_pdbx_struct_sheet_hbond.range_1_label_asym_id 
_pdbx_struct_sheet_hbond.range_1_label_seq_id 
_pdbx_struct_sheet_hbond.range_1_PDB_ins_code 
_pdbx_struct_sheet_hbond.range_1_auth_atom_id 
_pdbx_struct_sheet_hbond.range_1_auth_comp_id 
_pdbx_struct_sheet_hbond.range_1_auth_asym_id 
_pdbx_struct_sheet_hbond.range_1_auth_seq_id 
_pdbx_struct_sheet_hbond.range_2_label_atom_id 
_pdbx_struct_sheet_hbond.range_2_label_comp_id 
_pdbx_struct_sheet_hbond.range_2_label_asym_id 
_pdbx_struct_sheet_hbond.range_2_label_seq_id 
_pdbx_struct_sheet_hbond.range_2_PDB_ins_code 
_pdbx_struct_sheet_hbond.range_2_auth_atom_id 
_pdbx_struct_sheet_hbond.range_2_auth_comp_id 
_pdbx_struct_sheet_hbond.range_2_auth_asym_id 
_pdbx_struct_sheet_hbond.range_2_auth_seq_id 
AA1 1 2 O GLY A 36 ? O GLY A 129 N TYR A 7   ? N TYR A 100 
AA1 2 3 N ILE A 10 ? N ILE A 103 O ILE A 84  ? O ILE A 177 
AA1 3 4 O LEU A 81 ? O LEU A 174 N ILE A 70  ? N ILE A 163 
AA2 1 2 O GLY A 32 ? O GLY A 125 N VAL A 22  ? N VAL A 115 
AA2 2 3 N LEU A 21 ? N LEU A 114 O GLU A 105 ? O GLU A 198 
# 
loop_
_struct_site.id 
_struct_site.pdbx_evidence_code 
_struct_site.pdbx_auth_asym_id 
_struct_site.pdbx_auth_comp_id 
_struct_site.pdbx_auth_seq_id 
_struct_site.pdbx_auth_ins_code 
_struct_site.pdbx_num_residues 
_struct_site.details 
AC1 Software A EDO 301 ? 2 'binding site for residue EDO A 301' 
AC2 Software A EDO 302 ? 5 'binding site for residue EDO A 302' 
AC3 Software A DMS 303 ? 2 'binding site for residue DMS A 303' 
AC4 Software A ACT 304 ? 3 'binding site for residue ACT A 304' 
AC5 Software A ACT 305 ? 5 'binding site for residue ACT A 305' 
AC6 Software A LFG 306 ? 8 'binding site for residue LFG A 306' 
# 
loop_
_struct_site_gen.id 
_struct_site_gen.site_id 
_struct_site_gen.pdbx_num_res 
_struct_site_gen.label_comp_id 
_struct_site_gen.label_asym_id 
_struct_site_gen.label_seq_id 
_struct_site_gen.pdbx_auth_ins_code 
_struct_site_gen.auth_comp_id 
_struct_site_gen.auth_asym_id 
_struct_site_gen.auth_seq_id 
_struct_site_gen.label_atom_id 
_struct_site_gen.label_alt_id 
_struct_site_gen.symmetry 
_struct_site_gen.details 
1  AC1 2 ASP A 59  ? ASP A 152 . ? 1_555 ? 
2  AC1 2 LYS A 61  ? LYS A 154 . ? 1_555 ? 
3  AC2 5 PRO A 129 ? PRO A 222 . ? 1_555 ? 
4  AC2 5 ASN A 130 ? ASN A 223 . ? 1_555 ? 
5  AC2 5 LYS A 131 ? LYS A 224 . ? 1_555 ? 
6  AC2 5 ACT F .   ? ACT A 305 . ? 1_555 ? 
7  AC2 5 HOH H .   ? HOH A 473 . ? 1_555 ? 
8  AC3 2 ASN A 18  ? ASN A 111 . ? 1_555 ? 
9  AC3 2 TRP A 106 ? TRP A 199 . ? 1_555 ? 
10 AC4 3 SER A 29  ? SER A 122 . ? 1_555 ? 
11 AC4 3 TYR A 63  ? TYR A 156 . ? 3_357 ? 
12 AC4 3 HOH H .   ? HOH A 415 . ? 1_555 ? 
13 AC5 5 ARG A 116 ? ARG A 209 . ? 1_555 ? 
14 AC5 5 PRO A 129 ? PRO A 222 . ? 1_555 ? 
15 AC5 5 ASN A 130 ? ASN A 223 . ? 1_555 ? 
16 AC5 5 PHE A 133 ? PHE A 226 . ? 1_555 ? 
17 AC5 5 EDO C .   ? EDO A 302 . ? 1_555 ? 
18 AC6 8 VAL A 22  ? VAL A 115 . ? 1_555 ? 
19 AC6 8 GLY A 24  ? GLY A 117 . ? 1_555 ? 
20 AC6 8 LYS A 35  ? LYS A 128 . ? 1_555 ? 
21 AC6 8 GLU A 55  ? GLU A 148 . ? 1_555 ? 
22 AC6 8 ILE A 101 ? ILE A 194 . ? 1_555 ? 
23 AC6 8 MET A 134 ? MET A 227 . ? 1_555 ? 
24 AC6 8 HOH H .   ? HOH A 403 . ? 1_555 ? 
25 AC6 8 HOH H .   ? HOH A 426 . ? 1_555 ? 
# 
loop_
_pdbx_validate_close_contact.id 
_pdbx_validate_close_contact.PDB_model_num 
_pdbx_validate_close_contact.auth_atom_id_1 
_pdbx_validate_close_contact.auth_asym_id_1 
_pdbx_validate_close_contact.auth_comp_id_1 
_pdbx_validate_close_contact.auth_seq_id_1 
_pdbx_validate_close_contact.PDB_ins_code_1 
_pdbx_validate_close_contact.label_alt_id_1 
_pdbx_validate_close_contact.auth_atom_id_2 
_pdbx_validate_close_contact.auth_asym_id_2 
_pdbx_validate_close_contact.auth_comp_id_2 
_pdbx_validate_close_contact.auth_seq_id_2 
_pdbx_validate_close_contact.PDB_ins_code_2 
_pdbx_validate_close_contact.label_alt_id_2 
_pdbx_validate_close_contact.dist 
1 1 OH  A TYR 118 ? ? O A HOH 401 ? ? 2.12 
2 1 OE1 A GLU 107 ? ? O A HOH 402 ? ? 2.16 
# 
_pdbx_validate_rmsd_bond.id                        1 
_pdbx_validate_rmsd_bond.PDB_model_num             1 
_pdbx_validate_rmsd_bond.auth_atom_id_1            C 
_pdbx_validate_rmsd_bond.auth_asym_id_1            A 
_pdbx_validate_rmsd_bond.auth_comp_id_1            THR 
_pdbx_validate_rmsd_bond.auth_seq_id_1             190 
_pdbx_validate_rmsd_bond.PDB_ins_code_1            ? 
_pdbx_validate_rmsd_bond.label_alt_id_1            B 
_pdbx_validate_rmsd_bond.auth_atom_id_2            N 
_pdbx_validate_rmsd_bond.auth_asym_id_2            A 
_pdbx_validate_rmsd_bond.auth_comp_id_2            ARG 
_pdbx_validate_rmsd_bond.auth_seq_id_2             191 
_pdbx_validate_rmsd_bond.PDB_ins_code_2            ? 
_pdbx_validate_rmsd_bond.label_alt_id_2            ? 
_pdbx_validate_rmsd_bond.bond_value                1.102 
_pdbx_validate_rmsd_bond.bond_target_value         1.336 
_pdbx_validate_rmsd_bond.bond_deviation            -0.234 
_pdbx_validate_rmsd_bond.bond_standard_deviation   0.023 
_pdbx_validate_rmsd_bond.linker_flag               Y 
# 
_pdbx_validate_rmsd_angle.id                         1 
_pdbx_validate_rmsd_angle.PDB_model_num              1 
_pdbx_validate_rmsd_angle.auth_atom_id_1             CB 
_pdbx_validate_rmsd_angle.auth_asym_id_1             A 
_pdbx_validate_rmsd_angle.auth_comp_id_1             ASP 
_pdbx_validate_rmsd_angle.auth_seq_id_1              169 
_pdbx_validate_rmsd_angle.PDB_ins_code_1             ? 
_pdbx_validate_rmsd_angle.label_alt_id_1             ? 
_pdbx_validate_rmsd_angle.auth_atom_id_2             CG 
_pdbx_validate_rmsd_angle.auth_asym_id_2             A 
_pdbx_validate_rmsd_angle.auth_comp_id_2             ASP 
_pdbx_validate_rmsd_angle.auth_seq_id_2              169 
_pdbx_validate_rmsd_angle.PDB_ins_code_2             ? 
_pdbx_validate_rmsd_angle.label_alt_id_2             ? 
_pdbx_validate_rmsd_angle.auth_atom_id_3             OD2 
_pdbx_validate_rmsd_angle.auth_asym_id_3             A 
_pdbx_validate_rmsd_angle.auth_comp_id_3             ASP 
_pdbx_validate_rmsd_angle.auth_seq_id_3              169 
_pdbx_validate_rmsd_angle.PDB_ins_code_3             ? 
_pdbx_validate_rmsd_angle.label_alt_id_3             ? 
_pdbx_validate_rmsd_angle.angle_value                109.22 
_pdbx_validate_rmsd_angle.angle_target_value         118.30 
_pdbx_validate_rmsd_angle.angle_deviation            -9.08 
_pdbx_validate_rmsd_angle.angle_standard_deviation   0.90 
_pdbx_validate_rmsd_angle.linker_flag                N 
# 
loop_
_pdbx_validate_torsion.id 
_pdbx_validate_torsion.PDB_model_num 
_pdbx_validate_torsion.auth_comp_id 
_pdbx_validate_torsion.auth_asym_id 
_pdbx_validate_torsion.auth_seq_id 
_pdbx_validate_torsion.PDB_ins_code 
_pdbx_validate_torsion.label_alt_id 
_pdbx_validate_torsion.phi 
_pdbx_validate_torsion.psi 
1 1 LEU A 119 ? ? 58.30  -114.40 
2 1 GLU A 134 ? ? 55.48  17.85   
3 1 ASP A 211 ? ? -78.50 -167.42 
# 
_pdbx_validate_peptide_omega.id               1 
_pdbx_validate_peptide_omega.PDB_model_num    1 
_pdbx_validate_peptide_omega.auth_comp_id_1   LYS 
_pdbx_validate_peptide_omega.auth_asym_id_1   A 
_pdbx_validate_peptide_omega.auth_seq_id_1    189 
_pdbx_validate_peptide_omega.PDB_ins_code_1   ? 
_pdbx_validate_peptide_omega.label_alt_id_1   ? 
_pdbx_validate_peptide_omega.auth_comp_id_2   THR 
_pdbx_validate_peptide_omega.auth_asym_id_2   A 
_pdbx_validate_peptide_omega.auth_seq_id_2    190 
_pdbx_validate_peptide_omega.PDB_ins_code_2   ? 
_pdbx_validate_peptide_omega.label_alt_id_2   A 
_pdbx_validate_peptide_omega.omega            -138.54 
# 
_pdbx_validate_polymer_linkage.id               1 
_pdbx_validate_polymer_linkage.PDB_model_num    1 
_pdbx_validate_polymer_linkage.auth_atom_id_1   C 
_pdbx_validate_polymer_linkage.auth_asym_id_1   A 
_pdbx_validate_polymer_linkage.auth_comp_id_1   THR 
_pdbx_validate_polymer_linkage.auth_seq_id_1    190 
_pdbx_validate_polymer_linkage.PDB_ins_code_1   ? 
_pdbx_validate_polymer_linkage.label_alt_id_1   B 
_pdbx_validate_polymer_linkage.auth_atom_id_2   N 
_pdbx_validate_polymer_linkage.auth_asym_id_2   A 
_pdbx_validate_polymer_linkage.auth_comp_id_2   ARG 
_pdbx_validate_polymer_linkage.auth_seq_id_2    191 
_pdbx_validate_polymer_linkage.PDB_ins_code_2   ? 
_pdbx_validate_polymer_linkage.label_alt_id_2   ? 
_pdbx_validate_polymer_linkage.dist             1.10 
# 
_phasing.method   MR 
# 
loop_
_pdbx_unobs_or_zero_occ_residues.id 
_pdbx_unobs_or_zero_occ_residues.PDB_model_num 
_pdbx_unobs_or_zero_occ_residues.polymer_flag 
_pdbx_unobs_or_zero_occ_residues.occupancy_flag 
_pdbx_unobs_or_zero_occ_residues.auth_asym_id 
_pdbx_unobs_or_zero_occ_residues.auth_comp_id 
_pdbx_unobs_or_zero_occ_residues.auth_seq_id 
_pdbx_unobs_or_zero_occ_residues.PDB_ins_code 
_pdbx_unobs_or_zero_occ_residues.label_asym_id 
_pdbx_unobs_or_zero_occ_residues.label_comp_id 
_pdbx_unobs_or_zero_occ_residues.label_seq_id 
1  1 Y 1 A SER 94  ? A SER 1   
2  1 Y 1 A MET 95  ? A MET 2   
3  1 Y 1 A ASP 245 ? A ASP 152 
4  1 Y 1 A SER 246 ? A SER 153 
5  1 Y 1 A SER 247 ? A SER 154 
6  1 Y 1 A ASP 248 ? A ASP 155 
7  1 Y 1 A SER 249 ? A SER 156 
8  1 Y 1 A ASP 250 ? A ASP 157 
9  1 Y 1 A ASN 251 ? A ASN 158 
10 1 Y 1 A GLY 252 ? A GLY 159 
11 1 Y 1 A PHE 253 ? A PHE 160 
12 1 Y 1 A SER 254 ? A SER 161 
13 1 Y 1 A SER 255 ? A SER 162 
14 1 Y 1 A THR 256 ? A THR 163 
15 1 Y 1 A GLY 257 ? A GLY 164 
16 1 Y 1 A SER 258 ? A SER 165 
17 1 Y 1 A THR 259 ? A THR 166 
18 1 Y 1 A PRO 260 ? A PRO 167 
# 
loop_
_chem_comp_atom.comp_id 
_chem_comp_atom.atom_id 
_chem_comp_atom.type_symbol 
_chem_comp_atom.pdbx_aromatic_flag 
_chem_comp_atom.pdbx_stereo_config 
_chem_comp_atom.pdbx_ordinal 
ACT C    C N N 1   
ACT O    O N N 2   
ACT OXT  O N N 3   
ACT CH3  C N N 4   
ACT H1   H N N 5   
ACT H2   H N N 6   
ACT H3   H N N 7   
ALA N    N N N 8   
ALA CA   C N S 9   
ALA C    C N N 10  
ALA O    O N N 11  
ALA CB   C N N 12  
ALA OXT  O N N 13  
ALA H    H N N 14  
ALA H2   H N N 15  
ALA HA   H N N 16  
ALA HB1  H N N 17  
ALA HB2  H N N 18  
ALA HB3  H N N 19  
ALA HXT  H N N 20  
ARG N    N N N 21  
ARG CA   C N S 22  
ARG C    C N N 23  
ARG O    O N N 24  
ARG CB   C N N 25  
ARG CG   C N N 26  
ARG CD   C N N 27  
ARG NE   N N N 28  
ARG CZ   C N N 29  
ARG NH1  N N N 30  
ARG NH2  N N N 31  
ARG OXT  O N N 32  
ARG H    H N N 33  
ARG H2   H N N 34  
ARG HA   H N N 35  
ARG HB2  H N N 36  
ARG HB3  H N N 37  
ARG HG2  H N N 38  
ARG HG3  H N N 39  
ARG HD2  H N N 40  
ARG HD3  H N N 41  
ARG HE   H N N 42  
ARG HH11 H N N 43  
ARG HH12 H N N 44  
ARG HH21 H N N 45  
ARG HH22 H N N 46  
ARG HXT  H N N 47  
ASN N    N N N 48  
ASN CA   C N S 49  
ASN C    C N N 50  
ASN O    O N N 51  
ASN CB   C N N 52  
ASN CG   C N N 53  
ASN OD1  O N N 54  
ASN ND2  N N N 55  
ASN OXT  O N N 56  
ASN H    H N N 57  
ASN H2   H N N 58  
ASN HA   H N N 59  
ASN HB2  H N N 60  
ASN HB3  H N N 61  
ASN HD21 H N N 62  
ASN HD22 H N N 63  
ASN HXT  H N N 64  
ASP N    N N N 65  
ASP CA   C N S 66  
ASP C    C N N 67  
ASP O    O N N 68  
ASP CB   C N N 69  
ASP CG   C N N 70  
ASP OD1  O N N 71  
ASP OD2  O N N 72  
ASP OXT  O N N 73  
ASP H    H N N 74  
ASP H2   H N N 75  
ASP HA   H N N 76  
ASP HB2  H N N 77  
ASP HB3  H N N 78  
ASP HD2  H N N 79  
ASP HXT  H N N 80  
CYS N    N N N 81  
CYS CA   C N R 82  
CYS C    C N N 83  
CYS O    O N N 84  
CYS CB   C N N 85  
CYS SG   S N N 86  
CYS OXT  O N N 87  
CYS H    H N N 88  
CYS H2   H N N 89  
CYS HA   H N N 90  
CYS HB2  H N N 91  
CYS HB3  H N N 92  
CYS HG   H N N 93  
CYS HXT  H N N 94  
DMS S    S N N 95  
DMS O    O N N 96  
DMS C1   C N N 97  
DMS C2   C N N 98  
DMS H11  H N N 99  
DMS H12  H N N 100 
DMS H13  H N N 101 
DMS H21  H N N 102 
DMS H22  H N N 103 
DMS H23  H N N 104 
EDO C1   C N N 105 
EDO O1   O N N 106 
EDO C2   C N N 107 
EDO O2   O N N 108 
EDO H11  H N N 109 
EDO H12  H N N 110 
EDO HO1  H N N 111 
EDO H21  H N N 112 
EDO H22  H N N 113 
EDO HO2  H N N 114 
GLN N    N N N 115 
GLN CA   C N S 116 
GLN C    C N N 117 
GLN O    O N N 118 
GLN CB   C N N 119 
GLN CG   C N N 120 
GLN CD   C N N 121 
GLN OE1  O N N 122 
GLN NE2  N N N 123 
GLN OXT  O N N 124 
GLN H    H N N 125 
GLN H2   H N N 126 
GLN HA   H N N 127 
GLN HB2  H N N 128 
GLN HB3  H N N 129 
GLN HG2  H N N 130 
GLN HG3  H N N 131 
GLN HE21 H N N 132 
GLN HE22 H N N 133 
GLN HXT  H N N 134 
GLU N    N N N 135 
GLU CA   C N S 136 
GLU C    C N N 137 
GLU O    O N N 138 
GLU CB   C N N 139 
GLU CG   C N N 140 
GLU CD   C N N 141 
GLU OE1  O N N 142 
GLU OE2  O N N 143 
GLU OXT  O N N 144 
GLU H    H N N 145 
GLU H2   H N N 146 
GLU HA   H N N 147 
GLU HB2  H N N 148 
GLU HB3  H N N 149 
GLU HG2  H N N 150 
GLU HG3  H N N 151 
GLU HE2  H N N 152 
GLU HXT  H N N 153 
GLY N    N N N 154 
GLY CA   C N N 155 
GLY C    C N N 156 
GLY O    O N N 157 
GLY OXT  O N N 158 
GLY H    H N N 159 
GLY H2   H N N 160 
GLY HA2  H N N 161 
GLY HA3  H N N 162 
GLY HXT  H N N 163 
HIS N    N N N 164 
HIS CA   C N S 165 
HIS C    C N N 166 
HIS O    O N N 167 
HIS CB   C N N 168 
HIS CG   C Y N 169 
HIS ND1  N Y N 170 
HIS CD2  C Y N 171 
HIS CE1  C Y N 172 
HIS NE2  N Y N 173 
HIS OXT  O N N 174 
HIS H    H N N 175 
HIS H2   H N N 176 
HIS HA   H N N 177 
HIS HB2  H N N 178 
HIS HB3  H N N 179 
HIS HD1  H N N 180 
HIS HD2  H N N 181 
HIS HE1  H N N 182 
HIS HE2  H N N 183 
HIS HXT  H N N 184 
HOH O    O N N 185 
HOH H1   H N N 186 
HOH H2   H N N 187 
ILE N    N N N 188 
ILE CA   C N S 189 
ILE C    C N N 190 
ILE O    O N N 191 
ILE CB   C N S 192 
ILE CG1  C N N 193 
ILE CG2  C N N 194 
ILE CD1  C N N 195 
ILE OXT  O N N 196 
ILE H    H N N 197 
ILE H2   H N N 198 
ILE HA   H N N 199 
ILE HB   H N N 200 
ILE HG12 H N N 201 
ILE HG13 H N N 202 
ILE HG21 H N N 203 
ILE HG22 H N N 204 
ILE HG23 H N N 205 
ILE HD11 H N N 206 
ILE HD12 H N N 207 
ILE HD13 H N N 208 
ILE HXT  H N N 209 
LEU N    N N N 210 
LEU CA   C N S 211 
LEU C    C N N 212 
LEU O    O N N 213 
LEU CB   C N N 214 
LEU CG   C N N 215 
LEU CD1  C N N 216 
LEU CD2  C N N 217 
LEU OXT  O N N 218 
LEU H    H N N 219 
LEU H2   H N N 220 
LEU HA   H N N 221 
LEU HB2  H N N 222 
LEU HB3  H N N 223 
LEU HG   H N N 224 
LEU HD11 H N N 225 
LEU HD12 H N N 226 
LEU HD13 H N N 227 
LEU HD21 H N N 228 
LEU HD22 H N N 229 
LEU HD23 H N N 230 
LEU HXT  H N N 231 
LFG N1   N Y N 232 
LFG N3   N N N 233 
LFG C4   C Y N 234 
LFG C5   C Y N 235 
LFG C6   C N N 236 
LFG C7   C N N 237 
LFG C8   C N N 238 
LFG C10  C N N 239 
LFG C1   C N N 240 
LFG C11  C N N 241 
LFG C12  C N N 242 
LFG C2   C N N 243 
LFG C3   C N N 244 
LFG C9   C N N 245 
LFG N2   N Y N 246 
LFG O1   O Y N 247 
LFG H1   H N N 248 
LFG H2   H N N 249 
LFG H3   H N N 250 
LFG H4   H N N 251 
LFG H5   H N N 252 
LFG H6   H N N 253 
LFG H7   H N N 254 
LFG H8   H N N 255 
LFG H9   H N N 256 
LFG H10  H N N 257 
LFG H11  H N N 258 
LFG H12  H N N 259 
LFG H13  H N N 260 
LFG H14  H N N 261 
LFG H15  H N N 262 
LFG H16  H N N 263 
LFG H17  H N N 264 
LFG H18  H N N 265 
LFG H19  H N N 266 
LYS N    N N N 267 
LYS CA   C N S 268 
LYS C    C N N 269 
LYS O    O N N 270 
LYS CB   C N N 271 
LYS CG   C N N 272 
LYS CD   C N N 273 
LYS CE   C N N 274 
LYS NZ   N N N 275 
LYS OXT  O N N 276 
LYS H    H N N 277 
LYS H2   H N N 278 
LYS HA   H N N 279 
LYS HB2  H N N 280 
LYS HB3  H N N 281 
LYS HG2  H N N 282 
LYS HG3  H N N 283 
LYS HD2  H N N 284 
LYS HD3  H N N 285 
LYS HE2  H N N 286 
LYS HE3  H N N 287 
LYS HZ1  H N N 288 
LYS HZ2  H N N 289 
LYS HZ3  H N N 290 
LYS HXT  H N N 291 
MET N    N N N 292 
MET CA   C N S 293 
MET C    C N N 294 
MET O    O N N 295 
MET CB   C N N 296 
MET CG   C N N 297 
MET SD   S N N 298 
MET CE   C N N 299 
MET OXT  O N N 300 
MET H    H N N 301 
MET H2   H N N 302 
MET HA   H N N 303 
MET HB2  H N N 304 
MET HB3  H N N 305 
MET HG2  H N N 306 
MET HG3  H N N 307 
MET HE1  H N N 308 
MET HE2  H N N 309 
MET HE3  H N N 310 
MET HXT  H N N 311 
PHE N    N N N 312 
PHE CA   C N S 313 
PHE C    C N N 314 
PHE O    O N N 315 
PHE CB   C N N 316 
PHE CG   C Y N 317 
PHE CD1  C Y N 318 
PHE CD2  C Y N 319 
PHE CE1  C Y N 320 
PHE CE2  C Y N 321 
PHE CZ   C Y N 322 
PHE OXT  O N N 323 
PHE H    H N N 324 
PHE H2   H N N 325 
PHE HA   H N N 326 
PHE HB2  H N N 327 
PHE HB3  H N N 328 
PHE HD1  H N N 329 
PHE HD2  H N N 330 
PHE HE1  H N N 331 
PHE HE2  H N N 332 
PHE HZ   H N N 333 
PHE HXT  H N N 334 
PRO N    N N N 335 
PRO CA   C N S 336 
PRO C    C N N 337 
PRO O    O N N 338 
PRO CB   C N N 339 
PRO CG   C N N 340 
PRO CD   C N N 341 
PRO OXT  O N N 342 
PRO H    H N N 343 
PRO HA   H N N 344 
PRO HB2  H N N 345 
PRO HB3  H N N 346 
PRO HG2  H N N 347 
PRO HG3  H N N 348 
PRO HD2  H N N 349 
PRO HD3  H N N 350 
PRO HXT  H N N 351 
SER N    N N N 352 
SER CA   C N S 353 
SER C    C N N 354 
SER O    O N N 355 
SER CB   C N N 356 
SER OG   O N N 357 
SER OXT  O N N 358 
SER H    H N N 359 
SER H2   H N N 360 
SER HA   H N N 361 
SER HB2  H N N 362 
SER HB3  H N N 363 
SER HG   H N N 364 
SER HXT  H N N 365 
THR N    N N N 366 
THR CA   C N S 367 
THR C    C N N 368 
THR O    O N N 369 
THR CB   C N R 370 
THR OG1  O N N 371 
THR CG2  C N N 372 
THR OXT  O N N 373 
THR H    H N N 374 
THR H2   H N N 375 
THR HA   H N N 376 
THR HB   H N N 377 
THR HG1  H N N 378 
THR HG21 H N N 379 
THR HG22 H N N 380 
THR HG23 H N N 381 
THR HXT  H N N 382 
TRP N    N N N 383 
TRP CA   C N S 384 
TRP C    C N N 385 
TRP O    O N N 386 
TRP CB   C N N 387 
TRP CG   C Y N 388 
TRP CD1  C Y N 389 
TRP CD2  C Y N 390 
TRP NE1  N Y N 391 
TRP CE2  C Y N 392 
TRP CE3  C Y N 393 
TRP CZ2  C Y N 394 
TRP CZ3  C Y N 395 
TRP CH2  C Y N 396 
TRP OXT  O N N 397 
TRP H    H N N 398 
TRP H2   H N N 399 
TRP HA   H N N 400 
TRP HB2  H N N 401 
TRP HB3  H N N 402 
TRP HD1  H N N 403 
TRP HE1  H N N 404 
TRP HE3  H N N 405 
TRP HZ2  H N N 406 
TRP HZ3  H N N 407 
TRP HH2  H N N 408 
TRP HXT  H N N 409 
TYR N    N N N 410 
TYR CA   C N S 411 
TYR C    C N N 412 
TYR O    O N N 413 
TYR CB   C N N 414 
TYR CG   C Y N 415 
TYR CD1  C Y N 416 
TYR CD2  C Y N 417 
TYR CE1  C Y N 418 
TYR CE2  C Y N 419 
TYR CZ   C Y N 420 
TYR OH   O N N 421 
TYR OXT  O N N 422 
TYR H    H N N 423 
TYR H2   H N N 424 
TYR HA   H N N 425 
TYR HB2  H N N 426 
TYR HB3  H N N 427 
TYR HD1  H N N 428 
TYR HD2  H N N 429 
TYR HE1  H N N 430 
TYR HE2  H N N 431 
TYR HH   H N N 432 
TYR HXT  H N N 433 
VAL N    N N N 434 
VAL CA   C N S 435 
VAL C    C N N 436 
VAL O    O N N 437 
VAL CB   C N N 438 
VAL CG1  C N N 439 
VAL CG2  C N N 440 
VAL OXT  O N N 441 
VAL H    H N N 442 
VAL H2   H N N 443 
VAL HA   H N N 444 
VAL HB   H N N 445 
VAL HG11 H N N 446 
VAL HG12 H N N 447 
VAL HG13 H N N 448 
VAL HG21 H N N 449 
VAL HG22 H N N 450 
VAL HG23 H N N 451 
VAL HXT  H N N 452 
# 
loop_
_chem_comp_bond.comp_id 
_chem_comp_bond.atom_id_1 
_chem_comp_bond.atom_id_2 
_chem_comp_bond.value_order 
_chem_comp_bond.pdbx_aromatic_flag 
_chem_comp_bond.pdbx_stereo_config 
_chem_comp_bond.pdbx_ordinal 
ACT C   O    doub N N 1   
ACT C   OXT  sing N N 2   
ACT C   CH3  sing N N 3   
ACT CH3 H1   sing N N 4   
ACT CH3 H2   sing N N 5   
ACT CH3 H3   sing N N 6   
ALA N   CA   sing N N 7   
ALA N   H    sing N N 8   
ALA N   H2   sing N N 9   
ALA CA  C    sing N N 10  
ALA CA  CB   sing N N 11  
ALA CA  HA   sing N N 12  
ALA C   O    doub N N 13  
ALA C   OXT  sing N N 14  
ALA CB  HB1  sing N N 15  
ALA CB  HB2  sing N N 16  
ALA CB  HB3  sing N N 17  
ALA OXT HXT  sing N N 18  
ARG N   CA   sing N N 19  
ARG N   H    sing N N 20  
ARG N   H2   sing N N 21  
ARG CA  C    sing N N 22  
ARG CA  CB   sing N N 23  
ARG CA  HA   sing N N 24  
ARG C   O    doub N N 25  
ARG C   OXT  sing N N 26  
ARG CB  CG   sing N N 27  
ARG CB  HB2  sing N N 28  
ARG CB  HB3  sing N N 29  
ARG CG  CD   sing N N 30  
ARG CG  HG2  sing N N 31  
ARG CG  HG3  sing N N 32  
ARG CD  NE   sing N N 33  
ARG CD  HD2  sing N N 34  
ARG CD  HD3  sing N N 35  
ARG NE  CZ   sing N N 36  
ARG NE  HE   sing N N 37  
ARG CZ  NH1  sing N N 38  
ARG CZ  NH2  doub N N 39  
ARG NH1 HH11 sing N N 40  
ARG NH1 HH12 sing N N 41  
ARG NH2 HH21 sing N N 42  
ARG NH2 HH22 sing N N 43  
ARG OXT HXT  sing N N 44  
ASN N   CA   sing N N 45  
ASN N   H    sing N N 46  
ASN N   H2   sing N N 47  
ASN CA  C    sing N N 48  
ASN CA  CB   sing N N 49  
ASN CA  HA   sing N N 50  
ASN C   O    doub N N 51  
ASN C   OXT  sing N N 52  
ASN CB  CG   sing N N 53  
ASN CB  HB2  sing N N 54  
ASN CB  HB3  sing N N 55  
ASN CG  OD1  doub N N 56  
ASN CG  ND2  sing N N 57  
ASN ND2 HD21 sing N N 58  
ASN ND2 HD22 sing N N 59  
ASN OXT HXT  sing N N 60  
ASP N   CA   sing N N 61  
ASP N   H    sing N N 62  
ASP N   H2   sing N N 63  
ASP CA  C    sing N N 64  
ASP CA  CB   sing N N 65  
ASP CA  HA   sing N N 66  
ASP C   O    doub N N 67  
ASP C   OXT  sing N N 68  
ASP CB  CG   sing N N 69  
ASP CB  HB2  sing N N 70  
ASP CB  HB3  sing N N 71  
ASP CG  OD1  doub N N 72  
ASP CG  OD2  sing N N 73  
ASP OD2 HD2  sing N N 74  
ASP OXT HXT  sing N N 75  
CYS N   CA   sing N N 76  
CYS N   H    sing N N 77  
CYS N   H2   sing N N 78  
CYS CA  C    sing N N 79  
CYS CA  CB   sing N N 80  
CYS CA  HA   sing N N 81  
CYS C   O    doub N N 82  
CYS C   OXT  sing N N 83  
CYS CB  SG   sing N N 84  
CYS CB  HB2  sing N N 85  
CYS CB  HB3  sing N N 86  
CYS SG  HG   sing N N 87  
CYS OXT HXT  sing N N 88  
DMS S   O    doub N N 89  
DMS S   C1   sing N N 90  
DMS S   C2   sing N N 91  
DMS C1  H11  sing N N 92  
DMS C1  H12  sing N N 93  
DMS C1  H13  sing N N 94  
DMS C2  H21  sing N N 95  
DMS C2  H22  sing N N 96  
DMS C2  H23  sing N N 97  
EDO C1  O1   sing N N 98  
EDO C1  C2   sing N N 99  
EDO C1  H11  sing N N 100 
EDO C1  H12  sing N N 101 
EDO O1  HO1  sing N N 102 
EDO C2  O2   sing N N 103 
EDO C2  H21  sing N N 104 
EDO C2  H22  sing N N 105 
EDO O2  HO2  sing N N 106 
GLN N   CA   sing N N 107 
GLN N   H    sing N N 108 
GLN N   H2   sing N N 109 
GLN CA  C    sing N N 110 
GLN CA  CB   sing N N 111 
GLN CA  HA   sing N N 112 
GLN C   O    doub N N 113 
GLN C   OXT  sing N N 114 
GLN CB  CG   sing N N 115 
GLN CB  HB2  sing N N 116 
GLN CB  HB3  sing N N 117 
GLN CG  CD   sing N N 118 
GLN CG  HG2  sing N N 119 
GLN CG  HG3  sing N N 120 
GLN CD  OE1  doub N N 121 
GLN CD  NE2  sing N N 122 
GLN NE2 HE21 sing N N 123 
GLN NE2 HE22 sing N N 124 
GLN OXT HXT  sing N N 125 
GLU N   CA   sing N N 126 
GLU N   H    sing N N 127 
GLU N   H2   sing N N 128 
GLU CA  C    sing N N 129 
GLU CA  CB   sing N N 130 
GLU CA  HA   sing N N 131 
GLU C   O    doub N N 132 
GLU C   OXT  sing N N 133 
GLU CB  CG   sing N N 134 
GLU CB  HB2  sing N N 135 
GLU CB  HB3  sing N N 136 
GLU CG  CD   sing N N 137 
GLU CG  HG2  sing N N 138 
GLU CG  HG3  sing N N 139 
GLU CD  OE1  doub N N 140 
GLU CD  OE2  sing N N 141 
GLU OE2 HE2  sing N N 142 
GLU OXT HXT  sing N N 143 
GLY N   CA   sing N N 144 
GLY N   H    sing N N 145 
GLY N   H2   sing N N 146 
GLY CA  C    sing N N 147 
GLY CA  HA2  sing N N 148 
GLY CA  HA3  sing N N 149 
GLY C   O    doub N N 150 
GLY C   OXT  sing N N 151 
GLY OXT HXT  sing N N 152 
HIS N   CA   sing N N 153 
HIS N   H    sing N N 154 
HIS N   H2   sing N N 155 
HIS CA  C    sing N N 156 
HIS CA  CB   sing N N 157 
HIS CA  HA   sing N N 158 
HIS C   O    doub N N 159 
HIS C   OXT  sing N N 160 
HIS CB  CG   sing N N 161 
HIS CB  HB2  sing N N 162 
HIS CB  HB3  sing N N 163 
HIS CG  ND1  sing Y N 164 
HIS CG  CD2  doub Y N 165 
HIS ND1 CE1  doub Y N 166 
HIS ND1 HD1  sing N N 167 
HIS CD2 NE2  sing Y N 168 
HIS CD2 HD2  sing N N 169 
HIS CE1 NE2  sing Y N 170 
HIS CE1 HE1  sing N N 171 
HIS NE2 HE2  sing N N 172 
HIS OXT HXT  sing N N 173 
HOH O   H1   sing N N 174 
HOH O   H2   sing N N 175 
ILE N   CA   sing N N 176 
ILE N   H    sing N N 177 
ILE N   H2   sing N N 178 
ILE CA  C    sing N N 179 
ILE CA  CB   sing N N 180 
ILE CA  HA   sing N N 181 
ILE C   O    doub N N 182 
ILE C   OXT  sing N N 183 
ILE CB  CG1  sing N N 184 
ILE CB  CG2  sing N N 185 
ILE CB  HB   sing N N 186 
ILE CG1 CD1  sing N N 187 
ILE CG1 HG12 sing N N 188 
ILE CG1 HG13 sing N N 189 
ILE CG2 HG21 sing N N 190 
ILE CG2 HG22 sing N N 191 
ILE CG2 HG23 sing N N 192 
ILE CD1 HD11 sing N N 193 
ILE CD1 HD12 sing N N 194 
ILE CD1 HD13 sing N N 195 
ILE OXT HXT  sing N N 196 
LEU N   CA   sing N N 197 
LEU N   H    sing N N 198 
LEU N   H2   sing N N 199 
LEU CA  C    sing N N 200 
LEU CA  CB   sing N N 201 
LEU CA  HA   sing N N 202 
LEU C   O    doub N N 203 
LEU C   OXT  sing N N 204 
LEU CB  CG   sing N N 205 
LEU CB  HB2  sing N N 206 
LEU CB  HB3  sing N N 207 
LEU CG  CD1  sing N N 208 
LEU CG  CD2  sing N N 209 
LEU CG  HG   sing N N 210 
LEU CD1 HD11 sing N N 211 
LEU CD1 HD12 sing N N 212 
LEU CD1 HD13 sing N N 213 
LEU CD2 HD21 sing N N 214 
LEU CD2 HD22 sing N N 215 
LEU CD2 HD23 sing N N 216 
LEU OXT HXT  sing N N 217 
LFG N1  N2   sing Y N 218 
LFG N1  C4   doub Y N 219 
LFG N2  C5   doub Y N 220 
LFG C2  C3   sing N N 221 
LFG C2  C1   sing N N 222 
LFG C4  C3   sing N N 223 
LFG C4  O1   sing Y N 224 
LFG C3  C1   sing N N 225 
LFG C5  O1   sing Y N 226 
LFG C5  N3   sing N N 227 
LFG N3  C6   sing N N 228 
LFG C12 C6   sing N N 229 
LFG C12 C11  sing N N 230 
LFG C6  C7   sing N N 231 
LFG C11 C10  sing N N 232 
LFG C7  C8   sing N N 233 
LFG C10 C9   sing N N 234 
LFG C8  C9   sing N N 235 
LFG N3  H1   sing N N 236 
LFG C6  H2   sing N N 237 
LFG C7  H3   sing N N 238 
LFG C7  H4   sing N N 239 
LFG C8  H5   sing N N 240 
LFG C8  H6   sing N N 241 
LFG C10 H7   sing N N 242 
LFG C10 H8   sing N N 243 
LFG C1  H9   sing N N 244 
LFG C1  H10  sing N N 245 
LFG C11 H11  sing N N 246 
LFG C11 H12  sing N N 247 
LFG C12 H13  sing N N 248 
LFG C12 H14  sing N N 249 
LFG C2  H15  sing N N 250 
LFG C2  H16  sing N N 251 
LFG C3  H17  sing N N 252 
LFG C9  H18  sing N N 253 
LFG C9  H19  sing N N 254 
LYS N   CA   sing N N 255 
LYS N   H    sing N N 256 
LYS N   H2   sing N N 257 
LYS CA  C    sing N N 258 
LYS CA  CB   sing N N 259 
LYS CA  HA   sing N N 260 
LYS C   O    doub N N 261 
LYS C   OXT  sing N N 262 
LYS CB  CG   sing N N 263 
LYS CB  HB2  sing N N 264 
LYS CB  HB3  sing N N 265 
LYS CG  CD   sing N N 266 
LYS CG  HG2  sing N N 267 
LYS CG  HG3  sing N N 268 
LYS CD  CE   sing N N 269 
LYS CD  HD2  sing N N 270 
LYS CD  HD3  sing N N 271 
LYS CE  NZ   sing N N 272 
LYS CE  HE2  sing N N 273 
LYS CE  HE3  sing N N 274 
LYS NZ  HZ1  sing N N 275 
LYS NZ  HZ2  sing N N 276 
LYS NZ  HZ3  sing N N 277 
LYS OXT HXT  sing N N 278 
MET N   CA   sing N N 279 
MET N   H    sing N N 280 
MET N   H2   sing N N 281 
MET CA  C    sing N N 282 
MET CA  CB   sing N N 283 
MET CA  HA   sing N N 284 
MET C   O    doub N N 285 
MET C   OXT  sing N N 286 
MET CB  CG   sing N N 287 
MET CB  HB2  sing N N 288 
MET CB  HB3  sing N N 289 
MET CG  SD   sing N N 290 
MET CG  HG2  sing N N 291 
MET CG  HG3  sing N N 292 
MET SD  CE   sing N N 293 
MET CE  HE1  sing N N 294 
MET CE  HE2  sing N N 295 
MET CE  HE3  sing N N 296 
MET OXT HXT  sing N N 297 
PHE N   CA   sing N N 298 
PHE N   H    sing N N 299 
PHE N   H2   sing N N 300 
PHE CA  C    sing N N 301 
PHE CA  CB   sing N N 302 
PHE CA  HA   sing N N 303 
PHE C   O    doub N N 304 
PHE C   OXT  sing N N 305 
PHE CB  CG   sing N N 306 
PHE CB  HB2  sing N N 307 
PHE CB  HB3  sing N N 308 
PHE CG  CD1  doub Y N 309 
PHE CG  CD2  sing Y N 310 
PHE CD1 CE1  sing Y N 311 
PHE CD1 HD1  sing N N 312 
PHE CD2 CE2  doub Y N 313 
PHE CD2 HD2  sing N N 314 
PHE CE1 CZ   doub Y N 315 
PHE CE1 HE1  sing N N 316 
PHE CE2 CZ   sing Y N 317 
PHE CE2 HE2  sing N N 318 
PHE CZ  HZ   sing N N 319 
PHE OXT HXT  sing N N 320 
PRO N   CA   sing N N 321 
PRO N   CD   sing N N 322 
PRO N   H    sing N N 323 
PRO CA  C    sing N N 324 
PRO CA  CB   sing N N 325 
PRO CA  HA   sing N N 326 
PRO C   O    doub N N 327 
PRO C   OXT  sing N N 328 
PRO CB  CG   sing N N 329 
PRO CB  HB2  sing N N 330 
PRO CB  HB3  sing N N 331 
PRO CG  CD   sing N N 332 
PRO CG  HG2  sing N N 333 
PRO CG  HG3  sing N N 334 
PRO CD  HD2  sing N N 335 
PRO CD  HD3  sing N N 336 
PRO OXT HXT  sing N N 337 
SER N   CA   sing N N 338 
SER N   H    sing N N 339 
SER N   H2   sing N N 340 
SER CA  C    sing N N 341 
SER CA  CB   sing N N 342 
SER CA  HA   sing N N 343 
SER C   O    doub N N 344 
SER C   OXT  sing N N 345 
SER CB  OG   sing N N 346 
SER CB  HB2  sing N N 347 
SER CB  HB3  sing N N 348 
SER OG  HG   sing N N 349 
SER OXT HXT  sing N N 350 
THR N   CA   sing N N 351 
THR N   H    sing N N 352 
THR N   H2   sing N N 353 
THR CA  C    sing N N 354 
THR CA  CB   sing N N 355 
THR CA  HA   sing N N 356 
THR C   O    doub N N 357 
THR C   OXT  sing N N 358 
THR CB  OG1  sing N N 359 
THR CB  CG2  sing N N 360 
THR CB  HB   sing N N 361 
THR OG1 HG1  sing N N 362 
THR CG2 HG21 sing N N 363 
THR CG2 HG22 sing N N 364 
THR CG2 HG23 sing N N 365 
THR OXT HXT  sing N N 366 
TRP N   CA   sing N N 367 
TRP N   H    sing N N 368 
TRP N   H2   sing N N 369 
TRP CA  C    sing N N 370 
TRP CA  CB   sing N N 371 
TRP CA  HA   sing N N 372 
TRP C   O    doub N N 373 
TRP C   OXT  sing N N 374 
TRP CB  CG   sing N N 375 
TRP CB  HB2  sing N N 376 
TRP CB  HB3  sing N N 377 
TRP CG  CD1  doub Y N 378 
TRP CG  CD2  sing Y N 379 
TRP CD1 NE1  sing Y N 380 
TRP CD1 HD1  sing N N 381 
TRP CD2 CE2  doub Y N 382 
TRP CD2 CE3  sing Y N 383 
TRP NE1 CE2  sing Y N 384 
TRP NE1 HE1  sing N N 385 
TRP CE2 CZ2  sing Y N 386 
TRP CE3 CZ3  doub Y N 387 
TRP CE3 HE3  sing N N 388 
TRP CZ2 CH2  doub Y N 389 
TRP CZ2 HZ2  sing N N 390 
TRP CZ3 CH2  sing Y N 391 
TRP CZ3 HZ3  sing N N 392 
TRP CH2 HH2  sing N N 393 
TRP OXT HXT  sing N N 394 
TYR N   CA   sing N N 395 
TYR N   H    sing N N 396 
TYR N   H2   sing N N 397 
TYR CA  C    sing N N 398 
TYR CA  CB   sing N N 399 
TYR CA  HA   sing N N 400 
TYR C   O    doub N N 401 
TYR C   OXT  sing N N 402 
TYR CB  CG   sing N N 403 
TYR CB  HB2  sing N N 404 
TYR CB  HB3  sing N N 405 
TYR CG  CD1  doub Y N 406 
TYR CG  CD2  sing Y N 407 
TYR CD1 CE1  sing Y N 408 
TYR CD1 HD1  sing N N 409 
TYR CD2 CE2  doub Y N 410 
TYR CD2 HD2  sing N N 411 
TYR CE1 CZ   doub Y N 412 
TYR CE1 HE1  sing N N 413 
TYR CE2 CZ   sing Y N 414 
TYR CE2 HE2  sing N N 415 
TYR CZ  OH   sing N N 416 
TYR OH  HH   sing N N 417 
TYR OXT HXT  sing N N 418 
VAL N   CA   sing N N 419 
VAL N   H    sing N N 420 
VAL N   H2   sing N N 421 
VAL CA  C    sing N N 422 
VAL CA  CB   sing N N 423 
VAL CA  HA   sing N N 424 
VAL C   O    doub N N 425 
VAL C   OXT  sing N N 426 
VAL CB  CG1  sing N N 427 
VAL CB  CG2  sing N N 428 
VAL CB  HB   sing N N 429 
VAL CG1 HG11 sing N N 430 
VAL CG1 HG12 sing N N 431 
VAL CG1 HG13 sing N N 432 
VAL CG2 HG21 sing N N 433 
VAL CG2 HG22 sing N N 434 
VAL CG2 HG23 sing N N 435 
VAL OXT HXT  sing N N 436 
# 
_pdbx_deposit_group.group_id            G_1002061 
_pdbx_deposit_group.group_description   
;XDomainX of XOrganismX DCP2 (NUDT20) screened against the XXX Fragment Library by X-ray Crystallography at the XChem facility of Diamond Light Source beamline I04-1
;
_pdbx_deposit_group.group_title         'PanDDA analysis group deposition' 
_pdbx_deposit_group.group_type          'changed state' 
# 
_pdbx_related_exp_data_set.ordinal              1 
_pdbx_related_exp_data_set.data_reference       10.5281/zenodo.1437589 
_pdbx_related_exp_data_set.metadata_reference   10.5281/zenodo.1437589 
_pdbx_related_exp_data_set.data_set_type        'other data' 
_pdbx_related_exp_data_set.details              'Complete PanDDA analysis' 
# 
_atom_sites.entry_id                    5QP8 
_atom_sites.fract_transf_matrix[1][1]   0.01884215 
_atom_sites.fract_transf_matrix[1][2]   -0.00545663 
_atom_sites.fract_transf_matrix[1][3]   -0.00641937 
_atom_sites.fract_transf_matrix[2][1]   -0.00617224 
_atom_sites.fract_transf_matrix[2][2]   -0.00382708 
_atom_sites.fract_transf_matrix[2][3]   -0.01486364 
_atom_sites.fract_transf_matrix[3][1]   0.00254236 
_atom_sites.fract_transf_matrix[3][2]   0.01437539 
_atom_sites.fract_transf_matrix[3][3]   -0.00475710 
_atom_sites.fract_transf_vector[1]      -0.884009 
_atom_sites.fract_transf_vector[2]      0.226167 
_atom_sites.fract_transf_vector[3]      1.165712 
# 
loop_
_atom_type.symbol 
C 
N 
O 
S 
# 
loop_
_atom_site.group_PDB 
_atom_site.id 
_atom_site.type_symbol 
_atom_site.label_atom_id 
_atom_site.label_alt_id 
_atom_site.label_comp_id 
_atom_site.label_asym_id 
_atom_site.label_entity_id 
_atom_site.label_seq_id 
_atom_site.pdbx_PDB_ins_code 
_atom_site.Cartn_x 
_atom_site.Cartn_y 
_atom_site.Cartn_z 
_atom_site.occupancy 
_atom_site.B_iso_or_equiv 
_atom_site.pdbx_formal_charge 
_atom_site.auth_seq_id 
_atom_site.auth_comp_id 
_atom_site.auth_asym_id 
_atom_site.auth_atom_id 
_atom_site.pdbx_PDB_model_num 
ATOM   1    N N   . GLY A 1 3   ? 17.532  -4.284  -7.153  1.00 60.89 ? 96  GLY A N   1 
ATOM   2    C CA  . GLY A 1 3   ? 16.450  -3.302  -7.520  1.00 61.59 ? 96  GLY A CA  1 
ATOM   3    C C   . GLY A 1 3   ? 16.485  -2.044  -6.650  1.00 52.23 ? 96  GLY A C   1 
ATOM   4    O O   . GLY A 1 3   ? 16.989  -2.055  -5.509  1.00 54.51 ? 96  GLY A O   1 
ATOM   5    N N   . VAL A 1 4   ? 16.001  -0.932  -7.187  1.00 49.08 ? 97  VAL A N   1 
ATOM   6    C CA  . VAL A 1 4   ? 16.006  0.320   -6.403  1.00 48.86 ? 97  VAL A CA  1 
ATOM   7    C C   . VAL A 1 4   ? 14.861  0.212   -5.344  1.00 37.57 ? 97  VAL A C   1 
ATOM   8    O O   . VAL A 1 4   ? 13.769  -0.109  -5.773  1.00 41.05 ? 97  VAL A O   1 
ATOM   9    C CB  . VAL A 1 4   ? 15.712  1.527   -7.306  1.00 52.94 ? 97  VAL A CB  1 
ATOM   10   C CG1 . VAL A 1 4   ? 15.615  2.781   -6.463  1.00 54.44 ? 97  VAL A CG1 1 
ATOM   11   C CG2 . VAL A 1 4   ? 16.782  1.674   -8.419  1.00 54.56 ? 97  VAL A CG2 1 
ATOM   12   N N   . PRO A 1 5   ? 15.147  0.476   -4.029  1.00 41.79 ? 98  PRO A N   1 
ATOM   13   C CA  . PRO A 1 5   ? 14.114  0.391   -2.963  1.00 37.11 ? 98  PRO A CA  1 
ATOM   14   C C   . PRO A 1 5   ? 12.941  1.290   -3.261  1.00 34.54 ? 98  PRO A C   1 
ATOM   15   O O   . PRO A 1 5   ? 13.083  2.339   -3.925  1.00 31.03 ? 98  PRO A O   1 
ATOM   16   C CB  . PRO A 1 5   ? 14.827  0.825   -1.689  1.00 41.88 ? 98  PRO A CB  1 
ATOM   17   C CG  . PRO A 1 5   ? 16.298  0.682   -2.000  1.00 45.09 ? 98  PRO A CG  1 
ATOM   18   C CD  . PRO A 1 5   ? 16.491  0.644   -3.458  1.00 42.16 ? 98  PRO A CD  1 
ATOM   19   N N   . THR A 1 6   ? 11.754  0.807   -2.913  1.00 31.37 ? 99  THR A N   1 
ATOM   20   C CA  . THR A 1 6   ? 10.553  1.646   -2.904  1.00 29.68 ? 99  THR A CA  1 
ATOM   21   C C   . THR A 1 6   ? 10.038  1.951   -1.475  1.00 26.15 ? 99  THR A C   1 
ATOM   22   O O   . THR A 1 6   ? 10.181  1.170   -0.522  1.00 29.49 ? 99  THR A O   1 
ATOM   23   C CB  . THR A 1 6   ? 9.404   0.974   -3.720  1.00 34.87 ? 99  THR A CB  1 
ATOM   24   O OG1 . THR A 1 6   ? 9.146   -0.308  -3.169  1.00 29.95 ? 99  THR A OG1 1 
ATOM   25   C CG2 . THR A 1 6   ? 9.820   0.736   -5.150  1.00 35.93 ? 99  THR A CG2 1 
ATOM   26   N N   . TYR A 1 7   ? 9.379   3.128   -1.366  1.00 27.15 ? 100 TYR A N   1 
ATOM   27   C CA  . TYR A 1 7   ? 8.873   3.609   -0.125  1.00 27.61 ? 100 TYR A CA  1 
ATOM   28   C C   . TYR A 1 7   ? 7.508   4.201   -0.364  1.00 23.03 ? 100 TYR A C   1 
ATOM   29   O O   . TYR A 1 7   ? 7.250   4.756   -1.404  1.00 25.18 ? 100 TYR A O   1 
ATOM   30   C CB  . TYR A 1 7   ? 9.827   4.699   0.523   1.00 28.11 ? 100 TYR A CB  1 
ATOM   31   C CG  . TYR A 1 7   ? 11.182  4.171   0.829   1.00 29.32 ? 100 TYR A CG  1 
ATOM   32   C CD1 . TYR A 1 7   ? 11.415  3.403   1.952   1.00 31.82 ? 100 TYR A CD1 1 
ATOM   33   C CD2 . TYR A 1 7   ? 12.224  4.400   -0.054  1.00 32.98 ? 100 TYR A CD2 1 
ATOM   34   C CE1 . TYR A 1 7   ? 12.692  2.826   2.208   1.00 36.85 ? 100 TYR A CE1 1 
ATOM   35   C CE2 . TYR A 1 7   ? 13.485  3.835   0.163   1.00 33.92 ? 100 TYR A CE2 1 
ATOM   36   C CZ  . TYR A 1 7   ? 13.727  3.115   1.302   1.00 35.77 ? 100 TYR A CZ  1 
ATOM   37   O OH  . TYR A 1 7   ? 15.019  2.590   1.443   1.00 39.64 ? 100 TYR A OH  1 
ATOM   38   N N   . GLY A 1 8   ? 6.658   4.062   0.658   1.00 24.67 ? 101 GLY A N   1 
ATOM   39   C CA  . GLY A 1 8   ? 5.302   4.562   0.606   1.00 22.93 ? 101 GLY A CA  1 
ATOM   40   C C   . GLY A 1 8   ? 4.609   4.430   1.960   1.00 21.93 ? 101 GLY A C   1 
ATOM   41   O O   . GLY A 1 8   ? 5.255   4.497   3.017   1.00 23.69 ? 101 GLY A O   1 
ATOM   42   N N   . ALA A 1 9   ? 3.281   4.324   1.934   1.00 21.75 ? 102 ALA A N   1 
ATOM   43   C CA  . ALA A 1 9   ? 2.471   4.306   3.198   1.00 21.41 ? 102 ALA A CA  1 
ATOM   44   C C   . ALA A 1 9   ? 1.305   3.386   3.089   1.00 22.87 ? 102 ALA A C   1 
ATOM   45   O O   . ALA A 1 9   ? 0.696   3.231   2.047   1.00 22.72 ? 102 ALA A O   1 
ATOM   46   C CB  . ALA A 1 9   ? 1.989   5.653   3.614   1.00 23.79 ? 102 ALA A CB  1 
ATOM   47   N N   . ILE A 1 10  ? 1.004   2.827   4.251   1.00 20.22 ? 103 ILE A N   1 
ATOM   48   C CA  . ILE A 1 10  ? -0.321  2.239   4.551   1.00 20.50 ? 103 ILE A CA  1 
ATOM   49   C C   . ILE A 1 10  ? -1.035  3.232   5.415   1.00 20.81 ? 103 ILE A C   1 
ATOM   50   O O   . ILE A 1 10  ? -0.699  3.394   6.631   1.00 22.45 ? 103 ILE A O   1 
ATOM   51   C CB  . ILE A 1 10  ? -0.131  0.898   5.292   1.00 23.23 ? 103 ILE A CB  1 
ATOM   52   C CG1 . ILE A 1 10  ? 0.604   -0.078  4.409   1.00 24.07 ? 103 ILE A CG1 1 
ATOM   53   C CG2 . ILE A 1 10  ? -1.461  0.363   5.777   1.00 26.82 ? 103 ILE A CG2 1 
ATOM   54   C CD1 . ILE A 1 10  ? 1.079   -1.343  5.134   1.00 27.16 ? 103 ILE A CD1 1 
ATOM   55   N N   . ILE A 1 11  ? -2.054  3.853   4.876   1.00 19.85 ? 104 ILE A N   1 
ATOM   56   C CA  . ILE A 1 11  ? -2.838  4.857   5.505   1.00 20.92 ? 104 ILE A CA  1 
ATOM   57   C C   . ILE A 1 11  ? -4.070  4.110   5.997   1.00 21.59 ? 104 ILE A C   1 
ATOM   58   O O   . ILE A 1 11  ? -4.788  3.493   5.189   1.00 21.64 ? 104 ILE A O   1 
ATOM   59   C CB  . ILE A 1 11  ? -3.193  5.991   4.536   1.00 21.80 ? 104 ILE A CB  1 
ATOM   60   C CG1 . ILE A 1 11  ? -1.932  6.795   4.177   1.00 24.08 ? 104 ILE A CG1 1 
ATOM   61   C CG2 . ILE A 1 11  ? -4.257  6.872   5.096   1.00 24.00 ? 104 ILE A CG2 1 
ATOM   62   C CD1 . ILE A 1 11  ? -2.069  7.689   2.942   1.00 27.04 ? 104 ILE A CD1 1 
ATOM   63   N N   . LEU A 1 12  ? -4.390  4.243   7.279   1.00 20.62 ? 105 LEU A N   1 
ATOM   64   C CA  . LEU A 1 12  ? -5.621  3.715   7.830   1.00 21.14 ? 105 LEU A CA  1 
ATOM   65   C C   . LEU A 1 12  ? -6.515  4.864   8.336   1.00 22.01 ? 105 LEU A C   1 
ATOM   66   O O   . LEU A 1 12  ? -6.026  5.932   8.750   1.00 22.12 ? 105 LEU A O   1 
ATOM   67   C CB  . LEU A 1 12  ? -5.313  2.797   9.010   1.00 23.21 ? 105 LEU A CB  1 
ATOM   68   C CG  . LEU A 1 12  ? -4.469  1.600   8.571   1.00 30.02 ? 105 LEU A CG  1 
ATOM   69   C CD1 . LEU A 1 12  ? -3.056  1.725   9.011   1.00 32.32 ? 105 LEU A CD1 1 
ATOM   70   C CD2 . LEU A 1 12  ? -5.067  0.351   9.200   1.00 36.68 ? 105 LEU A CD2 1 
ATOM   71   N N   . ASP A 1 13  ? -7.812  4.561   8.478   1.00 22.70 ? 106 ASP A N   1 
ATOM   72   C CA  . ASP A 1 13  ? -8.711  5.542   8.944   1.00 24.00 ? 106 ASP A CA  1 
ATOM   73   C C   . ASP A 1 13  ? -8.722  5.558   10.474  1.00 24.94 ? 106 ASP A C   1 
ATOM   74   O O   . ASP A 1 13  ? -7.959  4.888   11.102  1.00 25.19 ? 106 ASP A O   1 
ATOM   75   C CB  . ASP A 1 13  ? -10.072 5.303   8.367   1.00 28.42 ? 106 ASP A CB  1 
ATOM   76   C CG  . ASP A 1 13  ? -10.704 3.999   8.862   1.00 33.38 ? 106 ASP A CG  1 
ATOM   77   O OD1 . ASP A 1 13  ? -10.026 3.036   9.281   1.00 28.17 ? 106 ASP A OD1 1 
ATOM   78   O OD2 . ASP A 1 13  ? -11.892 3.917   8.657   1.00 36.87 ? 106 ASP A OD2 1 
ATOM   79   N N   . GLU A 1 14  ? -9.689  6.221   11.046  1.00 25.80 ? 107 GLU A N   1 
ATOM   80   C CA  . GLU A 1 14  ? -9.737  6.386   12.501  1.00 28.15 ? 107 GLU A CA  1 
ATOM   81   C C   . GLU A 1 14  ? -10.265 5.137   13.230  1.00 28.21 ? 107 GLU A C   1 
ATOM   82   O O   . GLU A 1 14  ? -9.906  4.907   14.363  1.00 27.84 ? 107 GLU A O   1 
ATOM   83   C CB  . GLU A 1 14  ? -10.560 7.606   12.949  1.00 36.95 ? 107 GLU A CB  1 
ATOM   84   C CG  . GLU A 1 14  ? -12.036 7.538   12.605  1.00 37.87 ? 107 GLU A CG  1 
ATOM   85   C CD  . GLU A 1 14  ? -12.342 8.209   11.277  1.00 54.08 ? 107 GLU A CD  1 
ATOM   86   O OE1 . GLU A 1 14  ? -11.915 7.659   10.234  1.00 47.82 ? 107 GLU A OE1 1 
ATOM   87   O OE2 . GLU A 1 14  ? -12.967 9.305   11.245  1.00 68.68 ? 107 GLU A OE2 1 
ATOM   88   N N   . THR A 1 15  ? -11.020 4.261   12.518  1.00 28.16 ? 108 THR A N   1 
ATOM   89   C CA  . THR A 1 15  ? -11.485 3.038   13.074  1.00 26.42 ? 108 THR A CA  1 
ATOM   90   C C   . THR A 1 15  ? -10.470 1.888   13.048  1.00 26.04 ? 108 THR A C   1 
ATOM   91   O O   . THR A 1 15  ? -10.668 0.831   13.685  1.00 29.79 ? 108 THR A O   1 
ATOM   92   C CB  . THR A 1 15  ? -12.712 2.532   12.301  1.00 32.98 ? 108 THR A CB  1 
ATOM   93   O OG1 . THR A 1 15  ? -12.284 1.972   11.073  1.00 31.67 ? 108 THR A OG1 1 
ATOM   94   C CG2 . THR A 1 15  ? -13.748 3.567   12.030  1.00 34.56 ? 108 THR A CG2 1 
ATOM   95   N N   . LEU A 1 16  ? -9.395  2.053   12.269  1.00 26.84 ? 109 LEU A N   1 
ATOM   96   C CA  . LEU A 1 16  ? -8.395  1.050   11.980  1.00 25.98 ? 109 LEU A CA  1 
ATOM   97   C C   . LEU A 1 16  ? -8.891  -0.181  11.140  1.00 27.02 ? 109 LEU A C   1 
ATOM   98   O O   . LEU A 1 16  ? -8.145  -1.189  11.042  1.00 34.52 ? 109 LEU A O   1 
ATOM   99   C CB  . LEU A 1 16  ? -7.627  0.494   13.202  1.00 30.31 ? 109 LEU A CB  1 
ATOM   100  C CG  . LEU A 1 16  ? -7.211  1.532   14.235  1.00 32.40 ? 109 LEU A CG  1 
ATOM   101  C CD1 . LEU A 1 16  ? -6.773  0.906   15.541  1.00 39.38 ? 109 LEU A CD1 1 
ATOM   102  C CD2 . LEU A 1 16  ? -6.081  2.306   13.526  1.00 35.70 ? 109 LEU A CD2 1 
ATOM   103  N N   A GLU A 1 17  ? -10.103 -0.033  10.606  0.25 28.21 ? 110 GLU A N   1 
ATOM   104  N N   B GLU A 1 17  ? -10.037 -0.109  10.534  0.25 27.17 ? 110 GLU A N   1 
ATOM   105  C CA  A GLU A 1 17  ? -10.846 -1.019  9.811   0.25 28.55 ? 110 GLU A CA  1 
ATOM   106  C CA  B GLU A 1 17  ? -10.549 -1.237  9.775   0.25 27.52 ? 110 GLU A CA  1 
ATOM   107  C C   A GLU A 1 17  ? -10.378 -0.979  8.362   0.25 27.28 ? 110 GLU A C   1 
ATOM   108  C C   B GLU A 1 17  ? -10.628 -0.901  8.265   0.25 27.57 ? 110 GLU A C   1 
ATOM   109  O O   A GLU A 1 17  ? -10.307 -2.063  7.718   0.25 21.40 ? 110 GLU A O   1 
ATOM   110  O O   B GLU A 1 17  ? -11.145 -1.685  7.451   0.25 24.40 ? 110 GLU A O   1 
ATOM   111  C CB  A GLU A 1 17  ? -12.359 -0.687  9.717   0.25 31.36 ? 110 GLU A CB  1 
ATOM   112  C CB  B GLU A 1 17  ? -11.896 -1.622  10.360  0.25 27.90 ? 110 GLU A CB  1 
ATOM   113  C CG  A GLU A 1 17  ? -13.231 -0.918  10.956  0.25 33.44 ? 110 GLU A CG  1 
ATOM   114  C CG  B GLU A 1 17  ? -11.792 -2.148  11.782  0.25 29.82 ? 110 GLU A CG  1 
ATOM   115  C CD  A GLU A 1 17  ? -14.664 -0.376  10.819  0.25 37.37 ? 110 GLU A CD  1 
ATOM   116  C CD  B GLU A 1 17  ? -13.081 -2.744  12.297  0.25 34.75 ? 110 GLU A CD  1 
ATOM   117  O OE1 A GLU A 1 17  ? -14.864 0.858   10.706  0.25 39.77 ? 110 GLU A OE1 1 
ATOM   118  O OE1 B GLU A 1 17  ? -14.171 -2.443  11.761  0.25 37.97 ? 110 GLU A OE1 1 
ATOM   119  O OE2 A GLU A 1 17  ? -15.617 -1.185  10.871  0.25 35.26 ? 110 GLU A OE2 1 
ATOM   120  O OE2 B GLU A 1 17  ? -13.002 -3.509  13.266  0.25 36.57 ? 110 GLU A OE2 1 
ATOM   121  N N   . ASN A 1 18  ? -10.112 0.258   7.868   1.00 26.71 ? 111 ASN A N   1 
ATOM   122  C CA  . ASN A 1 18  ? -10.004 0.580   6.416   1.00 23.99 ? 111 ASN A CA  1 
ATOM   123  C C   . ASN A 1 18  ? -8.623  1.068   6.093   1.00 25.87 ? 111 ASN A C   1 
ATOM   124  O O   . ASN A 1 18  ? -7.987  1.721   6.893   1.00 23.37 ? 111 ASN A O   1 
ATOM   125  C CB  . ASN A 1 18  ? -11.033 1.606   6.021   1.00 27.22 ? 111 ASN A CB  1 
ATOM   126  C CG  . ASN A 1 18  ? -12.428 1.138   6.321   1.00 38.39 ? 111 ASN A CG  1 
ATOM   127  O OD1 . ASN A 1 18  ? -12.879 0.117   5.749   1.00 38.05 ? 111 ASN A OD1 1 
ATOM   128  N ND2 . ASN A 1 18  ? -13.053 1.760   7.293   1.00 34.25 ? 111 ASN A ND2 1 
ATOM   129  N N   . VAL A 1 19  ? -8.163  0.697   4.907   1.00 22.97 ? 112 VAL A N   1 
ATOM   130  C CA  . VAL A 1 19  ? -6.892  1.140   4.372   1.00 20.54 ? 112 VAL A CA  1 
ATOM   131  C C   . VAL A 1 19  ? -7.114  1.820   3.041   1.00 20.47 ? 112 VAL A C   1 
ATOM   132  O O   . VAL A 1 19  ? -8.011  1.485   2.271   1.00 20.77 ? 112 VAL A O   1 
ATOM   133  C CB  . VAL A 1 19  ? -5.895  -0.021  4.143   1.00 23.79 ? 112 VAL A CB  1 
ATOM   134  C CG1 . VAL A 1 19  ? -5.345  -0.596  5.401   1.00 29.99 ? 112 VAL A CG1 1 
ATOM   135  C CG2 . VAL A 1 19  ? -6.476  -1.132  3.229   1.00 23.30 ? 112 VAL A CG2 1 
ATOM   136  N N   . LEU A 1 20  ? -6.185  2.725   2.696   1.00 19.26 ? 113 LEU A N   1 
ATOM   137  C CA  . LEU A 1 20  ? -6.282  3.466   1.436   1.00 23.21 ? 113 LEU A CA  1 
ATOM   138  C C   . LEU A 1 20  ? -5.442  2.831   0.347   1.00 21.36 ? 113 LEU A C   1 
ATOM   139  O O   . LEU A 1 20  ? -4.234  2.696   0.470   1.00 23.30 ? 113 LEU A O   1 
ATOM   140  C CB  . LEU A 1 20  ? -5.830  4.912   1.655   1.00 21.86 ? 113 LEU A CB  1 
ATOM   141  C CG  . LEU A 1 20  ? -6.143  5.896   0.526   1.00 24.06 ? 113 LEU A CG  1 
ATOM   142  C CD1 . LEU A 1 20  ? -7.651  6.219   0.584   1.00 22.68 ? 113 LEU A CD1 1 
ATOM   143  C CD2 . LEU A 1 20  ? -5.372  7.177   0.668   1.00 27.58 ? 113 LEU A CD2 1 
ATOM   144  N N   . LEU A 1 21  ? -6.069  2.432   -0.743  1.00 22.12 ? 114 LEU A N   1 
ATOM   145  C CA  . LEU A 1 21  ? -5.305  1.885   -1.835  1.00 20.66 ? 114 LEU A CA  1 
ATOM   146  C C   . LEU A 1 21  ? -5.490  2.784   -3.038  1.00 20.65 ? 114 LEU A C   1 
ATOM   147  O O   . LEU A 1 21  ? -6.450  3.566   -3.153  1.00 21.70 ? 114 LEU A O   1 
ATOM   148  C CB  . LEU A 1 21  ? -5.839  0.498   -2.238  1.00 21.36 ? 114 LEU A CB  1 
ATOM   149  C CG  . LEU A 1 21  ? -5.731  -0.569  -1.156  1.00 23.01 ? 114 LEU A CG  1 
ATOM   150  C CD1 . LEU A 1 21  ? -6.207  -1.935  -1.646  1.00 24.36 ? 114 LEU A CD1 1 
ATOM   151  C CD2 . LEU A 1 21  ? -4.325  -0.688  -0.628  1.00 25.46 ? 114 LEU A CD2 1 
ATOM   152  N N   . VAL A 1 22  ? -4.567  2.658   -3.958  1.00 19.31 ? 115 VAL A N   1 
ATOM   153  C CA  . VAL A 1 22  ? -4.665  3.417   -5.207  1.00 19.78 ? 115 VAL A CA  1 
ATOM   154  C C   . VAL A 1 22  ? -4.545  2.456   -6.411  1.00 23.69 ? 115 VAL A C   1 
ATOM   155  O O   . VAL A 1 22  ? -4.027  1.365   -6.312  1.00 22.29 ? 115 VAL A O   1 
ATOM   156  C CB  . VAL A 1 22  ? -3.573  4.469   -5.351  1.00 23.34 ? 115 VAL A CB  1 
ATOM   157  C CG1 . VAL A 1 22  ? -3.659  5.479   -4.231  1.00 25.33 ? 115 VAL A CG1 1 
ATOM   158  C CG2 . VAL A 1 22  ? -2.190  3.830   -5.311  1.00 24.60 ? 115 VAL A CG2 1 
ATOM   159  N N   . GLN A 1 23  ? -5.172  2.845   -7.523  1.00 22.78 ? 116 GLN A N   1 
ATOM   160  C CA  . GLN A 1 23  ? -5.245  2.040   -8.709  1.00 20.62 ? 116 GLN A CA  1 
ATOM   161  C C   . GLN A 1 23  ? -4.492  2.751   -9.803  1.00 23.03 ? 116 GLN A C   1 
ATOM   162  O O   . GLN A 1 23  ? -4.789  3.897   -10.058 1.00 24.58 ? 116 GLN A O   1 
ATOM   163  C CB  . GLN A 1 23  ? -6.684  1.838   -9.101  1.00 22.18 ? 116 GLN A CB  1 
ATOM   164  C CG  . GLN A 1 23  ? -6.944  0.886   -10.262 1.00 22.81 ? 116 GLN A CG  1 
ATOM   165  C CD  . GLN A 1 23  ? -8.401  0.793   -10.593 1.00 25.40 ? 116 GLN A CD  1 
ATOM   166  O OE1 . GLN A 1 23  ? -9.149  1.773   -10.425 1.00 27.13 ? 116 GLN A OE1 1 
ATOM   167  N NE2 . GLN A 1 23  ? -8.819  -0.354  -11.021 1.00 27.62 ? 116 GLN A NE2 1 
ATOM   168  N N   . GLY A 1 24  ? -3.581  2.021   -10.389 1.00 24.55 ? 117 GLY A N   1 
ATOM   169  C CA  . GLY A 1 24  ? -2.760  2.575   -11.505 1.00 25.55 ? 117 GLY A CA  1 
ATOM   170  C C   . GLY A 1 24  ? -3.317  2.110   -12.841 1.00 28.90 ? 117 GLY A C   1 
ATOM   171  O O   . GLY A 1 24  ? -4.457  1.680   -12.953 1.00 27.13 ? 117 GLY A O   1 
ATOM   172  N N   . TYR A 1 25  ? -2.458  2.155   -13.833 1.00 28.21 ? 118 TYR A N   1 
ATOM   173  C CA  . TYR A 1 25  ? -2.775  1.762   -15.192 1.00 29.28 ? 118 TYR A CA  1 
ATOM   174  C C   . TYR A 1 25  ? -1.787  0.719   -15.692 1.00 31.06 ? 118 TYR A C   1 
ATOM   175  O O   . TYR A 1 25  ? -0.676  0.603   -15.172 1.00 29.59 ? 118 TYR A O   1 
ATOM   176  C CB  . TYR A 1 25  ? -2.616  2.961   -16.105 1.00 28.75 ? 118 TYR A CB  1 
ATOM   177  C CG  . TYR A 1 25  ? -3.640  4.027   -15.880 1.00 25.68 ? 118 TYR A CG  1 
ATOM   178  C CD1 . TYR A 1 25  ? -4.961  3.842   -16.236 1.00 24.89 ? 118 TYR A CD1 1 
ATOM   179  C CD2 . TYR A 1 25  ? -3.285  5.251   -15.332 1.00 24.74 ? 118 TYR A CD2 1 
ATOM   180  C CE1 . TYR A 1 25  ? -5.876  4.880   -16.010 1.00 22.70 ? 118 TYR A CE1 1 
ATOM   181  C CE2 . TYR A 1 25  ? -4.218  6.202   -15.060 1.00 27.45 ? 118 TYR A CE2 1 
ATOM   182  C CZ  . TYR A 1 25  ? -5.502  6.040   -15.443 1.00 26.38 ? 118 TYR A CZ  1 
ATOM   183  O OH  . TYR A 1 25  ? -6.469  6.972   -15.209 1.00 31.34 ? 118 TYR A OH  1 
ATOM   184  N N   . LEU A 1 26  ? -2.241  -0.022  -16.712 1.00 31.37 ? 119 LEU A N   1 
ATOM   185  C CA  . LEU A 1 26  ? -1.400  -0.972  -17.462 1.00 36.57 ? 119 LEU A CA  1 
ATOM   186  C C   . LEU A 1 26  ? -0.786  -2.040  -16.590 1.00 30.92 ? 119 LEU A C   1 
ATOM   187  O O   . LEU A 1 26  ? -1.511  -2.887  -16.093 1.00 34.57 ? 119 LEU A O   1 
ATOM   188  C CB  . LEU A 1 26  ? -0.350  -0.197  -18.274 1.00 41.15 ? 119 LEU A CB  1 
ATOM   189  C CG  . LEU A 1 26  ? -1.010  0.718   -19.335 1.00 45.22 ? 119 LEU A CG  1 
ATOM   190  C CD1 . LEU A 1 26  ? 0.090   1.586   -19.934 1.00 42.05 ? 119 LEU A CD1 1 
ATOM   191  C CD2 . LEU A 1 26  ? -1.784  -0.093  -20.387 1.00 44.74 ? 119 LEU A CD2 1 
ATOM   192  N N   . ALA A 1 27  ? 0.535   -2.041  -16.462 1.00 31.98 ? 120 ALA A N   1 
ATOM   193  C CA  . ALA A 1 27  ? 1.205   -3.027  -15.604 1.00 38.65 ? 120 ALA A CA  1 
ATOM   194  C C   . ALA A 1 27  ? 0.773   -2.853  -14.120 1.00 40.22 ? 120 ALA A C   1 
ATOM   195  O O   . ALA A 1 27  ? 0.782   -3.828  -13.359 1.00 39.45 ? 120 ALA A O   1 
ATOM   196  C CB  . ALA A 1 27  ? 2.705   -2.870  -15.727 1.00 42.85 ? 120 ALA A CB  1 
ATOM   197  N N   . LYS A 1 28  ? 0.441   -1.611  -13.743 1.00 36.16 ? 121 LYS A N   1 
ATOM   198  C CA  . LYS A 1 28  ? 0.032   -1.261  -12.409 1.00 36.25 ? 121 LYS A CA  1 
ATOM   199  C C   . LYS A 1 28  ? -1.507  -1.066  -12.337 1.00 32.29 ? 121 LYS A C   1 
ATOM   200  O O   . LYS A 1 28  ? -2.034  -0.285  -11.535 1.00 33.18 ? 121 LYS A O   1 
ATOM   201  C CB  . LYS A 1 28  ? 0.738   -0.012  -12.022 1.00 35.26 ? 121 LYS A CB  1 
ATOM   202  C CG  . LYS A 1 28  ? 2.229   -0.218  -11.820 1.00 39.68 ? 121 LYS A CG  1 
ATOM   203  C CD  . LYS A 1 28  ? 2.869   1.067   -11.334 1.00 45.07 ? 121 LYS A CD  1 
ATOM   204  C CE  . LYS A 1 28  ? 4.334   0.796   -10.998 1.00 58.46 ? 121 LYS A CE  1 
ATOM   205  N NZ  . LYS A 1 28  ? 5.040   2.087   -10.876 1.00 59.95 ? 121 LYS A NZ  1 
ATOM   206  N N   . SER A 1 29  ? -2.189  -1.793  -13.199 1.00 30.93 ? 122 SER A N   1 
ATOM   207  C CA  . SER A 1 29  ? -3.626  -1.653  -13.377 1.00 34.74 ? 122 SER A CA  1 
ATOM   208  C C   . SER A 1 29  ? -4.560  -1.999  -12.209 1.00 40.22 ? 122 SER A C   1 
ATOM   209  O O   . SER A 1 29  ? -5.787  -1.620  -12.181 1.00 47.87 ? 122 SER A O   1 
ATOM   210  C CB  . SER A 1 29  ? -4.050  -2.454  -14.610 1.00 33.74 ? 122 SER A CB  1 
ATOM   211  O OG  . SER A 1 29  ? -5.430  -2.395  -14.597 1.00 42.79 ? 122 SER A OG  1 
ATOM   212  N N   . GLY A 1 30  ? -4.026  -2.720  -11.268 1.00 28.26 ? 123 GLY A N   1 
ATOM   213  C CA  . GLY A 1 30  ? -4.787  -3.111  -10.026 1.00 27.49 ? 123 GLY A CA  1 
ATOM   214  C C   . GLY A 1 30  ? -4.578  -2.154  -8.844  1.00 26.54 ? 123 GLY A C   1 
ATOM   215  O O   . GLY A 1 30  ? -4.241  -0.971  -9.054  1.00 27.00 ? 123 GLY A O   1 
ATOM   216  N N   . TRP A 1 31  ? -4.913  -2.656  -7.654  1.00 24.27 ? 124 TRP A N   1 
ATOM   217  C CA  . TRP A 1 31  ? -4.936  -1.816  -6.471  1.00 22.53 ? 124 TRP A CA  1 
ATOM   218  C C   . TRP A 1 31  ? -3.740  -2.105  -5.668  1.00 23.32 ? 124 TRP A C   1 
ATOM   219  O O   . TRP A 1 31  ? -3.465  -3.272  -5.418  1.00 26.34 ? 124 TRP A O   1 
ATOM   220  C CB  . TRP A 1 31  ? -6.176  -2.112  -5.629  1.00 21.85 ? 124 TRP A CB  1 
ATOM   221  C CG  . TRP A 1 31  ? -7.482  -1.556  -6.283  1.00 21.59 ? 124 TRP A CG  1 
ATOM   222  C CD1 . TRP A 1 31  ? -8.353  -2.280  -7.084  1.00 24.24 ? 124 TRP A CD1 1 
ATOM   223  C CD2 . TRP A 1 31  ? -7.990  -0.249  -6.257  1.00 22.93 ? 124 TRP A CD2 1 
ATOM   224  N NE1 . TRP A 1 31  ? -9.363  -1.474  -7.532  1.00 24.31 ? 124 TRP A NE1 1 
ATOM   225  C CE2 . TRP A 1 31  ? -9.199  -0.236  -6.985  1.00 23.35 ? 124 TRP A CE2 1 
ATOM   226  C CE3 . TRP A 1 31  ? -7.610  0.920   -5.592  1.00 20.91 ? 124 TRP A CE3 1 
ATOM   227  C CZ2 . TRP A 1 31  ? -9.955  0.907   -7.114  1.00 23.96 ? 124 TRP A CZ2 1 
ATOM   228  C CZ3 . TRP A 1 31  ? -8.395  2.039   -5.694  1.00 25.05 ? 124 TRP A CZ3 1 
ATOM   229  C CH2 . TRP A 1 31  ? -9.547  2.015   -6.466  1.00 24.50 ? 124 TRP A CH2 1 
ATOM   230  N N   . GLY A 1 32  ? -3.082  -1.085  -5.113  1.00 21.46 ? 125 GLY A N   1 
ATOM   231  C CA  . GLY A 1 32  ? -1.902  -1.273  -4.318  1.00 21.34 ? 125 GLY A CA  1 
ATOM   232  C C   . GLY A 1 32  ? -1.761  -0.115  -3.388  1.00 20.46 ? 125 GLY A C   1 
ATOM   233  O O   . GLY A 1 32  ? -2.490  0.860   -3.449  1.00 22.89 ? 125 GLY A O   1 
ATOM   234  N N   . PHE A 1 33  ? -0.811  -0.248  -2.439  1.00 22.45 ? 126 PHE A N   1 
ATOM   235  C CA  . PHE A 1 33  ? -0.443  0.841   -1.577  1.00 21.10 ? 126 PHE A CA  1 
ATOM   236  C C   . PHE A 1 33  ? 0.322   1.899   -2.360  1.00 25.31 ? 126 PHE A C   1 
ATOM   237  O O   . PHE A 1 33  ? 1.087   1.567   -3.234  1.00 24.19 ? 126 PHE A O   1 
ATOM   238  C CB  . PHE A 1 33  ? 0.377   0.329   -0.390  1.00 20.06 ? 126 PHE A CB  1 
ATOM   239  C CG  . PHE A 1 33  ? -0.394  -0.553  0.486   1.00 23.88 ? 126 PHE A CG  1 
ATOM   240  C CD1 . PHE A 1 33  ? -1.411  -0.099  1.307   1.00 23.43 ? 126 PHE A CD1 1 
ATOM   241  C CD2 . PHE A 1 33  ? -0.224  -1.920  0.382   1.00 24.64 ? 126 PHE A CD2 1 
ATOM   242  C CE1 . PHE A 1 33  ? -2.148  -0.935  2.094   1.00 27.53 ? 126 PHE A CE1 1 
ATOM   243  C CE2 . PHE A 1 33  ? -1.014  -2.775  1.086   1.00 23.34 ? 126 PHE A CE2 1 
ATOM   244  C CZ  . PHE A 1 33  ? -1.980  -2.315  1.973   1.00 24.02 ? 126 PHE A CZ  1 
ATOM   245  N N   . PRO A 1 34  ? 0.106   3.171   -2.023  1.00 21.13 ? 127 PRO A N   1 
ATOM   246  C CA  . PRO A 1 34  ? 0.902   4.216   -2.657  1.00 23.96 ? 127 PRO A CA  1 
ATOM   247  C C   . PRO A 1 34  ? 2.366   4.103   -2.286  1.00 25.20 ? 127 PRO A C   1 
ATOM   248  O O   . PRO A 1 34  ? 2.736   4.044   -1.083  1.00 23.60 ? 127 PRO A O   1 
ATOM   249  C CB  . PRO A 1 34  ? 0.200   5.485   -2.228  1.00 23.26 ? 127 PRO A CB  1 
ATOM   250  C CG  . PRO A 1 34  ? -0.408  5.136   -0.893  1.00 21.37 ? 127 PRO A CG  1 
ATOM   251  C CD  . PRO A 1 34  ? -0.806  3.711   -1.020  1.00 21.54 ? 127 PRO A CD  1 
ATOM   252  N N   . LYS A 1 35  ? 3.226   4.061   -3.308  0.57 24.89 ? 128 LYS A N   1 
ATOM   253  C CA  . LYS A 1 35  ? 4.654   3.896   -3.128  0.57 27.34 ? 128 LYS A CA  1 
ATOM   254  C C   . LYS A 1 35  ? 5.402   4.049   -4.456  0.57 27.18 ? 128 LYS A C   1 
ATOM   255  O O   . LYS A 1 35  ? 4.851   3.836   -5.544  0.57 27.66 ? 128 LYS A O   1 
ATOM   256  C CB  . LYS A 1 35  ? 5.028   2.525   -2.523  0.57 28.08 ? 128 LYS A CB  1 
ATOM   257  C CG  . LYS A 1 35  ? 4.848   1.290   -3.418  0.57 28.96 ? 128 LYS A CG  1 
ATOM   258  C CD  . LYS A 1 35  ? 5.422   0.059   -2.730  0.57 33.54 ? 128 LYS A CD  1 
ATOM   259  C CE  . LYS A 1 35  ? 5.568   -1.163  -3.630  0.57 37.22 ? 128 LYS A CE  1 
ATOM   260  N NZ  . LYS A 1 35  ? 6.863   -1.188  -4.359  0.57 40.42 ? 128 LYS A NZ  1 
ATOM   261  N N   . GLY A 1 36  ? 6.686   4.308   -4.344  1.00 28.47 ? 129 GLY A N   1 
ATOM   262  C CA  . GLY A 1 36  ? 7.507   4.500   -5.528  1.00 28.80 ? 129 GLY A CA  1 
ATOM   263  C C   . GLY A 1 36  ? 8.971   4.484   -5.203  1.00 32.54 ? 129 GLY A C   1 
ATOM   264  O O   . GLY A 1 36  ? 9.390   4.303   -4.066  1.00 29.05 ? 129 GLY A O   1 
ATOM   265  N N   . LYS A 1 37  ? 9.768   4.618   -6.280  1.00 32.12 ? 130 LYS A N   1 
ATOM   266  C CA  . LYS A 1 37  ? 11.197  4.383   -6.199  1.00 35.32 ? 130 LYS A CA  1 
ATOM   267  C C   . LYS A 1 37  ? 11.936  5.576   -5.583  1.00 27.61 ? 130 LYS A C   1 
ATOM   268  O O   . LYS A 1 37  ? 11.577  6.732   -5.832  1.00 35.88 ? 130 LYS A O   1 
ATOM   269  C CB  . LYS A 1 37  ? 11.736  4.028   -7.631  1.00 41.41 ? 130 LYS A CB  1 
ATOM   270  C CG  . LYS A 1 37  ? 11.609  2.558   -8.028  1.00 42.16 ? 130 LYS A CG  1 
ATOM   271  C CD  . LYS A 1 37  ? 12.295  2.261   -9.375  1.00 45.76 ? 130 LYS A CD  1 
ATOM   272  N N   . VAL A 1 38  ? 12.953  5.252   -4.803  1.00 32.58 ? 131 VAL A N   1 
ATOM   273  C CA  . VAL A 1 38  ? 13.726  6.272   -4.080  1.00 37.84 ? 131 VAL A CA  1 
ATOM   274  C C   . VAL A 1 38  ? 14.610  6.973   -5.131  1.00 37.54 ? 131 VAL A C   1 
ATOM   275  O O   . VAL A 1 38  ? 15.111  6.293   -6.051  1.00 37.81 ? 131 VAL A O   1 
ATOM   276  C CB  . VAL A 1 38  ? 14.533  5.686   -2.909  1.00 36.62 ? 131 VAL A CB  1 
ATOM   277  C CG1 . VAL A 1 38  ? 15.558  4.617   -3.339  1.00 37.40 ? 131 VAL A CG1 1 
ATOM   278  C CG2 . VAL A 1 38  ? 15.162  6.797   -2.073  1.00 40.75 ? 131 VAL A CG2 1 
ATOM   279  N N   . ASN A 1 39  ? 14.741  8.296   -4.999  1.00 39.30 ? 132 ASN A N   1 
ATOM   280  C CA  . ASN A 1 39  ? 15.713  9.079   -5.839  1.00 43.79 ? 132 ASN A CA  1 
ATOM   281  C C   . ASN A 1 39  ? 17.103  8.999   -5.182  1.00 42.66 ? 132 ASN A C   1 
ATOM   282  O O   . ASN A 1 39  ? 17.228  8.767   -3.990  1.00 44.58 ? 132 ASN A O   1 
ATOM   283  C CB  . ASN A 1 39  ? 15.282  10.542  -5.943  1.00 41.56 ? 132 ASN A CB  1 
ATOM   284  C CG  . ASN A 1 39  ? 14.028  10.758  -6.744  1.00 41.27 ? 132 ASN A CG  1 
ATOM   285  O OD1 . ASN A 1 39  ? 13.744  10.059  -7.732  1.00 49.11 ? 132 ASN A OD1 1 
ATOM   286  N ND2 . ASN A 1 39  ? 13.247  11.741  -6.334  1.00 41.67 ? 132 ASN A ND2 1 
ATOM   287  N N   . LYS A 1 40  ? 18.174  9.203   -5.965  1.00 54.85 ? 133 LYS A N   1 
ATOM   288  C CA  . LYS A 1 40  ? 19.556  9.325   -5.405  1.00 52.23 ? 133 LYS A CA  1 
ATOM   289  C C   . LYS A 1 40  ? 19.682  10.269  -4.197  1.00 47.38 ? 133 LYS A C   1 
ATOM   290  O O   . LYS A 1 40  ? 19.131  11.372  -4.207  1.00 50.93 ? 133 LYS A O   1 
ATOM   291  C CB  . LYS A 1 40  ? 20.520  9.825   -6.497  1.00 59.89 ? 133 LYS A CB  1 
ATOM   292  N N   . GLU A 1 41  ? 20.404  9.829   -3.169  1.00 52.08 ? 134 GLU A N   1 
ATOM   293  C CA  . GLU A 1 41  ? 20.584  10.586  -1.909  1.00 59.24 ? 134 GLU A CA  1 
ATOM   294  C C   . GLU A 1 41  ? 19.268  11.010  -1.178  1.00 61.68 ? 134 GLU A C   1 
ATOM   295  O O   . GLU A 1 41  ? 19.327  11.870  -0.302  1.00 67.75 ? 134 GLU A O   1 
ATOM   296  C CB  . GLU A 1 41  ? 21.492  11.822  -2.145  1.00 64.39 ? 134 GLU A CB  1 
ATOM   297  N N   . GLU A 1 42  ? 18.110  10.389  -1.489  1.00 49.96 ? 135 GLU A N   1 
ATOM   298  C CA  . GLU A 1 42  ? 16.820  10.750  -0.854  1.00 43.37 ? 135 GLU A CA  1 
ATOM   299  C C   . GLU A 1 42  ? 16.631  9.819   0.308   1.00 41.02 ? 135 GLU A C   1 
ATOM   300  O O   . GLU A 1 42  ? 16.968  8.630   0.227   1.00 39.91 ? 135 GLU A O   1 
ATOM   301  C CB  . GLU A 1 42  ? 15.667  10.622  -1.825  1.00 39.09 ? 135 GLU A CB  1 
ATOM   302  C CG  . GLU A 1 42  ? 14.290  10.952  -1.279  1.00 38.91 ? 135 GLU A CG  1 
ATOM   303  C CD  . GLU A 1 42  ? 13.204  10.802  -2.320  1.00 39.89 ? 135 GLU A CD  1 
ATOM   304  O OE1 . GLU A 1 42  ? 13.267  9.803   -3.069  1.00 40.57 ? 135 GLU A OE1 1 
ATOM   305  O OE2 . GLU A 1 42  ? 12.261  11.650  -2.350  1.00 39.88 ? 135 GLU A OE2 1 
ATOM   306  N N   . ALA A 1 43  ? 16.186  10.382  1.429   1.00 39.45 ? 136 ALA A N   1 
ATOM   307  C CA  . ALA A 1 43  ? 16.041  9.620   2.671   1.00 37.92 ? 136 ALA A CA  1 
ATOM   308  C C   . ALA A 1 43  ? 14.720  8.806   2.521   1.00 35.12 ? 136 ALA A C   1 
ATOM   309  O O   . ALA A 1 43  ? 13.806  9.290   1.905   1.00 33.89 ? 136 ALA A O   1 
ATOM   310  C CB  . ALA A 1 43  ? 15.960  10.559  3.862   1.00 41.91 ? 136 ALA A CB  1 
ATOM   311  N N   . PRO A 1 44  ? 14.624  7.655   3.170   1.00 39.82 ? 137 PRO A N   1 
ATOM   312  C CA  . PRO A 1 44  ? 13.399  6.830   3.056   1.00 37.16 ? 137 PRO A CA  1 
ATOM   313  C C   . PRO A 1 44  ? 12.121  7.621   3.411   1.00 34.63 ? 137 PRO A C   1 
ATOM   314  O O   . PRO A 1 44  ? 11.164  7.570   2.632   1.00 32.08 ? 137 PRO A O   1 
ATOM   315  C CB  . PRO A 1 44  ? 13.655  5.731   4.060   1.00 38.20 ? 137 PRO A CB  1 
ATOM   316  C CG  . PRO A 1 44  ? 15.183  5.550   4.040   1.00 37.70 ? 137 PRO A CG  1 
ATOM   317  C CD  . PRO A 1 44  ? 15.669  6.993   3.948   1.00 36.76 ? 137 PRO A CD  1 
ATOM   318  N N   . HIS A 1 45  ? 12.090  8.297   4.559   1.00 34.42 ? 138 HIS A N   1 
ATOM   319  C CA  . HIS A 1 45  ? 10.861  9.060   4.960   1.00 36.48 ? 138 HIS A CA  1 
ATOM   320  C C   . HIS A 1 45  ? 10.488  10.127  3.939   1.00 33.71 ? 138 HIS A C   1 
ATOM   321  O O   . HIS A 1 45  ? 9.306   10.383  3.662   1.00 28.08 ? 138 HIS A O   1 
ATOM   322  C CB  . HIS A 1 45  ? 11.024  9.592   6.401   1.00 40.29 ? 138 HIS A CB  1 
ATOM   323  C CG  . HIS A 1 45  ? 11.882  10.811  6.506   1.00 51.12 ? 138 HIS A CG  1 
ATOM   324  N ND1 . HIS A 1 45  ? 13.226  10.746  6.845   1.00 61.53 ? 138 HIS A ND1 1 
ATOM   325  C CD2 . HIS A 1 45  ? 11.593  12.133  6.364   1.00 51.94 ? 138 HIS A CD2 1 
ATOM   326  C CE1 . HIS A 1 45  ? 13.724  11.973  6.895   1.00 58.47 ? 138 HIS A CE1 1 
ATOM   327  N NE2 . HIS A 1 45  ? 12.760  12.830  6.594   1.00 62.08 ? 138 HIS A NE2 1 
ATOM   328  N N   . ASP A 1 46  ? 11.492  10.746  3.277   1.00 33.76 ? 139 ASP A N   1 
ATOM   329  C CA  . ASP A 1 46  ? 11.170  11.761  2.303   1.00 32.95 ? 139 ASP A CA  1 
ATOM   330  C C   . ASP A 1 46  ? 10.610  11.137  1.011   1.00 28.38 ? 139 ASP A C   1 
ATOM   331  O O   . ASP A 1 46  ? 9.713   11.674  0.431   1.00 30.26 ? 139 ASP A O   1 
ATOM   332  C CB  . ASP A 1 46  ? 12.405  12.613  1.949   1.00 33.20 ? 139 ASP A CB  1 
ATOM   333  C CG  . ASP A 1 46  ? 12.810  13.537  3.066   1.00 41.23 ? 139 ASP A CG  1 
ATOM   334  O OD1 . ASP A 1 46  ? 11.926  14.030  3.797   1.00 36.66 ? 139 ASP A OD1 1 
ATOM   335  O OD2 . ASP A 1 46  ? 14.040  13.757  3.233   1.00 45.31 ? 139 ASP A OD2 1 
ATOM   336  N N   . CYS A 1 47  ? 11.173  10.001  0.584   1.00 30.25 ? 140 CYS A N   1 
ATOM   337  C CA  . CYS A 1 47  ? 10.655  9.312   -0.571  1.00 28.65 ? 140 CYS A CA  1 
ATOM   338  C C   . CYS A 1 47  ? 9.169   8.864   -0.295  1.00 25.83 ? 140 CYS A C   1 
ATOM   339  O O   . CYS A 1 47  ? 8.296   9.070   -1.139  1.00 25.39 ? 140 CYS A O   1 
ATOM   340  C CB  . CYS A 1 47  ? 11.477  8.090   -0.859  1.00 28.97 ? 140 CYS A CB  1 
ATOM   341  S SG  . CYS A 1 47  ? 10.795  7.047   -2.165  1.00 33.99 ? 140 CYS A SG  1 
ATOM   342  N N   . ALA A 1 48  ? 8.970   8.299   0.869   1.00 27.99 ? 141 ALA A N   1 
ATOM   343  C CA  . ALA A 1 48  ? 7.569   7.846   1.228   1.00 26.61 ? 141 ALA A CA  1 
ATOM   344  C C   . ALA A 1 48  ? 6.638   8.988   1.131   1.00 25.52 ? 141 ALA A C   1 
ATOM   345  O O   . ALA A 1 48  ? 5.595   8.931   0.532   1.00 24.07 ? 141 ALA A O   1 
ATOM   346  C CB  . ALA A 1 48  ? 7.509   7.192   2.594   1.00 26.48 ? 141 ALA A CB  1 
ATOM   347  N N   . ALA A 1 49  ? 6.967   10.137  1.759   1.00 26.06 ? 142 ALA A N   1 
ATOM   348  C CA  . ALA A 1 49  ? 6.087   11.243  1.678   1.00 25.66 ? 142 ALA A CA  1 
ATOM   349  C C   . ALA A 1 49  ? 5.886   11.825  0.277   1.00 25.77 ? 142 ALA A C   1 
ATOM   350  O O   . ALA A 1 49  ? 4.797   12.215  -0.071  1.00 24.21 ? 142 ALA A O   1 
ATOM   351  C CB  . ALA A 1 49  ? 6.575   12.348  2.601   1.00 26.27 ? 142 ALA A CB  1 
ATOM   352  N N   . ARG A 1 50  ? 6.927   11.846  -0.531  1.00 24.78 ? 143 ARG A N   1 
ATOM   353  C CA  . ARG A 1 50  ? 6.808   12.374  -1.852  1.00 27.72 ? 143 ARG A CA  1 
ATOM   354  C C   . ARG A 1 50  ? 5.900   11.483  -2.696  1.00 30.26 ? 143 ARG A C   1 
ATOM   355  O O   . ARG A 1 50  ? 5.096   11.950  -3.467  1.00 26.34 ? 143 ARG A O   1 
ATOM   356  C CB  . ARG A 1 50  ? 8.201   12.412  -2.503  1.00 30.77 ? 143 ARG A CB  1 
ATOM   357  C CG  . ARG A 1 50  ? 8.250   12.961  -3.921  1.00 31.75 ? 143 ARG A CG  1 
ATOM   358  C CD  . ARG A 1 50  ? 9.665   13.013  -4.452  1.00 33.57 ? 143 ARG A CD  1 
ATOM   359  N NE  . ARG A 1 50  ? 10.407  11.735  -4.335  1.00 33.76 ? 143 ARG A NE  1 
ATOM   360  C CZ  . ARG A 1 50  ? 10.320  10.660  -5.157  1.00 33.03 ? 143 ARG A CZ  1 
ATOM   361  N NH1 . ARG A 1 50  ? 9.523   10.614  -6.191  1.00 36.36 ? 143 ARG A NH1 1 
ATOM   362  N NH2 . ARG A 1 50  ? 11.005  9.595   -4.912  1.00 32.34 ? 143 ARG A NH2 1 
ATOM   363  N N   . GLU A 1 51  ? 6.164   10.189  -2.638  1.00 32.52 ? 144 GLU A N   1 
ATOM   364  C CA  . GLU A 1 51  ? 5.376   9.246   -3.458  1.00 29.53 ? 144 GLU A CA  1 
ATOM   365  C C   . GLU A 1 51  ? 3.917   9.276   -3.033  1.00 25.45 ? 144 GLU A C   1 
ATOM   366  O O   . GLU A 1 51  ? 3.029   9.254   -3.862  1.00 27.07 ? 144 GLU A O   1 
ATOM   367  C CB  . GLU A 1 51  ? 5.930   7.871   -3.341  1.00 30.82 ? 144 GLU A CB  1 
ATOM   368  C CG  . GLU A 1 51  ? 7.291   7.672   -3.944  1.00 32.58 ? 144 GLU A CG  1 
ATOM   369  C CD  . GLU A 1 51  ? 7.285   7.693   -5.456  1.00 44.22 ? 144 GLU A CD  1 
ATOM   370  O OE1 . GLU A 1 51  ? 6.203   7.693   -6.064  1.00 38.18 ? 144 GLU A OE1 1 
ATOM   371  O OE2 . GLU A 1 51  ? 8.405   7.679   -6.029  1.00 43.47 ? 144 GLU A OE2 1 
ATOM   372  N N   . VAL A 1 52  ? 3.659   9.332   -1.712  1.00 24.78 ? 145 VAL A N   1 
ATOM   373  C CA  . VAL A 1 52  ? 2.284   9.396   -1.266  1.00 23.52 ? 145 VAL A CA  1 
ATOM   374  C C   . VAL A 1 52  ? 1.585   10.653  -1.657  1.00 25.04 ? 145 VAL A C   1 
ATOM   375  O O   . VAL A 1 52  ? 0.440   10.612  -2.080  1.00 25.48 ? 145 VAL A O   1 
ATOM   376  C CB  . VAL A 1 52  ? 2.137   9.068   0.224   1.00 22.81 ? 145 VAL A CB  1 
ATOM   377  C CG1 . VAL A 1 52  ? 0.723   9.325   0.698   1.00 27.14 ? 145 VAL A CG1 1 
ATOM   378  C CG2 . VAL A 1 52  ? 2.634   7.639   0.476   1.00 24.16 ? 145 VAL A CG2 1 
ATOM   379  N N   . PHE A 1 53  ? 2.307   11.800  -1.546  1.00 24.85 ? 146 PHE A N   1 
ATOM   380  C CA  . PHE A 1 53  ? 1.695   13.030  -1.944  1.00 23.70 ? 146 PHE A CA  1 
ATOM   381  C C   . PHE A 1 53  ? 1.448   13.020  -3.471  1.00 23.72 ? 146 PHE A C   1 
ATOM   382  O O   . PHE A 1 53  ? 0.451   13.482  -3.895  1.00 28.42 ? 146 PHE A O   1 
ATOM   383  C CB  . PHE A 1 53  ? 2.579   14.235  -1.543  1.00 24.11 ? 146 PHE A CB  1 
ATOM   384  C CG  . PHE A 1 53  ? 1.897   15.551  -1.755  1.00 30.09 ? 146 PHE A CG  1 
ATOM   385  C CD1 . PHE A 1 53  ? 0.930   16.004  -0.904  1.00 32.43 ? 146 PHE A CD1 1 
ATOM   386  C CD2 . PHE A 1 53  ? 2.209   16.305  -2.887  1.00 38.55 ? 146 PHE A CD2 1 
ATOM   387  C CE1 . PHE A 1 53  ? 0.284   17.234  -1.110  1.00 36.32 ? 146 PHE A CE1 1 
ATOM   388  C CE2 . PHE A 1 53  ? 1.555   17.519  -3.111  1.00 39.74 ? 146 PHE A CE2 1 
ATOM   389  C CZ  . PHE A 1 53  ? 0.584   17.969  -2.222  1.00 41.57 ? 146 PHE A CZ  1 
ATOM   390  N N   . GLU A 1 54  ? 2.392   12.520  -4.243  1.00 26.86 ? 147 GLU A N   1 
ATOM   391  C CA  . GLU A 1 54  ? 2.182   12.482  -5.754  1.00 31.89 ? 147 GLU A CA  1 
ATOM   392  C C   . GLU A 1 54  ? 1.005   11.645  -6.140  1.00 29.75 ? 147 GLU A C   1 
ATOM   393  O O   . GLU A 1 54  ? 0.325   11.911  -7.096  1.00 29.86 ? 147 GLU A O   1 
ATOM   394  C CB  . GLU A 1 54  ? 3.416   11.904  -6.443  1.00 36.14 ? 147 GLU A CB  1 
ATOM   395  C CG  . GLU A 1 54  ? 4.687   12.754  -6.507  1.00 52.77 ? 147 GLU A CG  1 
ATOM   396  C CD  . GLU A 1 54  ? 5.909   12.028  -7.162  1.00 58.91 ? 147 GLU A CD  1 
ATOM   397  O OE1 . GLU A 1 54  ? 5.811   10.786  -7.495  1.00 62.13 ? 147 GLU A OE1 1 
ATOM   398  O OE2 . GLU A 1 54  ? 7.005   12.688  -7.341  1.00 55.45 ? 147 GLU A OE2 1 
ATOM   399  N N   . GLU A 1 55  ? 0.807   10.534  -5.412  1.00 27.38 ? 148 GLU A N   1 
ATOM   400  C CA  . GLU A 1 55  ? -0.252  9.573   -5.760  1.00 27.90 ? 148 GLU A CA  1 
ATOM   401  C C   . GLU A 1 55  ? -1.618  9.813   -5.143  1.00 27.86 ? 148 GLU A C   1 
ATOM   402  O O   . GLU A 1 55  ? -2.605  9.321   -5.640  1.00 30.74 ? 148 GLU A O   1 
ATOM   403  C CB  . GLU A 1 55  ? 0.267   8.143   -5.495  1.00 27.52 ? 148 GLU A CB  1 
ATOM   404  C CG  . GLU A 1 55  ? 1.444   7.810   -6.369  1.00 30.79 ? 148 GLU A CG  1 
ATOM   405  C CD  . GLU A 1 55  ? 2.116   6.512   -6.081  1.00 36.58 ? 148 GLU A CD  1 
ATOM   406  O OE1 . GLU A 1 55  ? 1.479   5.641   -5.494  1.00 30.63 ? 148 GLU A OE1 1 
ATOM   407  O OE2 . GLU A 1 55  ? 3.336   6.434   -6.376  1.00 39.00 ? 148 GLU A OE2 1 
ATOM   408  N N   . THR A 1 56  ? -1.654  10.560  -4.038  1.00 25.61 ? 149 THR A N   1 
ATOM   409  C CA  . THR A 1 56  ? -2.898  10.764  -3.256  1.00 26.66 ? 149 THR A CA  1 
ATOM   410  C C   . THR A 1 56  ? -3.223  12.188  -2.928  1.00 26.30 ? 149 THR A C   1 
ATOM   411  O O   . THR A 1 56  ? -4.345  12.457  -2.458  1.00 29.02 ? 149 THR A O   1 
ATOM   412  C CB  . THR A 1 56  ? -2.854  10.040  -1.873  1.00 26.77 ? 149 THR A CB  1 
ATOM   413  O OG1 . THR A 1 56  ? -1.877  10.652  -1.008  1.00 26.14 ? 149 THR A OG1 1 
ATOM   414  C CG2 . THR A 1 56  ? -2.395  8.584   -2.039  1.00 23.48 ? 149 THR A CG2 1 
ATOM   415  N N   . GLY A 1 57  ? -2.254  13.077  -3.073  1.00 28.63 ? 150 GLY A N   1 
ATOM   416  C CA  . GLY A 1 57  ? -2.491  14.464  -2.650  1.00 30.54 ? 150 GLY A CA  1 
ATOM   417  C C   . GLY A 1 57  ? -2.542  14.708  -1.133  1.00 34.33 ? 150 GLY A C   1 
ATOM   418  O O   . GLY A 1 57  ? -2.928  15.758  -0.687  1.00 33.12 ? 150 GLY A O   1 
ATOM   419  N N   . PHE A 1 58  ? -2.138  13.745  -0.338  1.00 26.82 ? 151 PHE A N   1 
ATOM   420  C CA  . PHE A 1 58  ? -2.214  13.823  1.108   1.00 25.74 ? 151 PHE A CA  1 
ATOM   421  C C   . PHE A 1 58  ? -0.815  13.797  1.591   1.00 28.40 ? 151 PHE A C   1 
ATOM   422  O O   . PHE A 1 58  ? 0.007   12.948  1.203   1.00 27.18 ? 151 PHE A O   1 
ATOM   423  C CB  . PHE A 1 58  ? -3.066  12.726  1.692   1.00 28.16 ? 151 PHE A CB  1 
ATOM   424  C CG  . PHE A 1 58  ? -3.158  12.784  3.211   1.00 25.89 ? 151 PHE A CG  1 
ATOM   425  C CD1 . PHE A 1 58  ? -4.004  13.661  3.821   1.00 31.03 ? 151 PHE A CD1 1 
ATOM   426  C CD2 . PHE A 1 58  ? -2.341  11.980  3.978   1.00 29.64 ? 151 PHE A CD2 1 
ATOM   427  C CE1 . PHE A 1 58  ? -4.067  13.751  5.186   1.00 30.53 ? 151 PHE A CE1 1 
ATOM   428  C CE2 . PHE A 1 58  ? -2.408  12.028  5.366   1.00 33.30 ? 151 PHE A CE2 1 
ATOM   429  C CZ  . PHE A 1 58  ? -3.255  12.950  5.943   1.00 32.42 ? 151 PHE A CZ  1 
ATOM   430  N N   . ASP A 1 59  ? -0.459  14.729  2.500   1.00 29.33 ? 152 ASP A N   1 
ATOM   431  C CA  . ASP A 1 59  ? 0.914   14.851  2.968   1.00 30.49 ? 152 ASP A CA  1 
ATOM   432  C C   . ASP A 1 59  ? 1.080   14.163  4.279   1.00 30.80 ? 152 ASP A C   1 
ATOM   433  O O   . ASP A 1 59  ? 0.486   14.578  5.300   1.00 30.08 ? 152 ASP A O   1 
ATOM   434  C CB  . ASP A 1 59  ? 1.274   16.356  3.104   1.00 31.20 ? 152 ASP A CB  1 
ATOM   435  C CG  . ASP A 1 59  ? 2.681   16.590  3.547   1.00 37.03 ? 152 ASP A CG  1 
ATOM   436  O OD1 . ASP A 1 59  ? 3.524   15.659  3.721   1.00 32.88 ? 152 ASP A OD1 1 
ATOM   437  O OD2 . ASP A 1 59  ? 2.958   17.788  3.771   1.00 44.58 ? 152 ASP A OD2 1 
ATOM   438  N N   . ILE A 1 60  ? 1.888   13.124  4.296   1.00 27.40 ? 153 ILE A N   1 
ATOM   439  C CA  . ILE A 1 60  ? 2.115   12.310  5.537   1.00 27.74 ? 153 ILE A CA  1 
ATOM   440  C C   . ILE A 1 60  ? 3.285   12.733  6.400   1.00 26.35 ? 153 ILE A C   1 
ATOM   441  O O   . ILE A 1 60  ? 3.569   12.131  7.362   1.00 27.85 ? 153 ILE A O   1 
ATOM   442  C CB  . ILE A 1 60  ? 2.276   10.832  5.225   1.00 26.62 ? 153 ILE A CB  1 
ATOM   443  C CG1 . ILE A 1 60  ? 3.528   10.538  4.371   1.00 30.39 ? 153 ILE A CG1 1 
ATOM   444  C CG2 . ILE A 1 60  ? 0.981   10.279  4.660   1.00 29.60 ? 153 ILE A CG2 1 
ATOM   445  C CD1 . ILE A 1 60  ? 3.825   9.033   4.334   1.00 29.39 ? 153 ILE A CD1 1 
ATOM   446  N N   . LYS A 1 61  ? 3.922   13.791  6.033   1.00 27.48 ? 154 LYS A N   1 
ATOM   447  C CA  . LYS A 1 61  ? 5.205   14.105  6.567   1.00 30.62 ? 154 LYS A CA  1 
ATOM   448  C C   . LYS A 1 61  ? 5.072   14.320  8.105   1.00 28.27 ? 154 LYS A C   1 
ATOM   449  O O   . LYS A 1 61  ? 5.854   13.775  8.819   1.00 33.80 ? 154 LYS A O   1 
ATOM   450  C CB  . LYS A 1 61  ? 5.793   15.336  5.868   1.00 37.58 ? 154 LYS A CB  1 
ATOM   451  C CG  . LYS A 1 61  ? 6.808   16.137  6.664   1.00 48.94 ? 154 LYS A CG  1 
ATOM   452  C CD  . LYS A 1 61  ? 7.528   17.237  5.840   1.00 55.82 ? 154 LYS A CD  1 
ATOM   453  C CE  . LYS A 1 61  ? 6.577   18.189  5.091   1.00 61.56 ? 154 LYS A CE  1 
ATOM   454  N NZ  . LYS A 1 61  ? 5.740   19.095  5.946   1.00 71.36 ? 154 LYS A NZ  1 
ATOM   455  N N   . ASP A 1 62  ? 4.040   15.024  8.523   1.00 32.35 ? 155 ASP A N   1 
ATOM   456  C CA  . ASP A 1 62  ? 3.860   15.328  9.978   1.00 31.01 ? 155 ASP A CA  1 
ATOM   457  C C   . ASP A 1 62  ? 3.434   14.084  10.763  1.00 33.19 ? 155 ASP A C   1 
ATOM   458  O O   . ASP A 1 62  ? 3.394   14.123  12.009  1.00 30.47 ? 155 ASP A O   1 
ATOM   459  C CB  . ASP A 1 62  ? 2.777   16.401  10.168  1.00 39.32 ? 155 ASP A CB  1 
ATOM   460  C CG  . ASP A 1 62  ? 3.205   17.800  9.753   1.00 45.37 ? 155 ASP A CG  1 
ATOM   461  O OD1 . ASP A 1 62  ? 4.395   18.046  9.459   1.00 42.03 ? 155 ASP A OD1 1 
ATOM   462  O OD2 . ASP A 1 62  ? 2.310   18.683  9.757   1.00 48.58 ? 155 ASP A OD2 1 
ATOM   463  N N   . TYR A 1 63  ? 3.121   12.973  10.065  1.00 28.19 ? 156 TYR A N   1 
ATOM   464  C CA  . TYR A 1 63  ? 2.623   11.726  10.739  1.00 29.59 ? 156 TYR A CA  1 
ATOM   465  C C   . TYR A 1 63  ? 3.492   10.513  10.691  1.00 28.25 ? 156 TYR A C   1 
ATOM   466  O O   . TYR A 1 63  ? 3.302   9.576   11.477  1.00 34.28 ? 156 TYR A O   1 
ATOM   467  C CB  . TYR A 1 63  ? 1.320   11.367  10.135  1.00 30.89 ? 156 TYR A CB  1 
ATOM   468  C CG  . TYR A 1 63  ? 0.404   12.463  10.080  1.00 30.79 ? 156 TYR A CG  1 
ATOM   469  C CD1 . TYR A 1 63  ? 0.125   13.197  11.263  1.00 35.05 ? 156 TYR A CD1 1 
ATOM   470  C CD2 . TYR A 1 63  ? -0.044  12.967  8.907   1.00 29.89 ? 156 TYR A CD2 1 
ATOM   471  C CE1 . TYR A 1 63  ? -0.635  14.292  11.214  1.00 32.93 ? 156 TYR A CE1 1 
ATOM   472  C CE2 . TYR A 1 63  ? -0.869  14.077  8.832   1.00 35.09 ? 156 TYR A CE2 1 
ATOM   473  C CZ  . TYR A 1 63  ? -1.185  14.714  10.022  1.00 41.91 ? 156 TYR A CZ  1 
ATOM   474  O OH  . TYR A 1 63  ? -1.958  15.805  10.052  1.00 44.41 ? 156 TYR A OH  1 
ATOM   475  N N   . ILE A 1 64  ? 4.499   10.499  9.834   1.00 28.24 ? 157 ILE A N   1 
ATOM   476  C CA  . ILE A 1 64  ? 5.440   9.380   9.834   1.00 29.78 ? 157 ILE A CA  1 
ATOM   477  C C   . ILE A 1 64  ? 6.076   9.126   11.150  1.00 34.89 ? 157 ILE A C   1 
ATOM   478  O O   . ILE A 1 64  ? 6.643   10.083  11.757  1.00 36.51 ? 157 ILE A O   1 
ATOM   479  C CB  . ILE A 1 64  ? 6.578   9.577   8.795   1.00 34.79 ? 157 ILE A CB  1 
ATOM   480  C CG1 . ILE A 1 64  ? 6.021   9.427   7.406   1.00 42.44 ? 157 ILE A CG1 1 
ATOM   481  C CG2 . ILE A 1 64  ? 7.632   8.466   8.914   1.00 34.02 ? 157 ILE A CG2 1 
ATOM   482  C CD1 . ILE A 1 64  ? 6.856   10.136  6.321   1.00 41.25 ? 157 ILE A CD1 1 
ATOM   483  N N   A CYS A 1 65  ? 5.958   7.895   11.641  0.25 30.59 ? 158 CYS A N   1 
ATOM   484  N N   B CYS A 1 65  ? 6.025   7.880   11.612  0.25 35.70 ? 158 CYS A N   1 
ATOM   485  C CA  A CYS A 1 65  ? 6.758   7.423   12.742  0.25 29.45 ? 158 CYS A CA  1 
ATOM   486  C CA  B CYS A 1 65  ? 6.708   7.445   12.812  0.25 37.79 ? 158 CYS A CA  1 
ATOM   487  C C   A CYS A 1 65  ? 7.864   6.539   12.210  0.25 33.99 ? 158 CYS A C   1 
ATOM   488  C C   B CYS A 1 65  ? 7.824   6.481   12.385  0.25 38.80 ? 158 CYS A C   1 
ATOM   489  O O   A CYS A 1 65  ? 7.630   5.555   11.476  0.25 31.00 ? 158 CYS A O   1 
ATOM   490  O O   B CYS A 1 65  ? 7.537   5.372   11.902  0.25 37.03 ? 158 CYS A O   1 
ATOM   491  C CB  A CYS A 1 65  ? 5.919   6.682   13.752  0.25 28.71 ? 158 CYS A CB  1 
ATOM   492  C CB  B CYS A 1 65  ? 5.698   6.797   13.762  0.25 42.30 ? 158 CYS A CB  1 
ATOM   493  S SG  A CYS A 1 65  ? 4.673   7.730   14.484  0.25 24.94 ? 158 CYS A SG  1 
ATOM   494  S SG  B CYS A 1 65  ? 6.364   6.150   15.314  0.25 53.00 ? 158 CYS A SG  1 
ATOM   495  N N   . LYS A 1 66  ? 9.084   6.910   12.564  1.00 34.94 ? 159 LYS A N   1 
ATOM   496  C CA  . LYS A 1 66  ? 10.297  6.191   12.082  1.00 37.90 ? 159 LYS A CA  1 
ATOM   497  C C   . LYS A 1 66  ? 10.318  4.718   12.194  1.00 36.62 ? 159 LYS A C   1 
ATOM   498  O O   . LYS A 1 66  ? 10.832  4.047   11.268  1.00 39.99 ? 159 LYS A O   1 
ATOM   499  C CB  . LYS A 1 66  ? 11.577  6.710   12.777  1.00 41.09 ? 159 LYS A CB  1 
ATOM   500  C CG  . LYS A 1 66  ? 11.624  6.482   14.288  1.00 49.33 ? 159 LYS A CG  1 
ATOM   501  N N   . ASP A 1 67  ? 9.811   4.179   13.300  1.00 33.89 ? 160 ASP A N   1 
ATOM   502  C CA  . ASP A 1 67  ? 9.913   2.751   13.519  1.00 43.75 ? 160 ASP A CA  1 
ATOM   503  C C   . ASP A 1 67  ? 8.651   2.045   13.121  1.00 38.95 ? 160 ASP A C   1 
ATOM   504  O O   . ASP A 1 67  ? 8.542   0.878   13.355  1.00 38.82 ? 160 ASP A O   1 
ATOM   505  C CB  . ASP A 1 67  ? 10.193  2.486   15.003  1.00 51.49 ? 160 ASP A CB  1 
ATOM   506  C CG  . ASP A 1 67  ? 11.485  3.147   15.448  1.00 63.19 ? 160 ASP A CG  1 
ATOM   507  O OD1 . ASP A 1 67  ? 12.512  2.898   14.765  1.00 61.59 ? 160 ASP A OD1 1 
ATOM   508  O OD2 . ASP A 1 67  ? 11.441  3.952   16.406  1.00 64.17 ? 160 ASP A OD2 1 
ATOM   509  N N   . ASP A 1 68  ? 7.683   2.757   12.530  1.00 33.32 ? 161 ASP A N   1 
ATOM   510  C CA  . ASP A 1 68  ? 6.355   2.103   12.336  1.00 33.04 ? 161 ASP A CA  1 
ATOM   511  C C   . ASP A 1 68  ? 6.179   1.867   10.852  1.00 28.32 ? 161 ASP A C   1 
ATOM   512  O O   . ASP A 1 68  ? 5.727   2.737   10.096  1.00 25.19 ? 161 ASP A O   1 
ATOM   513  C CB  . ASP A 1 68  ? 5.201   2.974   12.809  1.00 29.85 ? 161 ASP A CB  1 
ATOM   514  C CG  . ASP A 1 68  ? 5.088   3.080   14.306  1.00 38.30 ? 161 ASP A CG  1 
ATOM   515  O OD1 . ASP A 1 68  ? 5.875   2.469   15.012  1.00 34.62 ? 161 ASP A OD1 1 
ATOM   516  O OD2 . ASP A 1 68  ? 4.179   3.796   14.755  1.00 32.20 ? 161 ASP A OD2 1 
ATOM   517  N N   . TYR A 1 69  ? 6.583   0.695   10.400  1.00 27.62 ? 162 TYR A N   1 
ATOM   518  C CA  . TYR A 1 69  ? 6.565   0.367   8.962   1.00 26.69 ? 162 TYR A CA  1 
ATOM   519  C C   . TYR A 1 69  ? 6.526   -1.151  8.786   1.00 29.61 ? 162 TYR A C   1 
ATOM   520  O O   . TYR A 1 69  ? 6.757   -1.895  9.733   1.00 32.21 ? 162 TYR A O   1 
ATOM   521  C CB  . TYR A 1 69  ? 7.692   1.061   8.188   1.00 27.59 ? 162 TYR A CB  1 
ATOM   522  C CG  . TYR A 1 69  ? 9.070   0.599   8.646   1.00 32.86 ? 162 TYR A CG  1 
ATOM   523  C CD1 . TYR A 1 69  ? 9.584   -0.644  8.275   1.00 34.13 ? 162 TYR A CD1 1 
ATOM   524  C CD2 . TYR A 1 69  ? 9.817   1.413   9.514   1.00 38.93 ? 162 TYR A CD2 1 
ATOM   525  C CE1 . TYR A 1 69  ? 10.824  -1.075  8.703   1.00 40.25 ? 162 TYR A CE1 1 
ATOM   526  C CE2 . TYR A 1 69  ? 11.093  0.976   9.948   1.00 39.15 ? 162 TYR A CE2 1 
ATOM   527  C CZ  . TYR A 1 69  ? 11.570  -0.244  9.525   1.00 46.22 ? 162 TYR A CZ  1 
ATOM   528  O OH  . TYR A 1 69  ? 12.793  -0.664  9.966   1.00 47.33 ? 162 TYR A OH  1 
ATOM   529  N N   . ILE A 1 70  ? 6.114   -1.586  7.627   1.00 28.63 ? 163 ILE A N   1 
ATOM   530  C CA  . ILE A 1 70  ? 6.265   -2.982  7.176   1.00 35.09 ? 163 ILE A CA  1 
ATOM   531  C C   . ILE A 1 70  ? 7.131   -2.954  5.964   1.00 28.85 ? 163 ILE A C   1 
ATOM   532  O O   . ILE A 1 70  ? 6.936   -2.194  5.038   1.00 28.77 ? 163 ILE A O   1 
ATOM   533  C CB  . ILE A 1 70  ? 4.886   -3.573  6.882   1.00 36.93 ? 163 ILE A CB  1 
ATOM   534  C CG1 . ILE A 1 70  ? 4.222   -3.851  8.220   1.00 40.45 ? 163 ILE A CG1 1 
ATOM   535  C CG2 . ILE A 1 70  ? 4.993   -4.899  6.107   1.00 44.60 ? 163 ILE A CG2 1 
ATOM   536  C CD1 . ILE A 1 70  ? 2.728   -3.909  8.011   1.00 45.71 ? 163 ILE A CD1 1 
ATOM   537  N N   . GLU A 1 71  ? 8.129   -3.854  5.944   1.00 29.83 ? 164 GLU A N   1 
ATOM   538  C CA  . GLU A 1 71  ? 9.069   -3.925  4.888   1.00 29.95 ? 164 GLU A CA  1 
ATOM   539  C C   . GLU A 1 71  ? 9.146   -5.377  4.359   1.00 31.30 ? 164 GLU A C   1 
ATOM   540  O O   . GLU A 1 71  ? 9.131   -6.299  5.141   1.00 38.38 ? 164 GLU A O   1 
ATOM   541  C CB  . GLU A 1 71  ? 10.385  -3.464  5.453   1.00 32.76 ? 164 GLU A CB  1 
ATOM   542  C CG  . GLU A 1 71  ? 11.584  -3.501  4.552   1.00 44.56 ? 164 GLU A CG  1 
ATOM   543  C CD  . GLU A 1 71  ? 12.749  -2.839  5.287   1.00 49.29 ? 164 GLU A CD  1 
ATOM   544  O OE1 . GLU A 1 71  ? 13.320  -3.498  6.185   1.00 60.59 ? 164 GLU A OE1 1 
ATOM   545  O OE2 . GLU A 1 71  ? 13.025  -1.670  5.000   1.00 50.95 ? 164 GLU A OE2 1 
ATOM   546  N N   . LEU A 1 72  ? 9.102   -5.515  3.056   1.00 29.24 ? 165 LEU A N   1 
ATOM   547  C CA  . LEU A 1 72  ? 9.196   -6.775  2.376   1.00 32.34 ? 165 LEU A CA  1 
ATOM   548  C C   . LEU A 1 72  ? 10.213  -6.733  1.262   1.00 31.07 ? 165 LEU A C   1 
ATOM   549  O O   . LEU A 1 72  ? 10.320  -5.795  0.511   1.00 32.80 ? 165 LEU A O   1 
ATOM   550  C CB  . LEU A 1 72  ? 7.872   -7.128  1.710   1.00 32.61 ? 165 LEU A CB  1 
ATOM   551  C CG  . LEU A 1 72  ? 6.765   -7.340  2.701   1.00 36.19 ? 165 LEU A CG  1 
ATOM   552  C CD1 . LEU A 1 72  ? 5.493   -7.687  1.937   1.00 36.79 ? 165 LEU A CD1 1 
ATOM   553  C CD2 . LEU A 1 72  ? 7.081   -8.445  3.705   1.00 41.89 ? 165 LEU A CD2 1 
ATOM   554  N N   . ARG A 1 73  ? 10.871  -7.859  1.054   1.00 33.60 ? 166 ARG A N   1 
ATOM   555  C CA  . ARG A 1 73  ? 11.821  -7.950  -0.055  1.00 37.97 ? 166 ARG A CA  1 
ATOM   556  C C   . ARG A 1 73  ? 11.186  -8.930  -0.998  1.00 35.96 ? 166 ARG A C   1 
ATOM   557  O O   . ARG A 1 73  ? 10.971  -10.091 -0.647  1.00 41.01 ? 166 ARG A O   1 
ATOM   558  C CB  . ARG A 1 73  ? 13.212  -8.406  0.415   1.00 39.93 ? 166 ARG A CB  1 
ATOM   559  C CG  . ARG A 1 73  ? 14.233  -8.432  -0.739  1.00 46.15 ? 166 ARG A CG  1 
ATOM   560  C CD  . ARG A 1 73  ? 15.565  -9.109  -0.384  1.00 55.33 ? 166 ARG A CD  1 
ATOM   561  N NE  . ARG A 1 73  ? 15.422  -10.558 -0.055  1.00 55.83 ? 166 ARG A NE  1 
ATOM   562  C CZ  . ARG A 1 73  ? 16.045  -11.196 0.956   1.00 57.79 ? 166 ARG A CZ  1 
ATOM   563  N NH1 . ARG A 1 73  ? 16.866  -10.569 1.803   1.00 57.52 ? 166 ARG A NH1 1 
ATOM   564  N NH2 . ARG A 1 73  ? 15.838  -12.493 1.149   1.00 49.45 ? 166 ARG A NH2 1 
ATOM   565  N N   . ILE A 1 74  ? 10.847  -8.473  -2.174  1.00 29.67 ? 167 ILE A N   1 
ATOM   566  C CA  . ILE A 1 74  ? 10.223  -9.285  -3.148  1.00 35.66 ? 167 ILE A CA  1 
ATOM   567  C C   . ILE A 1 74  ? 11.143  -9.301  -4.339  1.00 42.37 ? 167 ILE A C   1 
ATOM   568  O O   . ILE A 1 74  ? 11.486  -8.215  -4.868  1.00 36.77 ? 167 ILE A O   1 
ATOM   569  C CB  . ILE A 1 74  ? 8.878   -8.641  -3.507  1.00 43.54 ? 167 ILE A CB  1 
ATOM   570  C CG1 . ILE A 1 74  ? 7.968   -8.774  -2.253  1.00 42.18 ? 167 ILE A CG1 1 
ATOM   571  C CG2 . ILE A 1 74  ? 8.266   -9.264  -4.785  1.00 43.57 ? 167 ILE A CG2 1 
ATOM   572  C CD1 . ILE A 1 74  ? 6.685   -7.990  -2.319  1.00 42.34 ? 167 ILE A CD1 1 
ATOM   573  N N   . ASN A 1 75  ? 11.599  -10.493 -4.738  1.00 36.81 ? 168 ASN A N   1 
ATOM   574  C CA  . ASN A 1 75  ? 12.473  -10.609 -5.932  1.00 38.02 ? 168 ASN A CA  1 
ATOM   575  C C   . ASN A 1 75  ? 13.603  -9.650  -5.918  1.00 41.82 ? 168 ASN A C   1 
ATOM   576  O O   . ASN A 1 75  ? 13.914  -8.993  -6.912  1.00 48.70 ? 168 ASN A O   1 
ATOM   577  C CB  . ASN A 1 75  ? 11.635  -10.369 -7.174  1.00 38.74 ? 168 ASN A CB  1 
ATOM   578  C CG  . ASN A 1 75  ? 10.725  -11.513 -7.438  1.00 38.68 ? 168 ASN A CG  1 
ATOM   579  O OD1 . ASN A 1 75  ? 11.061  -12.681 -7.122  1.00 42.37 ? 168 ASN A OD1 1 
ATOM   580  N ND2 . ASN A 1 75  ? 9.551   -11.215 -7.955  1.00 41.14 ? 168 ASN A ND2 1 
ATOM   581  N N   . ASP A 1 76  ? 14.170  -9.560  -4.745  1.00 37.00 ? 169 ASP A N   1 
ATOM   582  C CA  . ASP A 1 76  ? 15.349  -8.852  -4.472  1.00 54.20 ? 169 ASP A CA  1 
ATOM   583  C C   . ASP A 1 76  ? 15.180  -7.332  -4.681  1.00 50.92 ? 169 ASP A C   1 
ATOM   584  O O   . ASP A 1 76  ? 16.124  -6.651  -5.038  1.00 58.26 ? 169 ASP A O   1 
ATOM   585  C CB  . ASP A 1 76  ? 16.511  -9.511  -5.239  1.00 58.27 ? 169 ASP A CB  1 
ATOM   586  C CG  . ASP A 1 76  ? 17.656  -9.860  -4.312  1.00 68.01 ? 169 ASP A CG  1 
ATOM   587  O OD1 . ASP A 1 76  ? 17.730  -11.015 -3.639  1.00 51.67 ? 169 ASP A OD1 1 
ATOM   588  O OD2 . ASP A 1 76  ? 18.443  -8.881  -4.237  1.00 57.47 ? 169 ASP A OD2 1 
ATOM   589  N N   . GLN A 1 77  ? 13.962  -6.845  -4.451  1.00 49.95 ? 170 GLN A N   1 
ATOM   590  C CA  . GLN A 1 77  ? 13.676  -5.409  -4.322  1.00 49.96 ? 170 GLN A CA  1 
ATOM   591  C C   . GLN A 1 77  ? 13.034  -5.193  -2.956  1.00 48.61 ? 170 GLN A C   1 
ATOM   592  O O   . GLN A 1 77  ? 12.179  -5.953  -2.545  1.00 39.56 ? 170 GLN A O   1 
ATOM   593  C CB  . GLN A 1 77  ? 12.761  -4.929  -5.406  1.00 53.64 ? 170 GLN A CB  1 
ATOM   594  C CG  . GLN A 1 77  ? 12.351  -3.456  -5.258  1.00 66.58 ? 170 GLN A CG  1 
ATOM   595  C CD  . GLN A 1 77  ? 12.149  -2.727  -6.574  1.00 70.85 ? 170 GLN A CD  1 
ATOM   596  O OE1 . GLN A 1 77  ? 13.046  -2.689  -7.423  1.00 75.82 ? 170 GLN A OE1 1 
ATOM   597  N NE2 . GLN A 1 77  ? 10.981  -2.116  -6.737  1.00 83.03 ? 170 GLN A NE2 1 
ATOM   598  N N   . LEU A 1 78  ? 13.443  -4.139  -2.284  1.00 37.73 ? 171 LEU A N   1 
ATOM   599  C CA  . LEU A 1 78  ? 12.970  -3.850  -0.968  1.00 42.40 ? 171 LEU A CA  1 
ATOM   600  C C   . LEU A 1 78  ? 11.839  -2.820  -1.013  1.00 35.18 ? 171 LEU A C   1 
ATOM   601  O O   . LEU A 1 78  ? 12.009  -1.877  -1.688  1.00 37.71 ? 171 LEU A O   1 
ATOM   602  C CB  . LEU A 1 78  ? 14.110  -3.282  -0.177  1.00 48.76 ? 171 LEU A CB  1 
ATOM   603  C CG  . LEU A 1 78  ? 13.892  -3.301  1.314   1.00 56.36 ? 171 LEU A CG  1 
ATOM   604  C CD1 . LEU A 1 78  ? 14.690  -4.472  1.901   1.00 69.57 ? 171 LEU A CD1 1 
ATOM   605  C CD2 . LEU A 1 78  ? 14.330  -1.955  1.898   1.00 62.41 ? 171 LEU A CD2 1 
ATOM   606  N N   . ALA A 1 79  ? 10.681  -3.081  -0.366  1.00 31.47 ? 172 ALA A N   1 
ATOM   607  C CA  . ALA A 1 79  ? 9.519   -2.128  -0.337  1.00 31.00 ? 172 ALA A CA  1 
ATOM   608  C C   . ALA A 1 79  ? 9.160   -1.902  1.124   1.00 31.38 ? 172 ALA A C   1 
ATOM   609  O O   . ALA A 1 79  ? 8.884   -2.853  1.912   1.00 29.51 ? 172 ALA A O   1 
ATOM   610  C CB  . ALA A 1 79  ? 8.324   -2.642  -1.172  1.00 28.56 ? 172 ALA A CB  1 
ATOM   611  N N   . ARG A 1 80  ? 9.166   -0.627  1.541   1.00 25.96 ? 173 ARG A N   1 
ATOM   612  C CA  . ARG A 1 80  ? 8.923   -0.286  2.895   1.00 25.45 ? 173 ARG A CA  1 
ATOM   613  C C   . ARG A 1 80  ? 7.758   0.693   2.938   1.00 24.87 ? 173 ARG A C   1 
ATOM   614  O O   . ARG A 1 80  ? 7.778   1.717   2.210   1.00 27.30 ? 173 ARG A O   1 
ATOM   615  C CB  . ARG A 1 80  ? 10.141  0.335   3.617   1.00 30.21 ? 173 ARG A CB  1 
ATOM   616  C CG  . ARG A 1 80  ? 9.723   0.789   5.051   1.00 28.01 ? 173 ARG A CG  1 
ATOM   617  C CD  . ARG A 1 80  ? 10.842  1.623   5.612   1.00 31.03 ? 173 ARG A CD  1 
ATOM   618  N NE  . ARG A 1 80  ? 12.057  0.832   5.717   1.00 37.48 ? 173 ARG A NE  1 
ATOM   619  C CZ  . ARG A 1 80  ? 13.201  1.336   6.200   1.00 41.08 ? 173 ARG A CZ  1 
ATOM   620  N NH1 . ARG A 1 80  ? 13.248  2.597   6.621   1.00 38.72 ? 173 ARG A NH1 1 
ATOM   621  N NH2 . ARG A 1 80  ? 14.279  0.580   6.228   1.00 47.93 ? 173 ARG A NH2 1 
ATOM   622  N N   . LEU A 1 81  ? 6.711   0.303   3.678   1.00 23.43 ? 174 LEU A N   1 
ATOM   623  C CA  . LEU A 1 81  ? 5.495   1.128   3.821   1.00 21.65 ? 174 LEU A CA  1 
ATOM   624  C C   . LEU A 1 81  ? 5.359   1.543   5.241   1.00 21.85 ? 174 LEU A C   1 
ATOM   625  O O   . LEU A 1 81  ? 5.125   0.744   6.132   1.00 23.86 ? 174 LEU A O   1 
ATOM   626  C CB  . LEU A 1 81  ? 4.199   0.376   3.358   1.00 21.62 ? 174 LEU A CB  1 
ATOM   627  C CG  . LEU A 1 81  ? 4.202   -0.180  1.963   1.00 23.98 ? 174 LEU A CG  1 
ATOM   628  C CD1 . LEU A 1 81  ? 2.958   -1.002  1.710   1.00 24.02 ? 174 LEU A CD1 1 
ATOM   629  C CD2 . LEU A 1 81  ? 4.344   0.966   0.892   1.00 28.24 ? 174 LEU A CD2 1 
ATOM   630  N N   . TYR A 1 82  ? 5.446   2.844   5.443   1.00 23.70 ? 175 TYR A N   1 
ATOM   631  C CA  . TYR A 1 82  ? 5.176   3.410   6.710   1.00 23.77 ? 175 TYR A CA  1 
ATOM   632  C C   . TYR A 1 82  ? 3.716   3.328   7.080   1.00 25.81 ? 175 TYR A C   1 
ATOM   633  O O   . TYR A 1 82  ? 2.837   3.596   6.238   1.00 24.22 ? 175 TYR A O   1 
ATOM   634  C CB  . TYR A 1 82  ? 5.636   4.850   6.773   1.00 24.41 ? 175 TYR A CB  1 
ATOM   635  C CG  . TYR A 1 82  ? 7.129   4.957   6.702   1.00 23.87 ? 175 TYR A CG  1 
ATOM   636  C CD1 . TYR A 1 82  ? 7.871   4.843   7.908   1.00 29.00 ? 175 TYR A CD1 1 
ATOM   637  C CD2 . TYR A 1 82  ? 7.821   5.026   5.504   1.00 28.19 ? 175 TYR A CD2 1 
ATOM   638  C CE1 . TYR A 1 82  ? 9.273   4.920   7.889   1.00 31.98 ? 175 TYR A CE1 1 
ATOM   639  C CE2 . TYR A 1 82  ? 9.187   4.983   5.496   1.00 31.84 ? 175 TYR A CE2 1 
ATOM   640  C CZ  . TYR A 1 82  ? 9.888   4.957   6.692   1.00 32.18 ? 175 TYR A CZ  1 
ATOM   641  O OH  . TYR A 1 82  ? 11.274  4.963   6.610   1.00 36.39 ? 175 TYR A OH  1 
ATOM   642  N N   . ILE A 1 83  ? 3.437   2.947   8.320   1.00 22.44 ? 176 ILE A N   1 
ATOM   643  C CA  . ILE A 1 83  ? 2.049   2.837   8.776   1.00 24.77 ? 176 ILE A CA  1 
ATOM   644  C C   . ILE A 1 83  ? 1.557   4.157   9.321   1.00 23.30 ? 176 ILE A C   1 
ATOM   645  O O   . ILE A 1 83  ? 2.178   4.672   10.246  1.00 26.72 ? 176 ILE A O   1 
ATOM   646  C CB  . ILE A 1 83  ? 1.911   1.667   9.756   1.00 26.01 ? 176 ILE A CB  1 
ATOM   647  C CG1 . ILE A 1 83  ? 2.315   0.351   8.973   1.00 29.47 ? 176 ILE A CG1 1 
ATOM   648  C CG2 . ILE A 1 83  ? 0.518   1.534   10.269  1.00 25.71 ? 176 ILE A CG2 1 
ATOM   649  C CD1 . ILE A 1 83  ? 2.648   -0.786  9.882   1.00 40.43 ? 176 ILE A CD1 1 
ATOM   650  N N   . ILE A 1 84  ? 0.422   4.677   8.801   1.00 25.16 ? 177 ILE A N   1 
ATOM   651  C CA  . ILE A 1 84  ? -0.114  5.996   9.128   1.00 24.86 ? 177 ILE A CA  1 
ATOM   652  C C   . ILE A 1 84  ? -1.574  5.908   9.526   1.00 23.04 ? 177 ILE A C   1 
ATOM   653  O O   . ILE A 1 84  ? -2.428  5.995   8.704   1.00 22.61 ? 177 ILE A O   1 
ATOM   654  C CB  . ILE A 1 84  ? 0.009   6.956   7.933   1.00 26.19 ? 177 ILE A CB  1 
ATOM   655  C CG1 . ILE A 1 84  ? 1.400   6.981   7.320   1.00 27.80 ? 177 ILE A CG1 1 
ATOM   656  C CG2 . ILE A 1 84  ? -0.459  8.329   8.302   1.00 24.62 ? 177 ILE A CG2 1 
ATOM   657  C CD1 . ILE A 1 84  ? 2.463   7.598   8.160   1.00 28.67 ? 177 ILE A CD1 1 
ATOM   658  N N   . PRO A 1 85  ? -1.881  5.676   10.789  1.00 23.45 ? 178 PRO A N   1 
ATOM   659  C CA  . PRO A 1 85  ? -3.279  5.468   11.209  1.00 23.03 ? 178 PRO A CA  1 
ATOM   660  C C   . PRO A 1 85  ? -3.978  6.708   11.479  1.00 22.31 ? 178 PRO A C   1 
ATOM   661  O O   . PRO A 1 85  ? -3.377  7.783   11.576  1.00 24.70 ? 178 PRO A O   1 
ATOM   662  C CB  . PRO A 1 85  ? -3.152  4.713   12.533  1.00 29.62 ? 178 PRO A CB  1 
ATOM   663  C CG  . PRO A 1 85  ? -1.792  4.422   12.709  1.00 29.04 ? 178 PRO A CG  1 
ATOM   664  C CD  . PRO A 1 85  ? -0.911  5.190   11.789  1.00 26.05 ? 178 PRO A CD  1 
ATOM   665  N N   . GLY A 1 86  ? -5.285  6.640   11.601  1.00 23.53 ? 179 GLY A N   1 
ATOM   666  C CA  . GLY A 1 86  ? -6.036  7.769   12.113  1.00 26.04 ? 179 GLY A CA  1 
ATOM   667  C C   . GLY A 1 86  ? -6.363  8.854   11.147  1.00 25.59 ? 179 GLY A C   1 
ATOM   668  O O   . GLY A 1 86  ? -6.566  10.016  11.536  1.00 29.20 ? 179 GLY A O   1 
ATOM   669  N N   . ILE A 1 87  ? -6.291  8.565   9.856   1.00 24.13 ? 180 ILE A N   1 
ATOM   670  C CA  . ILE A 1 87  ? -6.598  9.547   8.830   1.00 26.81 ? 180 ILE A CA  1 
ATOM   671  C C   . ILE A 1 87  ? -8.111  9.517   8.519   1.00 28.93 ? 180 ILE A C   1 
ATOM   672  O O   . ILE A 1 87  ? -8.668  8.511   8.123   1.00 27.12 ? 180 ILE A O   1 
ATOM   673  C CB  . ILE A 1 87  ? -5.723  9.373   7.558   1.00 22.83 ? 180 ILE A CB  1 
ATOM   674  C CG1 . ILE A 1 87  ? -4.243  9.365   7.937   1.00 23.86 ? 180 ILE A CG1 1 
ATOM   675  C CG2 . ILE A 1 87  ? -6.066  10.465  6.554   1.00 25.89 ? 180 ILE A CG2 1 
ATOM   676  C CD1 . ILE A 1 87  ? -3.758  10.528  8.811   1.00 26.44 ? 180 ILE A CD1 1 
ATOM   677  N N   . PRO A 1 88  ? -8.819  10.658  8.699   1.00 33.05 ? 181 PRO A N   1 
ATOM   678  C CA  . PRO A 1 88  ? -10.277 10.563  8.545   1.00 32.57 ? 181 PRO A CA  1 
ATOM   679  C C   . PRO A 1 88  ? -10.745 10.124  7.169   1.00 31.47 ? 181 PRO A C   1 
ATOM   680  O O   . PRO A 1 88  ? -10.155 10.528  6.135   1.00 28.10 ? 181 PRO A O   1 
ATOM   681  C CB  . PRO A 1 88  ? -10.787 11.992  8.888   1.00 38.89 ? 181 PRO A CB  1 
ATOM   682  C CG  . PRO A 1 88  ? -9.683  12.609  9.670   1.00 40.65 ? 181 PRO A CG  1 
ATOM   683  C CD  . PRO A 1 88  ? -8.386  11.982  9.190   1.00 36.86 ? 181 PRO A CD  1 
ATOM   684  N N   . LYS A 1 89  ? -11.790 9.301   7.143   1.00 34.47 ? 182 LYS A N   1 
ATOM   685  C CA  . LYS A 1 89  ? -12.306 8.799   5.905   1.00 37.59 ? 182 LYS A CA  1 
ATOM   686  C C   . LYS A 1 89  ? -12.867 9.881   5.022   1.00 35.98 ? 182 LYS A C   1 
ATOM   687  O O   . LYS A 1 89  ? -13.031 9.619   3.855   1.00 42.98 ? 182 LYS A O   1 
ATOM   688  C CB  . LYS A 1 89  ? -13.369 7.675   6.076   1.00 47.37 ? 182 LYS A CB  1 
ATOM   689  C CG  . LYS A 1 89  ? -12.816 6.249   6.020   1.00 52.10 ? 182 LYS A CG  1 
ATOM   690  C CD  . LYS A 1 89  ? -13.887 5.157   5.951   1.00 56.18 ? 182 LYS A CD  1 
ATOM   691  C CE  . LYS A 1 89  ? -14.891 5.235   7.093   1.00 58.04 ? 182 LYS A CE  1 
ATOM   692  N NZ  . LYS A 1 89  ? -14.311 5.068   8.482   1.00 49.54 ? 182 LYS A NZ  1 
ATOM   693  N N   . ASP A 1 90  ? -13.210 11.066  5.544   1.00 34.52 ? 183 ASP A N   1 
ATOM   694  C CA  . ASP A 1 90  ? -13.640 12.145  4.654   1.00 38.99 ? 183 ASP A CA  1 
ATOM   695  C C   . ASP A 1 90  ? -12.534 13.018  4.057   1.00 38.68 ? 183 ASP A C   1 
ATOM   696  O O   . ASP A 1 90  ? -12.824 13.967  3.324   1.00 38.34 ? 183 ASP A O   1 
ATOM   697  C CB  . ASP A 1 90  ? -14.747 12.982  5.332   1.00 40.95 ? 183 ASP A CB  1 
ATOM   698  C CG  . ASP A 1 90  ? -14.263 13.724  6.560   1.00 50.71 ? 183 ASP A CG  1 
ATOM   699  O OD1 . ASP A 1 90  ? -13.077 13.635  6.957   1.00 48.21 ? 183 ASP A OD1 1 
ATOM   700  O OD2 . ASP A 1 90  ? -15.109 14.414  7.148   1.00 60.49 ? 183 ASP A OD2 1 
ATOM   701  N N   . THR A 1 91  ? -11.259 12.666  4.275   1.00 32.92 ? 184 THR A N   1 
ATOM   702  C CA  . THR A 1 91  ? -10.159 13.338  3.554   1.00 29.77 ? 184 THR A CA  1 
ATOM   703  C C   . THR A 1 91  ? -10.306 13.299  2.048   1.00 34.80 ? 184 THR A C   1 
ATOM   704  O O   . THR A 1 91  ? -10.580 12.239  1.462   1.00 37.73 ? 184 THR A O   1 
ATOM   705  C CB  . THR A 1 91  ? -8.837  12.684  3.972   1.00 25.88 ? 184 THR A CB  1 
ATOM   706  O OG1 . THR A 1 91  ? -8.768  12.636  5.456   1.00 30.57 ? 184 THR A OG1 1 
ATOM   707  C CG2 . THR A 1 91  ? -7.616  13.398  3.407   1.00 30.22 ? 184 THR A CG2 1 
ATOM   708  N N   . LYS A 1 92  ? -10.132 14.427  1.405   1.00 40.55 ? 185 LYS A N   1 
ATOM   709  C CA  . LYS A 1 92  ? -10.119 14.558  -0.050  1.00 42.21 ? 185 LYS A CA  1 
ATOM   710  C C   . LYS A 1 92  ? -8.771  14.238  -0.598  1.00 38.71 ? 185 LYS A C   1 
ATOM   711  O O   . LYS A 1 92  ? -7.832  14.914  -0.289  1.00 40.15 ? 185 LYS A O   1 
ATOM   712  C CB  . LYS A 1 92  ? -10.486 16.029  -0.419  1.00 47.34 ? 185 LYS A CB  1 
ATOM   713  C CG  . LYS A 1 92  ? -11.874 16.418  0.060   1.00 48.00 ? 185 LYS A CG  1 
ATOM   714  C CD  . LYS A 1 92  ? -12.951 15.369  -0.217  1.00 57.44 ? 185 LYS A CD  1 
ATOM   715  N N   . PHE A 1 93  ? -8.671  13.126  -1.317  1.00 37.27 ? 186 PHE A N   1 
ATOM   716  C CA  . PHE A 1 93  ? -7.460  12.659  -1.894  1.00 33.82 ? 186 PHE A CA  1 
ATOM   717  C C   . PHE A 1 93  ? -7.597  12.934  -3.372  1.00 38.05 ? 186 PHE A C   1 
ATOM   718  O O   . PHE A 1 93  ? -8.614  12.642  -3.955  1.00 43.48 ? 186 PHE A O   1 
ATOM   719  C CB  . PHE A 1 93  ? -7.320  11.147  -1.730  1.00 30.60 ? 186 PHE A CB  1 
ATOM   720  C CG  . PHE A 1 93  ? -7.208  10.710  -0.286  1.00 29.94 ? 186 PHE A CG  1 
ATOM   721  C CD1 . PHE A 1 93  ? -6.016  10.911  0.388   1.00 27.47 ? 186 PHE A CD1 1 
ATOM   722  C CD2 . PHE A 1 93  ? -8.250  10.117  0.385   1.00 28.14 ? 186 PHE A CD2 1 
ATOM   723  C CE1 . PHE A 1 93  ? -5.841  10.542  1.696   1.00 25.94 ? 186 PHE A CE1 1 
ATOM   724  C CE2 . PHE A 1 93  ? -8.086  9.754   1.731   1.00 28.71 ? 186 PHE A CE2 1 
ATOM   725  C CZ  . PHE A 1 93  ? -6.893  9.941   2.367   1.00 27.77 ? 186 PHE A CZ  1 
ATOM   726  N N   . ASN A 1 94  ? -6.525  13.407  -3.971  1.00 38.44 ? 187 ASN A N   1 
ATOM   727  C CA  . ASN A 1 94  ? -6.497  13.808  -5.376  1.00 45.67 ? 187 ASN A CA  1 
ATOM   728  C C   . ASN A 1 94  ? -5.083  13.602  -5.883  1.00 39.94 ? 187 ASN A C   1 
ATOM   729  O O   . ASN A 1 94  ? -4.165  14.266  -5.428  1.00 42.38 ? 187 ASN A O   1 
ATOM   730  C CB  . ASN A 1 94  ? -6.886  15.293  -5.438  1.00 51.17 ? 187 ASN A CB  1 
ATOM   731  C CG  . ASN A 1 94  ? -8.384  15.499  -5.277  1.00 58.70 ? 187 ASN A CG  1 
ATOM   732  O OD1 . ASN A 1 94  ? -8.847  16.215  -4.379  1.00 65.94 ? 187 ASN A OD1 1 
ATOM   733  N ND2 . ASN A 1 94  ? -9.157  14.846  -6.143  1.00 63.04 ? 187 ASN A ND2 1 
ATOM   734  N N   . PRO A 1 95  ? -4.881  12.660  -6.813  1.00 39.57 ? 188 PRO A N   1 
ATOM   735  C CA  . PRO A 1 95  ? -3.522  12.521  -7.271  1.00 35.13 ? 188 PRO A CA  1 
ATOM   736  C C   . PRO A 1 95  ? -3.057  13.758  -7.996  1.00 42.33 ? 188 PRO A C   1 
ATOM   737  O O   . PRO A 1 95  ? -3.866  14.582  -8.483  1.00 43.99 ? 188 PRO A O   1 
ATOM   738  C CB  . PRO A 1 95  ? -3.594  11.311  -8.192  1.00 36.32 ? 188 PRO A CB  1 
ATOM   739  C CG  . PRO A 1 95  ? -4.924  11.445  -8.758  1.00 43.51 ? 188 PRO A CG  1 
ATOM   740  C CD  . PRO A 1 95  ? -5.788  11.813  -7.615  1.00 41.69 ? 188 PRO A CD  1 
ATOM   741  N N   . LYS A 1 96  ? -1.749  13.875  -8.062  1.00 41.63 ? 189 LYS A N   1 
ATOM   742  C CA  . LYS A 1 96  ? -1.129  14.965  -8.797  1.00 46.97 ? 189 LYS A CA  1 
ATOM   743  C C   . LYS A 1 96  ? -1.233  14.683  -10.302 1.00 49.12 ? 189 LYS A C   1 
ATOM   744  O O   . LYS A 1 96  ? -1.310  15.607  -11.096 1.00 49.79 ? 189 LYS A O   1 
ATOM   745  C CB  . LYS A 1 96  ? 0.340   15.102  -8.427  1.00 60.29 ? 189 LYS A CB  1 
ATOM   746  C CG  . LYS A 1 96  ? 0.605   15.453  -6.955  1.00 72.93 ? 189 LYS A CG  1 
ATOM   747  C CD  . LYS A 1 96  ? -0.129  16.689  -6.447  1.00 76.70 ? 189 LYS A CD  1 
ATOM   748  C CE  . LYS A 1 96  ? -1.468  16.369  -5.794  1.00 71.48 ? 189 LYS A CE  1 
ATOM   749  N NZ  . LYS A 1 96  ? -1.933  17.584  -5.077  1.00 69.15 ? 189 LYS A NZ  1 
ATOM   750  N N   A THR A 1 97  ? -1.437  13.392  -10.582 0.25 46.94 ? 190 THR A N   1 
ATOM   751  N N   B THR A 1 97  ? -1.231  13.419  -10.695 0.25 46.45 ? 190 THR A N   1 
ATOM   752  C CA  A THR A 1 97  ? -0.827  12.631  -11.630 0.25 46.17 ? 190 THR A CA  1 
ATOM   753  C CA  B THR A 1 97  ? -1.188  13.068  -12.094 0.25 46.97 ? 190 THR A CA  1 
ATOM   754  C C   A THR A 1 97  ? -1.912  11.660  -12.162 0.25 45.12 ? 190 THR A C   1 
ATOM   755  C C   B THR A 1 97  ? -2.100  11.904  -12.252 0.25 44.05 ? 190 THR A C   1 
ATOM   756  O O   A THR A 1 97  ? -1.767  10.453  -11.876 0.25 39.49 ? 190 THR A O   1 
ATOM   757  O O   B THR A 1 97  ? -1.882  10.785  -11.791 0.25 42.37 ? 190 THR A O   1 
ATOM   758  C CB  A THR A 1 97  ? 0.411   11.807  -11.062 0.25 43.94 ? 190 THR A CB  1 
ATOM   759  C CB  B THR A 1 97  ? 0.238   12.682  -12.519 0.25 43.80 ? 190 THR A CB  1 
ATOM   760  O OG1 A THR A 1 97  ? 0.115   11.134  -9.803  0.25 31.57 ? 190 THR A OG1 1 
ATOM   761  O OG1 B THR A 1 97  ? 1.143   13.708  -12.092 0.25 45.98 ? 190 THR A OG1 1 
ATOM   762  C CG2 A THR A 1 97  ? 1.666   12.703  -10.847 0.25 44.86 ? 190 THR A CG2 1 
ATOM   763  C CG2 B THR A 1 97  ? 0.342   12.492  -14.012 0.25 41.53 ? 190 THR A CG2 1 
ATOM   764  N N   . ARG A 1 98  ? -2.961  12.137  -12.899 0.50 44.29 ? 191 ARG A N   1 
ATOM   765  C CA  . ARG A 1 98  ? -4.029  11.212  -13.302 0.50 45.09 ? 191 ARG A CA  1 
ATOM   766  C C   . ARG A 1 98  ? -3.668  10.423  -14.552 0.50 38.63 ? 191 ARG A C   1 
ATOM   767  O O   . ARG A 1 98  ? -4.363  9.485   -14.917 0.50 36.05 ? 191 ARG A O   1 
ATOM   768  C CB  . ARG A 1 98  ? -5.423  11.863  -13.333 0.50 48.42 ? 191 ARG A CB  1 
ATOM   769  C CG  . ARG A 1 98  ? -5.994  11.942  -11.914 0.50 47.32 ? 191 ARG A CG  1 
ATOM   770  C CD  . ARG A 1 98  ? -7.486  11.669  -11.794 0.50 45.58 ? 191 ARG A CD  1 
ATOM   771  N NE  . ARG A 1 98  ? -7.898  10.317  -12.190 0.50 39.28 ? 191 ARG A NE  1 
ATOM   772  C CZ  . ARG A 1 98  ? -9.075  10.077  -12.775 0.50 42.10 ? 191 ARG A CZ  1 
ATOM   773  N NH1 . ARG A 1 98  ? -9.902  11.089  -13.021 0.50 40.40 ? 191 ARG A NH1 1 
ATOM   774  N NH2 . ARG A 1 98  ? -9.426  8.848   -13.138 0.50 39.24 ? 191 ARG A NH2 1 
ATOM   775  N N   . ARG A 1 99  ? -2.532  10.762  -15.157 1.00 36.57 ? 192 ARG A N   1 
ATOM   776  C CA  . ARG A 1 99  ? -1.870  9.907   -16.129 1.00 32.39 ? 192 ARG A CA  1 
ATOM   777  C C   . ARG A 1 99  ? -1.266  8.711   -15.444 1.00 31.06 ? 192 ARG A C   1 
ATOM   778  O O   . ARG A 1 99  ? -1.008  7.709   -16.069 1.00 28.88 ? 192 ARG A O   1 
ATOM   779  C CB  . ARG A 1 99  ? -0.803  10.737  -16.928 1.00 39.22 ? 192 ARG A CB  1 
ATOM   780  C CG  . ARG A 1 99  ? -1.357  11.957  -17.641 1.00 47.16 ? 192 ARG A CG  1 
ATOM   781  C CD  . ARG A 1 99  ? -0.248  12.814  -18.277 1.00 54.47 ? 192 ARG A CD  1 
ATOM   782  N NE  . ARG A 1 99  ? -0.369  12.767  -19.719 1.00 70.90 ? 192 ARG A NE  1 
ATOM   783  C CZ  . ARG A 1 99  ? -1.059  13.623  -20.466 1.00 75.16 ? 192 ARG A CZ  1 
ATOM   784  N NH1 . ARG A 1 99  ? -1.678  14.680  -19.941 1.00 85.37 ? 192 ARG A NH1 1 
ATOM   785  N NH2 . ARG A 1 99  ? -1.105  13.428  -21.769 1.00 69.42 ? 192 ARG A NH2 1 
ATOM   786  N N   . GLU A 1 100 ? -1.110  8.722   -14.076 1.00 31.98 ? 193 GLU A N   1 
ATOM   787  C CA  . GLU A 1 100 ? -0.572  7.532   -13.386 1.00 30.40 ? 193 GLU A CA  1 
ATOM   788  C C   . GLU A 1 100 ? -1.603  6.827   -12.481 1.00 23.64 ? 193 GLU A C   1 
ATOM   789  O O   . GLU A 1 100 ? -1.515  5.629   -12.267 1.00 29.30 ? 193 GLU A O   1 
ATOM   790  C CB  . GLU A 1 100 ? 0.643   7.974   -12.539 1.00 41.18 ? 193 GLU A CB  1 
ATOM   791  C CG  . GLU A 1 100 ? 1.527   8.946   -13.322 1.00 50.25 ? 193 GLU A CG  1 
ATOM   792  C CD  . GLU A 1 100 ? 2.889   9.173   -12.680 1.00 59.52 ? 193 GLU A CD  1 
ATOM   793  O OE1 . GLU A 1 100 ? 3.619   8.158   -12.554 1.00 65.60 ? 193 GLU A OE1 1 
ATOM   794  O OE2 . GLU A 1 100 ? 3.210   10.349  -12.319 1.00 68.51 ? 193 GLU A OE2 1 
ATOM   795  N N   . ILE A 1 101 ? -2.542  7.592   -11.936 1.00 22.58 ? 194 ILE A N   1 
ATOM   796  C CA  . ILE A 1 101 ? -3.491  7.061   -10.924 1.00 25.97 ? 194 ILE A CA  1 
ATOM   797  C C   . ILE A 1 101 ? -4.930  7.154   -11.418 1.00 25.20 ? 194 ILE A C   1 
ATOM   798  O O   . ILE A 1 101 ? -5.475  8.276   -11.659 1.00 26.46 ? 194 ILE A O   1 
ATOM   799  C CB  . ILE A 1 101 ? -3.411  7.773   -9.542  1.00 26.59 ? 194 ILE A CB  1 
ATOM   800  C CG1 . ILE A 1 101 ? -2.055  7.633   -8.876  1.00 28.00 ? 194 ILE A CG1 1 
ATOM   801  C CG2 . ILE A 1 101 ? -4.459  7.227   -8.574  1.00 23.28 ? 194 ILE A CG2 1 
ATOM   802  C CD1 . ILE A 1 101 ? -1.480  6.266   -8.646  1.00 26.70 ? 194 ILE A CD1 1 
ATOM   803  N N   . ARG A 1 102 ? -5.542  5.995   -11.572 1.00 23.28 ? 195 ARG A N   1 
ATOM   804  C CA  . ARG A 1 102 ? -6.953  5.938   -11.965 1.00 24.78 ? 195 ARG A CA  1 
ATOM   805  C C   . ARG A 1 102 ? -7.895  6.320   -10.927 1.00 25.90 ? 195 ARG A C   1 
ATOM   806  O O   . ARG A 1 102 ? -8.866  7.104   -11.127 1.00 26.67 ? 195 ARG A O   1 
ATOM   807  C CB  . ARG A 1 102 ? -7.347  4.551   -12.563 1.00 24.39 ? 195 ARG A CB  1 
ATOM   808  C CG  . ARG A 1 102 ? -8.739  4.528   -13.300 1.00 23.96 ? 195 ARG A CG  1 
ATOM   809  C CD  . ARG A 1 102 ? -9.251  3.164   -13.566 1.00 23.43 ? 195 ARG A CD  1 
ATOM   810  N NE  . ARG A 1 102 ? -8.457  2.393   -14.480 1.00 26.00 ? 195 ARG A NE  1 
ATOM   811  C CZ  . ARG A 1 102 ? -8.483  2.519   -15.821 1.00 27.84 ? 195 ARG A CZ  1 
ATOM   812  N NH1 . ARG A 1 102 ? -9.313  3.408   -16.369 1.00 26.07 ? 195 ARG A NH1 1 
ATOM   813  N NH2 . ARG A 1 102 ? -7.657  1.797   -16.608 1.00 28.02 ? 195 ARG A NH2 1 
ATOM   814  N N   . ASN A 1 103 ? -7.680  5.793   -9.721  1.00 25.91 ? 196 ASN A N   1 
ATOM   815  C CA  . ASN A 1 103 ? -8.690  5.958   -8.658  1.00 24.96 ? 196 ASN A CA  1 
ATOM   816  C C   . ASN A 1 103 ? -8.003  5.643   -7.307  1.00 24.31 ? 196 ASN A C   1 
ATOM   817  O O   . ASN A 1 103 ? -6.879  5.125   -7.282  1.00 23.83 ? 196 ASN A O   1 
ATOM   818  C CB  . ASN A 1 103 ? -9.809  4.920   -8.856  1.00 24.08 ? 196 ASN A CB  1 
ATOM   819  C CG  . ASN A 1 103 ? -11.103 5.303   -8.225  1.00 27.10 ? 196 ASN A CG  1 
ATOM   820  O OD1 . ASN A 1 103 ? -11.211 6.280   -7.477  1.00 30.90 ? 196 ASN A OD1 1 
ATOM   821  N ND2 . ASN A 1 103 ? -12.114 4.389   -8.392  1.00 33.74 ? 196 ASN A ND2 1 
ATOM   822  N N   . ILE A 1 104 ? -8.644  6.116   -6.263  1.00 26.22 ? 197 ILE A N   1 
ATOM   823  C CA  . ILE A 1 104 ? -8.151  6.104   -4.884  1.00 24.84 ? 197 ILE A CA  1 
ATOM   824  C C   . ILE A 1 104 ? -9.357  5.746   -4.038  1.00 27.69 ? 197 ILE A C   1 
ATOM   825  O O   . ILE A 1 104 ? -10.356 6.410   -4.129  1.00 27.39 ? 197 ILE A O   1 
ATOM   826  C CB  . ILE A 1 104 ? -7.605  7.457   -4.423  1.00 25.58 ? 197 ILE A CB  1 
ATOM   827  C CG1 . ILE A 1 104 ? -6.426  7.909   -5.218  1.00 29.04 ? 197 ILE A CG1 1 
ATOM   828  C CG2 . ILE A 1 104 ? -7.174  7.340   -2.965  1.00 24.37 ? 197 ILE A CG2 1 
ATOM   829  C CD1 . ILE A 1 104 ? -6.012  9.342   -5.028  1.00 31.13 ? 197 ILE A CD1 1 
ATOM   830  N N   . GLU A 1 105 ? -9.275  4.670   -3.243  1.00 24.40 ? 198 GLU A N   1 
ATOM   831  C CA  . GLU A 1 105 ? -10.403 4.214   -2.461  1.00 24.79 ? 198 GLU A CA  1 
ATOM   832  C C   . GLU A 1 105 ? -9.961  3.623   -1.149  1.00 21.80 ? 198 GLU A C   1 
ATOM   833  O O   . GLU A 1 105 ? -8.875  2.991   -1.033  1.00 23.49 ? 198 GLU A O   1 
ATOM   834  C CB  . GLU A 1 105 ? -11.225 3.196   -3.214  1.00 25.86 ? 198 GLU A CB  1 
ATOM   835  C CG  . GLU A 1 105 ? -11.999 3.710   -4.432  1.00 29.91 ? 198 GLU A CG  1 
ATOM   836  C CD  . GLU A 1 105 ? -12.777 2.570   -5.139  1.00 37.17 ? 198 GLU A CD  1 
ATOM   837  O OE1 . GLU A 1 105 ? -13.042 1.502   -4.551  1.00 33.70 ? 198 GLU A OE1 1 
ATOM   838  O OE2 . GLU A 1 105 ? -13.162 2.756   -6.314  1.00 47.31 ? 198 GLU A OE2 1 
ATOM   839  N N   . TRP A 1 106 ? -10.908 3.699   -0.214  1.00 25.25 ? 199 TRP A N   1 
ATOM   840  C CA  . TRP A 1 106 ? -10.748 2.977   1.028   1.00 24.35 ? 199 TRP A CA  1 
ATOM   841  C C   . TRP A 1 106 ? -11.292 1.572   0.843   1.00 23.34 ? 199 TRP A C   1 
ATOM   842  O O   . TRP A 1 106 ? -12.384 1.380   0.278   1.00 24.86 ? 199 TRP A O   1 
ATOM   843  C CB  . TRP A 1 106 ? -11.599 3.598   2.126   1.00 25.52 ? 199 TRP A CB  1 
ATOM   844  C CG  . TRP A 1 106 ? -11.109 4.888   2.575   1.00 24.27 ? 199 TRP A CG  1 
ATOM   845  C CD1 . TRP A 1 106 ? -11.643 6.155   2.241   1.00 29.94 ? 199 TRP A CD1 1 
ATOM   846  C CD2 . TRP A 1 106 ? -10.007 5.161   3.485   1.00 24.54 ? 199 TRP A CD2 1 
ATOM   847  N NE1 . TRP A 1 106 ? -10.862 7.140   2.836   1.00 28.73 ? 199 TRP A NE1 1 
ATOM   848  C CE2 . TRP A 1 106 ? -9.886  6.573   3.602   1.00 24.23 ? 199 TRP A CE2 1 
ATOM   849  C CE3 . TRP A 1 106 ? -9.086  4.369   4.151   1.00 23.80 ? 199 TRP A CE3 1 
ATOM   850  C CZ2 . TRP A 1 106 ? -8.954  7.172   4.463   1.00 24.40 ? 199 TRP A CZ2 1 
ATOM   851  C CZ3 . TRP A 1 106 ? -8.145  4.946   4.936   1.00 25.20 ? 199 TRP A CZ3 1 
ATOM   852  C CH2 . TRP A 1 106 ? -8.076  6.364   5.085   1.00 27.58 ? 199 TRP A CH2 1 
ATOM   853  N N   . PHE A 1 107 ? -10.610 0.632   1.456   1.00 22.06 ? 200 PHE A N   1 
ATOM   854  C CA  . PHE A 1 107 ? -11.009 -0.805  1.487   1.00 22.72 ? 200 PHE A CA  1 
ATOM   855  C C   . PHE A 1 107 ? -10.978 -1.324  2.860   1.00 28.62 ? 200 PHE A C   1 
ATOM   856  O O   . PHE A 1 107 ? -10.052 -1.068  3.669   1.00 26.36 ? 200 PHE A O   1 
ATOM   857  C CB  . PHE A 1 107 ? -10.087 -1.687  0.565   1.00 23.96 ? 200 PHE A CB  1 
ATOM   858  C CG  . PHE A 1 107 ? -10.218 -1.371  -0.894  1.00 20.81 ? 200 PHE A CG  1 
ATOM   859  C CD1 . PHE A 1 107 ? -9.518  -0.290  -1.497  1.00 24.91 ? 200 PHE A CD1 1 
ATOM   860  C CD2 . PHE A 1 107 ? -11.152 -2.062  -1.668  1.00 23.81 ? 200 PHE A CD2 1 
ATOM   861  C CE1 . PHE A 1 107 ? -9.669  -0.067  -2.875  1.00 26.57 ? 200 PHE A CE1 1 
ATOM   862  C CE2 . PHE A 1 107 ? -11.340 -1.750  -3.002  1.00 24.29 ? 200 PHE A CE2 1 
ATOM   863  C CZ  . PHE A 1 107 ? -10.538 -0.791  -3.604  1.00 23.70 ? 200 PHE A CZ  1 
ATOM   864  N N   . SER A 1 108 ? -11.974 -2.166  3.163   1.00 25.21 ? 201 SER A N   1 
ATOM   865  C CA  . SER A 1 108 ? -12.010 -2.862  4.439   1.00 28.24 ? 201 SER A CA  1 
ATOM   866  C C   . SER A 1 108 ? -10.869 -3.827  4.539   1.00 25.76 ? 201 SER A C   1 
ATOM   867  O O   . SER A 1 108 ? -10.735 -4.754  3.718   1.00 27.28 ? 201 SER A O   1 
ATOM   868  C CB  . SER A 1 108 ? -13.393 -3.587  4.592   1.00 26.41 ? 201 SER A CB  1 
ATOM   869  O OG  . SER A 1 108 ? -13.284 -4.514  5.636   1.00 30.45 ? 201 SER A OG  1 
ATOM   870  N N   . ILE A 1 109 ? -10.062 -3.721  5.579   1.00 24.76 ? 202 ILE A N   1 
ATOM   871  C CA  . ILE A 1 109 ? -8.975  -4.643  5.773   1.00 26.07 ? 202 ILE A CA  1 
ATOM   872  C C   . ILE A 1 109 ? -9.416  -6.102  5.907   1.00 30.73 ? 202 ILE A C   1 
ATOM   873  O O   . ILE A 1 109 ? -8.780  -7.038  5.392   1.00 28.91 ? 202 ILE A O   1 
ATOM   874  C CB  . ILE A 1 109 ? -8.116  -4.258  6.986   1.00 32.68 ? 202 ILE A CB  1 
ATOM   875  C CG1 . ILE A 1 109 ? -7.349  -2.991  6.744   1.00 38.13 ? 202 ILE A CG1 1 
ATOM   876  C CG2 . ILE A 1 109 ? -7.037  -5.296  7.170   1.00 34.22 ? 202 ILE A CG2 1 
ATOM   877  C CD1 . ILE A 1 109 ? -6.690  -2.435  8.020   1.00 40.02 ? 202 ILE A CD1 1 
ATOM   878  N N   . GLU A 1 110 ? -10.528 -6.316  6.592   1.00 26.64 ? 203 GLU A N   1 
ATOM   879  C CA  . GLU A 1 110 ? -10.875 -7.683  6.840   1.00 30.60 ? 203 GLU A CA  1 
ATOM   880  C C   . GLU A 1 110 ? -11.373 -8.357  5.579   1.00 27.38 ? 203 GLU A C   1 
ATOM   881  O O   . GLU A 1 110 ? -11.304 -9.598  5.492   1.00 30.40 ? 203 GLU A O   1 
ATOM   882  C CB  . GLU A 1 110 ? -11.861 -7.734  8.008   1.00 30.34 ? 203 GLU A CB  1 
ATOM   883  C CG  . GLU A 1 110 ? -13.229 -7.246  7.714   1.00 36.80 ? 203 GLU A CG  1 
ATOM   884  C CD  . GLU A 1 110 ? -14.088 -7.322  9.022   1.00 45.03 ? 203 GLU A CD  1 
ATOM   885  O OE1 . GLU A 1 110 ? -13.508 -7.507  10.136  1.00 55.78 ? 203 GLU A OE1 1 
ATOM   886  O OE2 . GLU A 1 110 ? -15.315 -7.258  8.925   1.00 53.90 ? 203 GLU A OE2 1 
ATOM   887  N N   . LYS A 1 111 ? -11.807 -7.552  4.602   1.00 23.35 ? 204 LYS A N   1 
ATOM   888  C CA  . LYS A 1 111 ? -12.361 -8.110  3.340   1.00 25.35 ? 204 LYS A CA  1 
ATOM   889  C C   . LYS A 1 111 ? -11.259 -8.329  2.263   1.00 23.32 ? 204 LYS A C   1 
ATOM   890  O O   . LYS A 1 111 ? -11.462 -9.087  1.311   1.00 28.03 ? 204 LYS A O   1 
ATOM   891  C CB  . LYS A 1 111 ? -13.401 -7.223  2.776   1.00 29.10 ? 204 LYS A CB  1 
ATOM   892  C CG  . LYS A 1 111 ? -14.630 -7.181  3.695   1.00 36.57 ? 204 LYS A CG  1 
ATOM   893  C CD  . LYS A 1 111 ? -15.775 -6.485  2.985   1.00 40.64 ? 204 LYS A CD  1 
ATOM   894  C CE  . LYS A 1 111 ? -16.860 -6.226  4.026   1.00 54.50 ? 204 LYS A CE  1 
ATOM   895  N NZ  . LYS A 1 111 ? -18.150 -6.807  3.612   1.00 60.37 ? 204 LYS A NZ  1 
ATOM   896  N N   . LEU A 1 112 ? -10.074 -7.708  2.492   1.00 24.69 ? 205 LEU A N   1 
ATOM   897  C CA  . LEU A 1 112 ? -9.016  -7.830  1.509   1.00 24.20 ? 205 LEU A CA  1 
ATOM   898  C C   . LEU A 1 112 ? -8.454  -9.240  1.577   1.00 26.45 ? 205 LEU A C   1 
ATOM   899  O O   . LEU A 1 112 ? -8.345  -9.833  2.646   1.00 27.24 ? 205 LEU A O   1 
ATOM   900  C CB  . LEU A 1 112 ? -7.906  -6.769  1.741   1.00 23.49 ? 205 LEU A CB  1 
ATOM   901  C CG  . LEU A 1 112 ? -8.307  -5.343  1.352   1.00 23.36 ? 205 LEU A CG  1 
ATOM   902  C CD1 . LEU A 1 112 ? -7.262  -4.364  1.899   1.00 23.63 ? 205 LEU A CD1 1 
ATOM   903  C CD2 . LEU A 1 112 ? -8.455  -5.193  -0.178  1.00 25.07 ? 205 LEU A CD2 1 
ATOM   904  N N   . PRO A 1 113 ? -8.004  -9.754  0.425   1.00 27.28 ? 206 PRO A N   1 
ATOM   905  C CA  . PRO A 1 113 ? -7.317  -11.041 0.422   1.00 30.98 ? 206 PRO A CA  1 
ATOM   906  C C   . PRO A 1 113 ? -5.916  -10.938 1.041   1.00 29.74 ? 206 PRO A C   1 
ATOM   907  O O   . PRO A 1 113 ? -5.260  -9.894  0.861   1.00 26.58 ? 206 PRO A O   1 
ATOM   908  C CB  . PRO A 1 113 ? -7.190  -11.341 -1.097  1.00 26.85 ? 206 PRO A CB  1 
ATOM   909  C CG  . PRO A 1 113 ? -7.184  -10.008 -1.728  1.00 30.52 ? 206 PRO A CG  1 
ATOM   910  C CD  . PRO A 1 113 ? -8.096  -9.133  -0.914  1.00 29.86 ? 206 PRO A CD  1 
ATOM   911  N N   . CYS A 1 114 ? -5.453  -11.999 1.677   1.00 29.17 ? 207 CYS A N   1 
ATOM   912  C CA  . CYS A 1 114 ? -4.033  -12.050 2.091   1.00 29.77 ? 207 CYS A CA  1 
ATOM   913  C C   . CYS A 1 114 ? -3.226  -13.113 1.283   1.00 31.60 ? 207 CYS A C   1 
ATOM   914  O O   . CYS A 1 114 ? -2.032  -13.286 1.504   1.00 35.27 ? 207 CYS A O   1 
ATOM   915  C CB  . CYS A 1 114 ? -3.909  -12.220 3.559   1.00 36.72 ? 207 CYS A CB  1 
ATOM   916  S SG  . CYS A 1 114 ? -4.535  -13.831 4.160   1.00 44.97 ? 207 CYS A SG  1 
ATOM   917  N N   . HIS A 1 115 ? -3.872  -13.679 0.279   1.00 31.35 ? 208 HIS A N   1 
ATOM   918  C CA  . HIS A 1 115 ? -3.228  -14.589 -0.728  1.00 35.02 ? 208 HIS A CA  1 
ATOM   919  C C   . HIS A 1 115 ? -4.076  -14.636 -1.953  1.00 37.97 ? 208 HIS A C   1 
ATOM   920  O O   . HIS A 1 115 ? -5.278  -14.300 -1.908  1.00 32.54 ? 208 HIS A O   1 
ATOM   921  C CB  . HIS A 1 115 ? -3.016  -15.951 -0.025  1.00 36.74 ? 208 HIS A CB  1 
ATOM   922  C CG  . HIS A 1 115 ? -4.295  -16.613 0.371   1.00 36.23 ? 208 HIS A CG  1 
ATOM   923  N ND1 . HIS A 1 115 ? -5.099  -17.235 -0.555  1.00 38.97 ? 208 HIS A ND1 1 
ATOM   924  C CD2 . HIS A 1 115 ? -4.964  -16.669 1.549   1.00 41.06 ? 208 HIS A CD2 1 
ATOM   925  C CE1 . HIS A 1 115 ? -6.205  -17.672 0.030   1.00 40.68 ? 208 HIS A CE1 1 
ATOM   926  N NE2 . HIS A 1 115 ? -6.145  -17.348 1.306   1.00 40.38 ? 208 HIS A NE2 1 
ATOM   927  N N   A ARG A 1 116 ? -3.510  -14.975 -3.123  0.35 33.62 ? 209 ARG A N   1 
ATOM   928  N N   B ARG A 1 116 ? -3.482  -15.079 -3.053  0.22 36.41 ? 209 ARG A N   1 
ATOM   929  C CA  A ARG A 1 116 ? -4.343  -15.265 -4.298  0.35 34.80 ? 209 ARG A CA  1 
ATOM   930  C CA  B ARG A 1 116 ? -4.264  -15.379 -4.217  0.22 37.43 ? 209 ARG A CA  1 
ATOM   931  C C   A ARG A 1 116 ? -4.765  -16.744 -4.212  0.35 34.64 ? 209 ARG A C   1 
ATOM   932  C C   B ARG A 1 116 ? -4.777  -16.808 -4.157  0.22 37.31 ? 209 ARG A C   1 
ATOM   933  O O   A ARG A 1 116 ? -4.200  -17.492 -3.455  0.35 35.81 ? 209 ARG A O   1 
ATOM   934  O O   B ARG A 1 116 ? -4.282  -17.603 -3.377  0.22 39.61 ? 209 ARG A O   1 
ATOM   935  C CB  A ARG A 1 116 ? -3.611  -14.974 -5.607  0.35 35.91 ? 209 ARG A CB  1 
ATOM   936  C CB  B ARG A 1 116 ? -3.455  -15.162 -5.476  0.22 38.40 ? 209 ARG A CB  1 
ATOM   937  C CG  A ARG A 1 116 ? -3.172  -13.532 -5.798  0.35 33.27 ? 209 ARG A CG  1 
ATOM   938  C CG  B ARG A 1 116 ? -4.296  -15.281 -6.724  0.22 36.43 ? 209 ARG A CG  1 
ATOM   939  C CD  A ARG A 1 116 ? -1.962  -13.413 -6.661  0.35 37.27 ? 209 ARG A CD  1 
ATOM   940  C CD  B ARG A 1 116 ? -5.424  -14.282 -6.712  0.22 35.35 ? 209 ARG A CD  1 
ATOM   941  N NE  A ARG A 1 116 ? -2.260  -13.480 -8.061  0.35 39.73 ? 209 ARG A NE  1 
ATOM   942  N NE  B ARG A 1 116 ? -6.760  -14.675 -7.189  0.22 30.19 ? 209 ARG A NE  1 
ATOM   943  C CZ  A ARG A 1 116 ? -1.380  -13.792 -9.016  0.35 35.98 ? 209 ARG A CZ  1 
ATOM   944  C CZ  B ARG A 1 116 ? -7.890  -14.735 -6.470  0.22 35.11 ? 209 ARG A CZ  1 
ATOM   945  N NH1 A ARG A 1 116 ? -0.118  -14.168 -8.750  0.35 37.72 ? 209 ARG A NH1 1 
ATOM   946  N NH1 B ARG A 1 116 ? -9.033  -15.037 -7.096  0.22 39.75 ? 209 ARG A NH1 1 
ATOM   947  N NH2 A ARG A 1 116 ? -1.780  -13.782 -10.249 0.35 39.96 ? 209 ARG A NH2 1 
ATOM   948  N NH2 B ARG A 1 116 ? -7.918  -14.523 -5.151  0.22 33.34 ? 209 ARG A NH2 1 
ATOM   949  N N   . ASN A 1 117 ? -5.793  -17.109 -4.959  1.00 42.79 ? 210 ASN A N   1 
ATOM   950  C CA  . ASN A 1 117 ? -6.370  -18.441 -4.971  1.00 39.88 ? 210 ASN A CA  1 
ATOM   951  C C   . ASN A 1 117 ? -5.634  -19.228 -6.015  1.00 44.37 ? 210 ASN A C   1 
ATOM   952  O O   . ASN A 1 117 ? -5.227  -18.686 -7.053  1.00 38.78 ? 210 ASN A O   1 
ATOM   953  C CB  . ASN A 1 117 ? -7.805  -18.345 -5.377  1.00 44.33 ? 210 ASN A CB  1 
ATOM   954  C CG  . ASN A 1 117 ? -8.636  -17.571 -4.373  1.00 48.96 ? 210 ASN A CG  1 
ATOM   955  O OD1 . ASN A 1 117 ? -8.363  -17.601 -3.159  1.00 44.41 ? 210 ASN A OD1 1 
ATOM   956  N ND2 . ASN A 1 117 ? -9.650  -16.904 -4.879  1.00 48.68 ? 210 ASN A ND2 1 
ATOM   957  N N   . ASP A 1 118 ? -5.489  -20.519 -5.756  1.00 45.15 ? 211 ASP A N   1 
ATOM   958  C CA  . ASP A 1 118 ? -4.881  -21.370 -6.778  1.00 42.61 ? 211 ASP A CA  1 
ATOM   959  C C   . ASP A 1 118 ? -5.943  -21.674 -7.841  1.00 43.41 ? 211 ASP A C   1 
ATOM   960  O O   . ASP A 1 118 ? -7.006  -20.994 -7.909  1.00 42.90 ? 211 ASP A O   1 
ATOM   961  C CB  . ASP A 1 118 ? -4.103  -22.559 -6.133  1.00 47.80 ? 211 ASP A CB  1 
ATOM   962  C CG  . ASP A 1 118 ? -4.962  -23.533 -5.406  1.00 54.43 ? 211 ASP A CG  1 
ATOM   963  O OD1 . ASP A 1 118 ? -6.226  -23.475 -5.528  1.00 50.72 ? 211 ASP A OD1 1 
ATOM   964  O OD2 . ASP A 1 118 ? -4.324  -24.389 -4.734  1.00 56.30 ? 211 ASP A OD2 1 
ATOM   965  N N   . MET A 1 119 ? -5.644  -22.648 -8.712  1.00 46.29 ? 212 MET A N   1 
ATOM   966  C CA  . MET A 1 119 ? -6.615  -23.174 -9.706  1.00 50.93 ? 212 MET A CA  1 
ATOM   967  C C   . MET A 1 119 ? -6.691  -24.736 -9.596  1.00 58.40 ? 212 MET A C   1 
ATOM   968  O O   . MET A 1 119 ? -6.907  -25.433 -10.601 1.00 64.39 ? 212 MET A O   1 
ATOM   969  C CB  . MET A 1 119 ? -6.179  -22.690 -11.076 1.00 49.15 ? 212 MET A CB  1 
ATOM   970  C CG  . MET A 1 119 ? -6.301  -21.163 -11.138 1.00 52.31 ? 212 MET A CG  1 
ATOM   971  S SD  . MET A 1 119 ? -5.566  -20.317 -12.527 1.00 55.04 ? 212 MET A SD  1 
ATOM   972  C CE  . MET A 1 119 ? -3.887  -20.936 -12.464 1.00 63.44 ? 212 MET A CE  1 
ATOM   973  N N   . THR A 1 120 ? -6.505  -25.253 -8.369  1.00 59.22 ? 213 THR A N   1 
ATOM   974  C CA  . THR A 1 120 ? -6.769  -26.654 -8.000  1.00 65.00 ? 213 THR A CA  1 
ATOM   975  C C   . THR A 1 120 ? -8.091  -27.211 -8.577  1.00 75.20 ? 213 THR A C   1 
ATOM   976  O O   . THR A 1 120 ? -8.066  -28.325 -9.111  1.00 72.25 ? 213 THR A O   1 
ATOM   977  C CB  . THR A 1 120 ? -6.722  -26.900 -6.462  1.00 72.45 ? 213 THR A CB  1 
ATOM   978  O OG1 . THR A 1 120 ? -7.464  -25.884 -5.763  1.00 78.07 ? 213 THR A OG1 1 
ATOM   979  C CG2 . THR A 1 120 ? -5.290  -26.915 -5.943  1.00 69.30 ? 213 THR A CG2 1 
ATOM   980  N N   . PRO A 1 121 ? -9.223  -26.439 -8.526  1.00 79.70 ? 214 PRO A N   1 
ATOM   981  C CA  . PRO A 1 121 ? -10.423 -26.921 -9.244  1.00 78.36 ? 214 PRO A CA  1 
ATOM   982  C C   . PRO A 1 121 ? -10.189 -27.317 -10.725 1.00 76.74 ? 214 PRO A C   1 
ATOM   983  O O   . PRO A 1 121 ? -10.826 -28.264 -11.208 1.00 72.97 ? 214 PRO A O   1 
ATOM   984  C CB  . PRO A 1 121 ? -11.424 -25.743 -9.116  1.00 78.15 ? 214 PRO A CB  1 
ATOM   985  C CG  . PRO A 1 121 ? -10.640 -24.581 -8.594  1.00 84.08 ? 214 PRO A CG  1 
ATOM   986  C CD  . PRO A 1 121 ? -9.541  -25.201 -7.776  1.00 87.95 ? 214 PRO A CD  1 
ATOM   987  N N   . LYS A 1 122 ? -9.279  -26.621 -11.415 1.00 66.66 ? 215 LYS A N   1 
ATOM   988  C CA  . LYS A 1 122 ? -8.973  -26.899 -12.817 1.00 63.54 ? 215 LYS A CA  1 
ATOM   989  C C   . LYS A 1 122 ? -7.703  -27.803 -13.019 1.00 55.13 ? 215 LYS A C   1 
ATOM   990  O O   . LYS A 1 122 ? -7.219  -27.926 -14.149 1.00 64.92 ? 215 LYS A O   1 
ATOM   991  C CB  . LYS A 1 122 ? -8.806  -25.568 -13.562 1.00 58.28 ? 215 LYS A CB  1 
ATOM   992  C CG  . LYS A 1 122 ? -9.267  -25.607 -15.008 1.00 65.02 ? 215 LYS A CG  1 
ATOM   993  N N   . SER A 1 123 ? -7.183  -28.435 -11.956 1.00 52.03 ? 216 SER A N   1 
ATOM   994  C CA  . SER A 1 123 ? -5.866  -29.124 -12.025 1.00 44.25 ? 216 SER A CA  1 
ATOM   995  C C   . SER A 1 123 ? -4.757  -28.404 -12.827 1.00 37.99 ? 216 SER A C   1 
ATOM   996  O O   . SER A 1 123 ? -3.975  -29.039 -13.519 1.00 38.34 ? 216 SER A O   1 
ATOM   997  C CB  . SER A 1 123 ? -6.100  -30.515 -12.645 1.00 42.47 ? 216 SER A CB  1 
ATOM   998  O OG  . SER A 1 123 ? -6.869  -31.315 -11.759 1.00 48.71 ? 216 SER A OG  1 
ATOM   999  N N   . LYS A 1 124 ? -4.692  -27.060 -12.753 1.00 30.95 ? 217 LYS A N   1 
ATOM   1000 C CA  . LYS A 1 124 ? -3.766  -26.286 -13.443 1.00 30.01 ? 217 LYS A CA  1 
ATOM   1001 C C   . LYS A 1 124 ? -2.843  -25.615 -12.365 1.00 31.87 ? 217 LYS A C   1 
ATOM   1002 O O   . LYS A 1 124 ? -3.324  -25.225 -11.277 1.00 35.08 ? 217 LYS A O   1 
ATOM   1003 C CB  . LYS A 1 124 ? -4.546  -25.218 -14.232 1.00 34.46 ? 217 LYS A CB  1 
ATOM   1004 C CG  . LYS A 1 124 ? -3.731  -24.228 -15.008 1.00 39.02 ? 217 LYS A CG  1 
ATOM   1005 C CD  . LYS A 1 124 ? -4.680  -23.465 -15.941 1.00 46.50 ? 217 LYS A CD  1 
ATOM   1006 N N   . LEU A 1 125 ? -1.562  -25.476 -12.686 1.00 25.88 ? 218 LEU A N   1 
ATOM   1007 C CA  . LEU A 1 125 ? -0.666  -24.758 -11.775 1.00 27.72 ? 218 LEU A CA  1 
ATOM   1008 C C   . LEU A 1 125 ? -0.809  -23.260 -11.851 1.00 28.63 ? 218 LEU A C   1 
ATOM   1009 O O   . LEU A 1 125 ? -1.109  -22.687 -12.887 1.00 30.46 ? 218 LEU A O   1 
ATOM   1010 C CB  . LEU A 1 125 ? 0.782   -25.123 -12.036 1.00 26.52 ? 218 LEU A CB  1 
ATOM   1011 C CG  . LEU A 1 125 ? 0.909   -26.672 -11.897 1.00 29.27 ? 218 LEU A CG  1 
ATOM   1012 C CD1 . LEU A 1 125 ? 2.309   -27.000 -11.902 1.00 31.26 ? 218 LEU A CD1 1 
ATOM   1013 C CD2 . LEU A 1 125 ? 0.272   -27.392 -10.729 1.00 32.42 ? 218 LEU A CD2 1 
ATOM   1014 N N   . GLY A 1 126 ? -0.432  -22.648 -10.748 1.00 30.16 ? 219 GLY A N   1 
ATOM   1015 C CA  . GLY A 1 126 ? -0.362  -21.180 -10.697 1.00 29.49 ? 219 GLY A CA  1 
ATOM   1016 C C   . GLY A 1 126 ? -1.429  -20.587 -9.857  1.00 29.21 ? 219 GLY A C   1 
ATOM   1017 O O   . GLY A 1 126 ? -2.059  -21.236 -9.098  1.00 30.06 ? 219 GLY A O   1 
ATOM   1018 N N   . LEU A 1 127 ? -1.646  -19.297 -10.075 1.00 29.74 ? 220 LEU A N   1 
ATOM   1019 C CA  . LEU A 1 127 ? -2.597  -18.509 -9.245  1.00 30.05 ? 220 LEU A CA  1 
ATOM   1020 C C   . LEU A 1 127 ? -3.587  -17.782 -10.153 1.00 24.55 ? 220 LEU A C   1 
ATOM   1021 O O   . LEU A 1 127 ? -3.160  -17.321 -11.212 1.00 27.47 ? 220 LEU A O   1 
ATOM   1022 C CB  . LEU A 1 127 ? -1.768  -17.494 -8.437  1.00 29.91 ? 220 LEU A CB  1 
ATOM   1023 C CG  . LEU A 1 127 ? -1.013  -18.083 -7.212  1.00 34.38 ? 220 LEU A CG  1 
ATOM   1024 C CD1 . LEU A 1 127 ? -0.106  -16.993 -6.729  1.00 40.91 ? 220 LEU A CD1 1 
ATOM   1025 C CD2 . LEU A 1 127 ? -1.918  -18.671 -6.137  1.00 34.85 ? 220 LEU A CD2 1 
ATOM   1026 N N   . ALA A 1 128 ? -4.821  -17.604 -9.677  1.00 31.24 ? 221 ALA A N   1 
ATOM   1027 C CA  . ALA A 1 128 ? -5.838  -16.899 -10.401 1.00 31.95 ? 221 ALA A CA  1 
ATOM   1028 C C   . ALA A 1 128 ? -5.514  -15.446 -10.265 1.00 34.37 ? 221 ALA A C   1 
ATOM   1029 O O   . ALA A 1 128 ? -4.905  -15.043 -9.262  1.00 30.27 ? 221 ALA A O   1 
ATOM   1030 C CB  . ALA A 1 128 ? -7.227  -17.198 -9.831  1.00 37.45 ? 221 ALA A CB  1 
ATOM   1031 N N   . PRO A 1 129 ? -5.852  -14.656 -11.280 1.00 35.41 ? 222 PRO A N   1 
ATOM   1032 C CA  . PRO A 1 129 ? -5.690  -13.215 -11.223 1.00 32.97 ? 222 PRO A CA  1 
ATOM   1033 C C   . PRO A 1 129 ? -6.435  -12.640 -10.054 1.00 32.04 ? 222 PRO A C   1 
ATOM   1034 O O   . PRO A 1 129 ? -7.469  -13.194 -9.658  1.00 33.10 ? 222 PRO A O   1 
ATOM   1035 C CB  . PRO A 1 129 ? -6.366  -12.757 -12.522 1.00 40.80 ? 222 PRO A CB  1 
ATOM   1036 C CG  . PRO A 1 129 ? -6.130  -13.896 -13.482 1.00 44.96 ? 222 PRO A CG  1 
ATOM   1037 C CD  . PRO A 1 129 ? -6.418  -15.088 -12.595 1.00 38.26 ? 222 PRO A CD  1 
ATOM   1038 N N   . ASN A 1 130 ? -5.905  -11.543 -9.476  1.00 31.19 ? 223 ASN A N   1 
ATOM   1039 C CA  . ASN A 1 130 ? -6.577  -10.864 -8.376  1.00 28.83 ? 223 ASN A CA  1 
ATOM   1040 C C   . ASN A 1 130 ? -6.186  -9.438  -8.442  1.00 26.25 ? 223 ASN A C   1 
ATOM   1041 O O   . ASN A 1 130 ? -5.036  -9.107  -8.582  1.00 26.63 ? 223 ASN A O   1 
ATOM   1042 C CB  . ASN A 1 130 ? -6.184  -11.416 -7.010  1.00 32.15 ? 223 ASN A CB  1 
ATOM   1043 C CG  . ASN A 1 130 ? -7.011  -10.882 -5.877  1.00 32.28 ? 223 ASN A CG  1 
ATOM   1044 O OD1 . ASN A 1 130 ? -6.860  -9.739  -5.527  1.00 28.78 ? 223 ASN A OD1 1 
ATOM   1045 N ND2 . ASN A 1 130 ? -7.884  -11.709 -5.305  1.00 35.54 ? 223 ASN A ND2 1 
ATOM   1046 N N   . LYS A 1 131 ? -7.175  -8.558  -8.424  1.00 25.97 ? 224 LYS A N   1 
ATOM   1047 C CA  . LYS A 1 131 ? -6.867  -7.125  -8.600  1.00 23.64 ? 224 LYS A CA  1 
ATOM   1048 C C   . LYS A 1 131 ? -6.117  -6.516  -7.461  1.00 24.18 ? 224 LYS A C   1 
ATOM   1049 O O   . LYS A 1 131 ? -5.678  -5.391  -7.613  1.00 24.97 ? 224 LYS A O   1 
ATOM   1050 C CB  . LYS A 1 131 ? -8.132  -6.262  -8.833  1.00 24.58 ? 224 LYS A CB  1 
ATOM   1051 C CG  . LYS A 1 131 ? -9.129  -6.286  -7.723  1.00 28.75 ? 224 LYS A CG  1 
ATOM   1052 C CD  . LYS A 1 131 ? -10.312 -5.478  -8.207  1.00 29.10 ? 224 LYS A CD  1 
ATOM   1053 C CE  . LYS A 1 131 ? -11.335 -5.228  -7.110  1.00 33.92 ? 224 LYS A CE  1 
ATOM   1054 N NZ  . LYS A 1 131 ? -12.518 -4.435  -7.659  1.00 31.73 ? 224 LYS A NZ  1 
ATOM   1055 N N   . PHE A 1 132 ? -6.000  -7.211  -6.355  1.00 23.46 ? 225 PHE A N   1 
ATOM   1056 C CA  . PHE A 1 132 ? -5.239  -6.712  -5.220  1.00 22.62 ? 225 PHE A CA  1 
ATOM   1057 C C   . PHE A 1 132 ? -3.826  -7.283  -5.124  1.00 23.10 ? 225 PHE A C   1 
ATOM   1058 O O   . PHE A 1 132 ? -3.191  -7.145  -4.074  1.00 23.70 ? 225 PHE A O   1 
ATOM   1059 C CB  . PHE A 1 132 ? -5.979  -7.032  -3.955  1.00 21.92 ? 225 PHE A CB  1 
ATOM   1060 C CG  . PHE A 1 132 ? -7.324  -6.346  -3.884  1.00 23.72 ? 225 PHE A CG  1 
ATOM   1061 C CD1 . PHE A 1 132 ? -7.385  -5.031  -3.617  1.00 22.92 ? 225 PHE A CD1 1 
ATOM   1062 C CD2 . PHE A 1 132 ? -8.494  -7.088  -3.933  1.00 26.96 ? 225 PHE A CD2 1 
ATOM   1063 C CE1 . PHE A 1 132 ? -8.588  -4.376  -3.589  1.00 22.54 ? 225 PHE A CE1 1 
ATOM   1064 C CE2 . PHE A 1 132 ? -9.700  -6.456  -3.931  1.00 24.44 ? 225 PHE A CE2 1 
ATOM   1065 C CZ  . PHE A 1 132 ? -9.766  -5.119  -3.679  1.00 23.73 ? 225 PHE A CZ  1 
ATOM   1066 N N   A PHE A 1 133 ? -3.362  -7.899  -6.207  0.35 24.28 ? 226 PHE A N   1 
ATOM   1067 N N   B PHE A 1 133 ? -3.344  -7.875  -6.226  0.22 24.46 ? 226 PHE A N   1 
ATOM   1068 C CA  A PHE A 1 133 ? -2.037  -8.542  -6.240  0.35 25.34 ? 226 PHE A CA  1 
ATOM   1069 C CA  B PHE A 1 133 ? -2.015  -8.525  -6.292  0.22 25.46 ? 226 PHE A CA  1 
ATOM   1070 C C   A PHE A 1 133 ? -0.864  -7.740  -5.667  0.35 27.27 ? 226 PHE A C   1 
ATOM   1071 C C   B PHE A 1 133 ? -0.905  -7.735  -5.619  0.22 26.58 ? 226 PHE A C   1 
ATOM   1072 O O   A PHE A 1 133 ? 0.036   -8.328  -5.042  0.35 24.16 ? 226 PHE A O   1 
ATOM   1073 O O   B PHE A 1 133 ? -0.107  -8.319  -4.867  0.22 25.30 ? 226 PHE A O   1 
ATOM   1074 C CB  A PHE A 1 133 ? -1.714  -9.064  -7.657  0.35 26.77 ? 226 PHE A CB  1 
ATOM   1075 C CB  B PHE A 1 133 ? -1.617  -8.806  -7.758  0.22 26.92 ? 226 PHE A CB  1 
ATOM   1076 C CG  A PHE A 1 133 ? -1.498  -7.989  -8.710  0.35 28.90 ? 226 PHE A CG  1 
ATOM   1077 C CG  B PHE A 1 133 ? -0.268  -9.475  -7.916  0.22 28.19 ? 226 PHE A CG  1 
ATOM   1078 C CD1 A PHE A 1 133 ? -2.574  -7.364  -9.371  0.35 28.54 ? 226 PHE A CD1 1 
ATOM   1079 C CD1 B PHE A 1 133 ? -0.069  -10.777 -7.453  0.22 30.45 ? 226 PHE A CD1 1 
ATOM   1080 C CD2 A PHE A 1 133 ? -0.200  -7.666  -9.105  0.35 31.10 ? 226 PHE A CD2 1 
ATOM   1081 C CD2 B PHE A 1 133 ? 0.799   -8.820  -8.516  0.22 29.43 ? 226 PHE A CD2 1 
ATOM   1082 C CE1 A PHE A 1 133 ? -2.357  -6.424  -10.346 0.35 32.64 ? 226 PHE A CE1 1 
ATOM   1083 C CE1 B PHE A 1 133 ? 1.168   -11.417 -7.591  0.22 30.38 ? 226 PHE A CE1 1 
ATOM   1084 C CE2 A PHE A 1 133 ? 0.012   -6.730  -10.104 0.35 32.65 ? 226 PHE A CE2 1 
ATOM   1085 C CE2 B PHE A 1 133 ? 2.035   -9.460  -8.654  0.22 30.42 ? 226 PHE A CE2 1 
ATOM   1086 C CZ  A PHE A 1 133 ? -1.051  -6.110  -10.711 0.35 28.19 ? 226 PHE A CZ  1 
ATOM   1087 C CZ  B PHE A 1 133 ? 2.219   -10.747 -8.180  0.22 29.81 ? 226 PHE A CZ  1 
ATOM   1088 N N   . MET A 1 134 ? -0.851  -6.438  -5.919  1.00 23.67 ? 227 MET A N   1 
ATOM   1089 C CA  . MET A 1 134 ? 0.263   -5.534  -5.431  1.00 26.57 ? 227 MET A CA  1 
ATOM   1090 C C   . MET A 1 134 ? 0.156   -5.286  -3.927  1.00 23.70 ? 227 MET A C   1 
ATOM   1091 O O   . MET A 1 134 ? 1.189   -5.083  -3.267  1.00 26.76 ? 227 MET A O   1 
ATOM   1092 C CB  . MET A 1 134 ? 0.243   -4.226  -6.173  1.00 29.29 ? 227 MET A CB  1 
ATOM   1093 C CG  . MET A 1 134 ? 0.635   -4.338  -7.665  1.00 32.96 ? 227 MET A CG  1 
ATOM   1094 S SD  . MET A 1 134 ? 0.616   -2.797  -8.583  1.00 38.07 ? 227 MET A SD  1 
ATOM   1095 C CE  . MET A 1 134 ? -1.153  -2.411  -8.691  1.00 41.24 ? 227 MET A CE  1 
ATOM   1096 N N   . ALA A 1 135 ? -1.074  -5.298  -3.374  1.00 25.92 ? 228 ALA A N   1 
ATOM   1097 C CA  . ALA A 1 135 ? -1.325  -5.163  -1.940  1.00 22.66 ? 228 ALA A CA  1 
ATOM   1098 C C   . ALA A 1 135 ? -1.157  -6.424  -1.092  1.00 24.33 ? 228 ALA A C   1 
ATOM   1099 O O   . ALA A 1 135 ? -0.791  -6.378  0.087   1.00 23.24 ? 228 ALA A O   1 
ATOM   1100 C CB  . ALA A 1 135 ? -2.671  -4.565  -1.679  1.00 20.94 ? 228 ALA A CB  1 
ATOM   1101 N N   . ILE A 1 136 ? -1.570  -7.578  -1.671  1.00 22.06 ? 229 ILE A N   1 
ATOM   1102 C CA  . ILE A 1 136 ? -1.648  -8.813  -0.962  1.00 23.19 ? 229 ILE A CA  1 
ATOM   1103 C C   . ILE A 1 136 ? -0.488  -9.199  -0.058  1.00 21.17 ? 229 ILE A C   1 
ATOM   1104 O O   . ILE A 1 136 ? -0.701  -9.554  1.084   1.00 23.99 ? 229 ILE A O   1 
ATOM   1105 C CB  . ILE A 1 136 ? -1.968  -9.973  -1.958  1.00 24.17 ? 229 ILE A CB  1 
ATOM   1106 C CG1 . ILE A 1 136 ? -3.471  -9.940  -2.192  1.00 26.60 ? 229 ILE A CG1 1 
ATOM   1107 C CG2 . ILE A 1 136 ? -1.589  -11.359 -1.439  1.00 27.55 ? 229 ILE A CG2 1 
ATOM   1108 C CD1 . ILE A 1 136 ? -3.961  -10.711 -3.423  1.00 27.26 ? 229 ILE A CD1 1 
ATOM   1109 N N   . PRO A 1 137 ? 0.787   -9.046  -0.519  1.00 25.84 ? 230 PRO A N   1 
ATOM   1110 C CA  . PRO A 1 137 ? 1.958   -9.445  0.321   1.00 25.55 ? 230 PRO A CA  1 
ATOM   1111 C C   . PRO A 1 137 ? 2.011   -8.728  1.639   1.00 26.70 ? 230 PRO A C   1 
ATOM   1112 O O   . PRO A 1 137 ? 2.554   -9.241  2.570   1.00 27.79 ? 230 PRO A O   1 
ATOM   1113 C CB  . PRO A 1 137 ? 3.143   -8.944  -0.518  1.00 28.30 ? 230 PRO A CB  1 
ATOM   1114 C CG  . PRO A 1 137 ? 2.693   -9.073  -1.899  1.00 30.91 ? 230 PRO A CG  1 
ATOM   1115 C CD  . PRO A 1 137 ? 1.212   -8.624  -1.835  1.00 27.21 ? 230 PRO A CD  1 
ATOM   1116 N N   . PHE A 1 138 ? 1.387   -7.527  1.707   1.00 24.87 ? 231 PHE A N   1 
ATOM   1117 C CA  . PHE A 1 138 ? 1.433   -6.727  2.917   1.00 22.52 ? 231 PHE A CA  1 
ATOM   1118 C C   . PHE A 1 138 ? 0.327   -6.977  3.909   1.00 22.35 ? 231 PHE A C   1 
ATOM   1119 O O   . PHE A 1 138 ? 0.400   -6.460  5.010   1.00 23.01 ? 231 PHE A O   1 
ATOM   1120 C CB  . PHE A 1 138 ? 1.452   -5.211  2.590   1.00 22.46 ? 231 PHE A CB  1 
ATOM   1121 C CG  . PHE A 1 138 ? 2.660   -4.783  1.809   1.00 25.36 ? 231 PHE A CG  1 
ATOM   1122 C CD1 . PHE A 1 138 ? 3.857   -4.419  2.508   1.00 27.30 ? 231 PHE A CD1 1 
ATOM   1123 C CD2 . PHE A 1 138 ? 2.658   -4.757  0.425   1.00 28.03 ? 231 PHE A CD2 1 
ATOM   1124 C CE1 . PHE A 1 138 ? 4.963   -4.068  1.779   1.00 30.00 ? 231 PHE A CE1 1 
ATOM   1125 C CE2 . PHE A 1 138 ? 3.782   -4.337  -0.256  1.00 30.49 ? 231 PHE A CE2 1 
ATOM   1126 C CZ  . PHE A 1 138 ? 4.897   -3.997  0.455   1.00 28.38 ? 231 PHE A CZ  1 
ATOM   1127 N N   . ILE A 1 139 ? -0.724  -7.660  3.515   1.00 24.79 ? 232 ILE A N   1 
ATOM   1128 C CA  . ILE A 1 139 ? -1.964  -7.758  4.295   1.00 22.79 ? 232 ILE A CA  1 
ATOM   1129 C C   . ILE A 1 139 ? -1.842  -8.540  5.603   1.00 28.96 ? 232 ILE A C   1 
ATOM   1130 O O   . ILE A 1 139 ? -2.164  -8.044  6.676   1.00 26.67 ? 232 ILE A O   1 
ATOM   1131 C CB  . ILE A 1 139 ? -3.117  -8.293  3.457   1.00 24.73 ? 232 ILE A CB  1 
ATOM   1132 C CG1 . ILE A 1 139 ? -3.415  -7.332  2.298   1.00 23.87 ? 232 ILE A CG1 1 
ATOM   1133 C CG2 . ILE A 1 139 ? -4.340  -8.480  4.321   1.00 30.57 ? 232 ILE A CG2 1 
ATOM   1134 C CD1 . ILE A 1 139 ? -3.773  -5.889  2.690   1.00 27.56 ? 232 ILE A CD1 1 
ATOM   1135 N N   . ARG A 1 140 ? -1.288  -9.737  5.519   1.00 27.71 ? 233 ARG A N   1 
ATOM   1136 C CA  . ARG A 1 140 ? -1.044  -10.494 6.742   1.00 32.30 ? 233 ARG A CA  1 
ATOM   1137 C C   . ARG A 1 140 ? -0.027  -9.815  7.668   1.00 26.95 ? 233 ARG A C   1 
ATOM   1138 O O   . ARG A 1 140 ? -0.334  -9.662  8.828   1.00 28.48 ? 233 ARG A O   1 
ATOM   1139 C CB  . ARG A 1 140 ? -0.647  -11.914 6.382   1.00 31.93 ? 233 ARG A CB  1 
ATOM   1140 C CG  . ARG A 1 140 ? -0.179  -12.742 7.586   1.00 44.01 ? 233 ARG A CG  1 
ATOM   1141 C CD  . ARG A 1 140 ? -1.252  -12.823 8.645   1.00 54.70 ? 233 ARG A CD  1 
ATOM   1142 N NE  . ARG A 1 140 ? -2.584  -13.009 8.062   1.00 67.74 ? 233 ARG A NE  1 
ATOM   1143 C CZ  . ARG A 1 140 ? -3.734  -12.818 8.710   1.00 75.44 ? 233 ARG A CZ  1 
ATOM   1144 N NH1 . ARG A 1 140 ? -3.781  -12.461 10.018  1.00 77.53 ? 233 ARG A NH1 1 
ATOM   1145 N NH2 . ARG A 1 140 ? -4.862  -13.008 8.040   1.00 72.23 ? 233 ARG A NH2 1 
ATOM   1146 N N   . PRO A 1 141 ? 1.144   -9.323  7.146   1.00 27.16 ? 234 PRO A N   1 
ATOM   1147 C CA  . PRO A 1 141 ? 1.985   -8.597  8.066   1.00 28.77 ? 234 PRO A CA  1 
ATOM   1148 C C   . PRO A 1 141 ? 1.288   -7.386  8.690   1.00 28.79 ? 234 PRO A C   1 
ATOM   1149 O O   . PRO A 1 141 ? 1.561   -7.045  9.886   1.00 27.99 ? 234 PRO A O   1 
ATOM   1150 C CB  . PRO A 1 141 ? 3.219   -8.184  7.229   1.00 29.47 ? 234 PRO A CB  1 
ATOM   1151 C CG  . PRO A 1 141 ? 3.200   -9.092  6.072   1.00 31.88 ? 234 PRO A CG  1 
ATOM   1152 C CD  . PRO A 1 141 ? 1.843   -9.688  5.912   1.00 29.40 ? 234 PRO A CD  1 
ATOM   1153 N N   . LEU A 1 142 ? 0.482   -6.672  7.886   1.00 25.18 ? 235 LEU A N   1 
ATOM   1154 C CA  . LEU A 1 142 ? -0.292  -5.540  8.460   1.00 27.21 ? 235 LEU A CA  1 
ATOM   1155 C C   . LEU A 1 142 ? -1.260  -5.922  9.599   1.00 27.36 ? 235 LEU A C   1 
ATOM   1156 O O   . LEU A 1 142 ? -1.281  -5.308  10.668  1.00 27.97 ? 235 LEU A O   1 
ATOM   1157 C CB  . LEU A 1 142 ? -1.022  -4.749  7.387   1.00 24.41 ? 235 LEU A CB  1 
ATOM   1158 C CG  . LEU A 1 142 ? -1.974  -3.671  7.842   1.00 23.38 ? 235 LEU A CG  1 
ATOM   1159 C CD1 . LEU A 1 142 ? -1.327  -2.580  8.556   1.00 23.81 ? 235 LEU A CD1 1 
ATOM   1160 C CD2 . LEU A 1 142 ? -2.813  -3.115  6.662   1.00 24.13 ? 235 LEU A CD2 1 
ATOM   1161 N N   . ARG A 1 143 ? -2.045  -6.947  9.364   1.00 26.75 ? 236 ARG A N   1 
ATOM   1162 C CA  . ARG A 1 143 ? -2.983  -7.477  10.372  1.00 30.50 ? 236 ARG A CA  1 
ATOM   1163 C C   . ARG A 1 143 ? -2.171  -7.864  11.654  1.00 30.69 ? 236 ARG A C   1 
ATOM   1164 O O   . ARG A 1 143 ? -2.555  -7.490  12.762  1.00 30.99 ? 236 ARG A O   1 
ATOM   1165 C CB  . ARG A 1 143 ? -3.729  -8.669  9.822   1.00 28.68 ? 236 ARG A CB  1 
ATOM   1166 C CG  . ARG A 1 143 ? -4.787  -8.276  8.814   1.00 27.83 ? 236 ARG A CG  1 
ATOM   1167 C CD  . ARG A 1 143 ? -5.449  -9.467  8.241   1.00 32.73 ? 236 ARG A CD  1 
ATOM   1168 N NE  . ARG A 1 143 ? -6.482  -9.157  7.285   1.00 34.70 ? 236 ARG A NE  1 
ATOM   1169 C CZ  . ARG A 1 143 ? -6.904  -9.960  6.298   1.00 35.33 ? 236 ARG A CZ  1 
ATOM   1170 N NH1 . ARG A 1 143 ? -6.345  -11.153 6.121   1.00 34.66 ? 236 ARG A NH1 1 
ATOM   1171 N NH2 . ARG A 1 143 ? -7.860  -9.560  5.449   1.00 32.22 ? 236 ARG A NH2 1 
ATOM   1172 N N   . ASP A 1 144 ? -1.007  -8.485  11.485  1.00 33.46 ? 237 ASP A N   1 
ATOM   1173 C CA  . ASP A 1 144 ? -0.220  -8.929  12.658  1.00 32.81 ? 237 ASP A CA  1 
ATOM   1174 C C   . ASP A 1 144 ? 0.367   -7.724  13.372  1.00 34.62 ? 237 ASP A C   1 
ATOM   1175 O O   . ASP A 1 144 ? 0.420   -7.673  14.581  1.00 33.90 ? 237 ASP A O   1 
ATOM   1176 C CB  . ASP A 1 144 ? 0.912   -9.882  12.259  1.00 33.58 ? 237 ASP A CB  1 
ATOM   1177 C CG  . ASP A 1 144 ? 0.396   -11.275 11.758  1.00 41.08 ? 237 ASP A CG  1 
ATOM   1178 O OD1 . ASP A 1 144 ? -0.791  -11.648 11.913  1.00 40.72 ? 237 ASP A OD1 1 
ATOM   1179 O OD2 . ASP A 1 144 ? 1.182   -11.979 11.065  1.00 45.18 ? 237 ASP A OD2 1 
ATOM   1180 N N   . TRP A 1 145 ? 0.829   -6.751  12.606  1.00 27.75 ? 238 TRP A N   1 
ATOM   1181 C CA  . TRP A 1 145 ? 1.385   -5.544  13.165  1.00 29.59 ? 238 TRP A CA  1 
ATOM   1182 C C   . TRP A 1 145 ? 0.307   -4.788  13.942  1.00 31.00 ? 238 TRP A C   1 
ATOM   1183 O O   . TRP A 1 145 ? 0.534   -4.348  15.070  1.00 33.91 ? 238 TRP A O   1 
ATOM   1184 C CB  . TRP A 1 145 ? 1.982   -4.689  12.048  1.00 28.80 ? 238 TRP A CB  1 
ATOM   1185 C CG  . TRP A 1 145 ? 2.739   -3.457  12.546  1.00 33.58 ? 238 TRP A CG  1 
ATOM   1186 C CD1 . TRP A 1 145 ? 4.090   -3.344  12.664  1.00 36.84 ? 238 TRP A CD1 1 
ATOM   1187 C CD2 . TRP A 1 145 ? 2.202   -2.193  12.939  1.00 29.16 ? 238 TRP A CD2 1 
ATOM   1188 N NE1 . TRP A 1 145 ? 4.460   -2.108  13.056  1.00 35.14 ? 238 TRP A NE1 1 
ATOM   1189 C CE2 . TRP A 1 145 ? 3.321   -1.380  13.308  1.00 34.78 ? 238 TRP A CE2 1 
ATOM   1190 C CE3 . TRP A 1 145 ? 0.926   -1.658  13.069  1.00 29.05 ? 238 TRP A CE3 1 
ATOM   1191 C CZ2 . TRP A 1 145 ? 3.183   -0.070  13.693  1.00 32.27 ? 238 TRP A CZ2 1 
ATOM   1192 C CZ3 . TRP A 1 145 ? 0.804   -0.309  13.464  1.00 30.63 ? 238 TRP A CZ3 1 
ATOM   1193 C CH2 . TRP A 1 145 ? 1.928   0.436   13.827  1.00 34.53 ? 238 TRP A CH2 1 
ATOM   1194 N N   . LEU A 1 146 ? -0.893  -4.699  13.391  1.00 31.41 ? 239 LEU A N   1 
ATOM   1195 C CA  . LEU A 1 146 ? -1.973  -3.974  14.086  1.00 29.94 ? 239 LEU A CA  1 
ATOM   1196 C C   . LEU A 1 146 ? -2.389  -4.653  15.414  1.00 34.81 ? 239 LEU A C   1 
ATOM   1197 O O   . LEU A 1 146 ? -2.689  -3.987  16.378  1.00 36.49 ? 239 LEU A O   1 
ATOM   1198 C CB  . LEU A 1 146 ? -3.226  -3.769  13.262  1.00 30.62 ? 239 LEU A CB  1 
ATOM   1199 C CG  . LEU A 1 146 ? -2.999  -2.816  12.093  1.00 27.98 ? 239 LEU A CG  1 
ATOM   1200 C CD1 . LEU A 1 146 ? -4.101  -2.968  11.079  1.00 24.71 ? 239 LEU A CD1 1 
ATOM   1201 C CD2 . LEU A 1 146 ? -2.872  -1.383  12.533  1.00 25.33 ? 239 LEU A CD2 1 
ATOM   1202 N N   . SER A 1 147 ? -2.392  -5.970  15.370  1.00 34.48 ? 240 SER A N   1 
ATOM   1203 C CA  . SER A 1 147 ? -2.687  -6.813  16.572  1.00 41.50 ? 240 SER A CA  1 
ATOM   1204 C C   . SER A 1 147 ? -1.680  -6.591  17.653  1.00 38.92 ? 240 SER A C   1 
ATOM   1205 O O   . SER A 1 147 ? -2.055  -6.378  18.801  1.00 44.00 ? 240 SER A O   1 
ATOM   1206 C CB  . SER A 1 147 ? -2.685  -8.275  16.197  1.00 37.83 ? 240 SER A CB  1 
ATOM   1207 O OG  . SER A 1 147 ? -3.882  -8.486  15.529  1.00 51.43 ? 240 SER A OG  1 
ATOM   1208 N N   . ARG A 1 148 ? -0.405  -6.609  17.324  1.00 40.37 ? 241 ARG A N   1 
ATOM   1209 C CA  . ARG A 1 148 ? 0.596   -6.361  18.337  1.00 42.27 ? 241 ARG A CA  1 
ATOM   1210 C C   . ARG A 1 148 ? 0.510   -4.929  18.924  1.00 53.37 ? 241 ARG A C   1 
ATOM   1211 O O   . ARG A 1 148 ? 0.508   -4.769  20.154  1.00 53.63 ? 241 ARG A O   1 
ATOM   1212 C CB  . ARG A 1 148 ? 1.999   -6.682  17.824  1.00 45.54 ? 241 ARG A CB  1 
ATOM   1213 C CG  . ARG A 1 148 ? 2.180   -8.171  17.554  1.00 50.67 ? 241 ARG A CG  1 
ATOM   1214 N N   . ARG A 1 149 ? 0.422   -3.927  18.051  0.50 53.79 ? 242 ARG A N   1 
ATOM   1215 C CA  . ARG A 1 149 ? 0.446   -2.511  18.442  0.50 57.39 ? 242 ARG A CA  1 
ATOM   1216 C C   . ARG A 1 149 ? -0.792  -2.000  19.149  0.50 61.99 ? 242 ARG A C   1 
ATOM   1217 O O   . ARG A 1 149 ? -0.682  -1.132  20.019  0.50 65.22 ? 242 ARG A O   1 
ATOM   1218 C CB  . ARG A 1 149 ? 0.654   -1.644  17.217  0.50 60.75 ? 242 ARG A CB  1 
ATOM   1219 C CG  . ARG A 1 149 ? 2.112   -1.419  16.894  0.50 60.92 ? 242 ARG A CG  1 
ATOM   1220 C CD  . ARG A 1 149 ? 2.964   -2.624  17.242  0.50 62.04 ? 242 ARG A CD  1 
ATOM   1221 N NE  . ARG A 1 149 ? 4.329   -2.428  16.777  0.50 62.60 ? 242 ARG A NE  1 
ATOM   1222 C CZ  . ARG A 1 149 ? 5.385   -3.055  17.275  0.50 64.41 ? 242 ARG A CZ  1 
ATOM   1223 N NH1 . ARG A 1 149 ? 6.590   -2.803  16.783  0.50 68.33 ? 242 ARG A NH1 1 
ATOM   1224 N NH2 . ARG A 1 149 ? 5.239   -3.930  18.259  0.50 64.82 ? 242 ARG A NH2 1 
ATOM   1225 N N   . PHE A 1 150 ? -1.961  -2.521  18.773  1.00 61.92 ? 243 PHE A N   1 
ATOM   1226 C CA  . PHE A 1 150 ? -3.252  -2.050  19.318  1.00 57.90 ? 243 PHE A CA  1 
ATOM   1227 C C   . PHE A 1 150 ? -4.034  -3.111  20.081  1.00 68.69 ? 243 PHE A C   1 
ATOM   1228 O O   . PHE A 1 150 ? -4.446  -2.867  21.215  1.00 78.59 ? 243 PHE A O   1 
ATOM   1229 C CB  . PHE A 1 150 ? -4.120  -1.525  18.188  1.00 50.91 ? 243 PHE A CB  1 
ATOM   1230 C CG  . PHE A 1 150 ? -3.571  -0.299  17.533  1.00 60.04 ? 243 PHE A CG  1 
ATOM   1231 C CD1 . PHE A 1 150 ? -3.765  0.948   18.109  1.00 59.13 ? 243 PHE A CD1 1 
ATOM   1232 C CD2 . PHE A 1 150 ? -2.873  -0.354  16.343  1.00 47.48 ? 243 PHE A CD2 1 
ATOM   1233 C CE1 . PHE A 1 150 ? -3.273  2.105   17.506  1.00 59.09 ? 243 PHE A CE1 1 
ATOM   1234 C CE2 . PHE A 1 150 ? -2.369  0.796   15.764  1.00 56.60 ? 243 PHE A CE2 1 
ATOM   1235 C CZ  . PHE A 1 150 ? -2.580  2.035   16.331  1.00 56.03 ? 243 PHE A CZ  1 
ATOM   1236 N N   . GLY A 1 151 ? -4.278  -4.262  19.445  1.00 77.13 ? 244 GLY A N   1 
ATOM   1237 C CA  . GLY A 1 151 ? -5.011  -5.385  20.055  1.00 72.83 ? 244 GLY A CA  1 
ATOM   1238 C C   . GLY A 1 151 ? -6.357  -4.983  20.642  1.00 79.67 ? 244 GLY A C   1 
ATOM   1239 O O   . GLY A 1 151 ? -7.401  -5.505  20.248  1.00 91.05 ? 244 GLY A O   1 
HETATM 1240 C C1  . EDO B 2 .   ? 6.100   15.724  0.002   1.00 64.16 ? 301 EDO A C1  1 
HETATM 1241 O O1  . EDO B 2 .   ? 5.508   16.518  -1.042  1.00 72.89 ? 301 EDO A O1  1 
HETATM 1242 C C2  . EDO B 2 .   ? 5.195   15.834  1.221   1.00 65.30 ? 301 EDO A C2  1 
HETATM 1243 O O2  . EDO B 2 .   ? 5.951   16.286  2.353   1.00 63.86 ? 301 EDO A O2  1 
HETATM 1244 C C1  . EDO C 2 .   ? -7.105  -8.415  -12.136 1.00 63.21 ? 302 EDO A C1  1 
HETATM 1245 O O1  . EDO C 2 .   ? -5.779  -8.915  -11.828 1.00 60.52 ? 302 EDO A O1  1 
HETATM 1246 C C2  . EDO C 2 .   ? -8.102  -9.494  -12.505 1.00 59.59 ? 302 EDO A C2  1 
HETATM 1247 O O2  . EDO C 2 .   ? -8.813  -9.938  -11.331 1.00 63.99 ? 302 EDO A O2  1 
HETATM 1248 S S   . DMS D 3 .   ? -15.093 2.041   3.313   1.00 73.63 ? 303 DMS A S   1 
HETATM 1249 O O   . DMS D 3 .   ? -14.252 0.892   2.913   1.00 49.46 ? 303 DMS A O   1 
HETATM 1250 C C1  . DMS D 3 .   ? -16.125 2.462   2.015   1.00 64.28 ? 303 DMS A C1  1 
HETATM 1251 C C2  . DMS D 3 .   ? -16.167 1.514   4.536   1.00 67.38 ? 303 DMS A C2  1 
HETATM 1252 C C   . ACT E 4 .   ? -6.224  -2.796  -18.075 1.00 46.47 ? 304 ACT A C   1 
HETATM 1253 O O   . ACT E 4 .   ? -5.022  -3.154  -18.166 1.00 65.27 ? 304 ACT A O   1 
HETATM 1254 O OXT . ACT E 4 .   ? -6.491  -1.944  -17.227 1.00 53.36 ? 304 ACT A OXT 1 
HETATM 1255 C CH3 . ACT E 4 .   ? -7.353  -3.325  -19.003 1.00 47.35 ? 304 ACT A CH3 1 
HETATM 1256 C C   . ACT F 4 .   ? -2.433  -10.307 -11.266 1.00 48.73 ? 305 ACT A C   1 
HETATM 1257 O O   . ACT F 4 .   ? -3.049  -10.950 -10.415 1.00 41.07 ? 305 ACT A O   1 
HETATM 1258 O OXT . ACT F 4 .   ? -3.083  -9.493  -11.996 1.00 65.47 ? 305 ACT A OXT 1 
HETATM 1259 C CH3 . ACT F 4 .   ? -0.969  -10.547 -11.479 1.00 53.06 ? 305 ACT A CH3 1 
HETATM 1260 N N1  . LFG G 5 .   ? 3.824   -3.108  -6.576  0.57 63.04 ? 306 LFG A N1  1 
HETATM 1261 N N3  . LFG G 5 .   ? 2.608   0.218   -6.440  0.57 58.67 ? 306 LFG A N3  1 
HETATM 1262 C C4  . LFG G 5 .   ? 4.104   -2.668  -7.757  0.57 63.42 ? 306 LFG A C4  1 
HETATM 1263 C C5  . LFG G 5 .   ? 3.147   -1.055  -6.700  0.57 61.77 ? 306 LFG A C5  1 
HETATM 1264 C C6  . LFG G 5 .   ? 1.869   0.997   -7.438  0.57 57.14 ? 306 LFG A C6  1 
HETATM 1265 C C7  . LFG G 5 .   ? 1.856   2.467   -7.015  0.57 57.35 ? 306 LFG A C7  1 
HETATM 1266 C C8  . LFG G 5 .   ? 1.499   3.400   -8.144  0.57 56.02 ? 306 LFG A C8  1 
HETATM 1267 C C10 . LFG G 5 .   ? -0.753  2.321   -8.682  0.57 53.25 ? 306 LFG A C10 1 
HETATM 1268 C C1  . LFG G 5 .   ? 5.891   -2.616  -9.571  0.57 65.28 ? 306 LFG A C1  1 
HETATM 1269 C C11 . LFG G 5 .   ? -0.711  1.262   -7.619  0.57 55.50 ? 306 LFG A C11 1 
HETATM 1270 C C12 . LFG G 5 .   ? 0.498   0.361   -7.667  0.57 56.88 ? 306 LFG A C12 1 
HETATM 1271 C C2  . LFG G 5 .   ? 6.222   -3.742  -8.670  0.57 62.31 ? 306 LFG A C2  1 
HETATM 1272 C C3  . LFG G 5 .   ? 4.777   -3.340  -8.851  0.57 64.26 ? 306 LFG A C3  1 
HETATM 1273 C C9  . LFG G 5 .   ? 0.034   3.572   -8.404  0.57 54.69 ? 306 LFG A C9  1 
HETATM 1274 N N2  . LFG G 5 .   ? 3.188   -2.073  -5.883  0.57 61.09 ? 306 LFG A N2  1 
HETATM 1275 O O1  . LFG G 5 .   ? 3.715   -1.374  -7.891  0.57 62.36 ? 306 LFG A O1  1 
HETATM 1276 O O   . HOH H 6 .   ? -6.718  8.942   -14.461 1.00 48.65 ? 401 HOH A O   1 
HETATM 1277 O O   . HOH H 6 .   ? -13.491 8.321   8.908   1.00 61.09 ? 402 HOH A O   1 
HETATM 1278 O O   . HOH H 6 .   ? 1.533   -0.642  -4.726  1.00 44.99 ? 403 HOH A O   1 
HETATM 1279 O O   . HOH H 6 .   ? -8.009  -19.634 -2.114  1.00 70.01 ? 404 HOH A O   1 
HETATM 1280 O O   . HOH H 6 .   ? -9.276  -20.547 -8.612  1.00 58.19 ? 405 HOH A O   1 
HETATM 1281 O O   . HOH H 6 .   ? 15.808  13.321  1.588   1.00 43.34 ? 406 HOH A O   1 
HETATM 1282 O O   . HOH H 6 .   ? -11.651 10.031  1.659   1.00 43.85 ? 407 HOH A O   1 
HETATM 1283 O O   . HOH H 6 .   ? -8.083  -3.505  11.997  1.00 42.60 ? 408 HOH A O   1 
HETATM 1284 O O   . HOH H 6 .   ? 2.665   -11.735 9.027   1.00 60.86 ? 409 HOH A O   1 
HETATM 1285 O O   . HOH H 6 .   ? 12.283  5.035   9.441   1.00 42.53 ? 410 HOH A O   1 
HETATM 1286 O O   . HOH H 6 .   ? 7.552   -1.426  12.886  1.00 44.73 ? 411 HOH A O   1 
HETATM 1287 O O   . HOH H 6 .   ? 10.654  -15.181 -7.500  1.00 40.89 ? 412 HOH A O   1 
HETATM 1288 O O   . HOH H 6 .   ? 4.282   8.710   -7.644  1.00 47.71 ? 413 HOH A O   1 
HETATM 1289 O O   . HOH H 6 .   ? 4.145   -11.282 2.556   1.00 36.47 ? 414 HOH A O   1 
HETATM 1290 O O   . HOH H 6 .   ? -5.012  0.121   -17.759 1.00 32.36 ? 415 HOH A O   1 
HETATM 1291 O O   . HOH H 6 .   ? -17.281 1.640   11.262  1.00 49.73 ? 416 HOH A O   1 
HETATM 1292 O O   . HOH H 6 .   ? 6.782   12.666  11.477  1.00 42.05 ? 417 HOH A O   1 
HETATM 1293 O O   . HOH H 6 .   ? -11.677 2.412   -10.392 1.00 33.98 ? 418 HOH A O   1 
HETATM 1294 O O   . HOH H 6 .   ? 16.933  3.715   0.069   1.00 39.54 ? 419 HOH A O   1 
HETATM 1295 O O   . HOH H 6 .   ? 2.787   21.266  9.564   1.00 49.46 ? 420 HOH A O   1 
HETATM 1296 O O   . HOH H 6 .   ? 13.600  13.699  -4.604  1.00 57.04 ? 421 HOH A O   1 
HETATM 1297 O O   . HOH H 6 .   ? -7.762  -15.156 -2.184  1.00 40.29 ? 422 HOH A O   1 
HETATM 1298 O O   . HOH H 6 .   ? -6.398  0.384   -14.214 1.00 29.32 ? 423 HOH A O   1 
HETATM 1299 O O   . HOH H 6 .   ? -3.433  -31.115 -15.085 1.00 31.73 ? 424 HOH A O   1 
HETATM 1300 O O   . HOH H 6 .   ? -2.993  -23.718 -8.946  1.00 36.26 ? 425 HOH A O   1 
HETATM 1301 O O   . HOH H 6 .   ? 3.562   -5.229  -4.492  0.57 36.79 ? 426 HOH A O   1 
HETATM 1302 O O   . HOH H 6 .   ? 7.347   -4.336  10.685  1.00 39.72 ? 427 HOH A O   1 
HETATM 1303 O O   . HOH H 6 .   ? -9.603  -14.511 -10.669 1.00 53.90 ? 428 HOH A O   1 
HETATM 1304 O O   . HOH H 6 .   ? 12.484  14.227  -1.540  1.00 51.52 ? 429 HOH A O   1 
HETATM 1305 O O   . HOH H 6 .   ? -0.353  -11.291 3.161   1.00 26.90 ? 430 HOH A O   1 
HETATM 1306 O O   . HOH H 6 .   ? -13.598 0.496   -2.063  1.00 31.47 ? 431 HOH A O   1 
HETATM 1307 O O   . HOH H 6 .   ? 13.920  -11.522 -2.137  1.00 40.47 ? 432 HOH A O   1 
HETATM 1308 O O   . HOH H 6 .   ? -2.214  3.647   2.066   1.00 21.43 ? 433 HOH A O   1 
HETATM 1309 O O   . HOH H 6 .   ? 4.021   -7.773  10.872  1.00 34.98 ? 434 HOH A O   1 
HETATM 1310 O O   . HOH H 6 .   ? -3.144  -10.916 13.139  1.00 60.39 ? 435 HOH A O   1 
HETATM 1311 O O   . HOH H 6 .   ? 1.754   7.400   12.189  1.00 24.72 ? 436 HOH A O   1 
HETATM 1312 O O   . HOH H 6 .   ? 2.733   12.322  1.763   1.00 30.87 ? 437 HOH A O   1 
HETATM 1313 O O   . HOH H 6 .   ? -1.536  16.410  5.776   1.00 34.56 ? 438 HOH A O   1 
HETATM 1314 O O   . HOH H 6 .   ? 7.101   17.517  9.728   1.00 56.09 ? 439 HOH A O   1 
HETATM 1315 O O   . HOH H 6 .   ? -0.714  -15.201 -3.039  1.00 44.77 ? 440 HOH A O   1 
HETATM 1316 O O   . HOH H 6 .   ? 2.237   4.927   13.009  1.00 32.39 ? 441 HOH A O   1 
HETATM 1317 O O   . HOH H 6 .   ? 2.035   16.260  7.055   1.00 33.26 ? 442 HOH A O   1 
HETATM 1318 O O   . HOH H 6 .   ? -2.744  -5.025  -7.446  1.00 27.18 ? 443 HOH A O   1 
HETATM 1319 O O   . HOH H 6 .   ? -11.749 -2.160  -9.065  1.00 33.98 ? 444 HOH A O   1 
HETATM 1320 O O   . HOH H 6 .   ? 19.545  -6.451  -3.446  1.00 65.17 ? 445 HOH A O   1 
HETATM 1321 O O   . HOH H 6 .   ? 9.274   14.879  3.908   1.00 47.56 ? 446 HOH A O   1 
HETATM 1322 O O   . HOH H 6 .   ? 0.108   -15.248 -11.683 1.00 48.32 ? 447 HOH A O   1 
HETATM 1323 O O   . HOH H 6 .   ? -2.300  16.735  3.140   1.00 33.71 ? 448 HOH A O   1 
HETATM 1324 O O   . HOH H 6 .   ? 15.911  -2.827  -3.037  1.00 43.08 ? 449 HOH A O   1 
HETATM 1325 O O   . HOH H 6 .   ? -7.337  14.589  6.884   1.00 44.55 ? 450 HOH A O   1 
HETATM 1326 O O   . HOH H 6 .   ? 0.090   -11.129 -4.766  1.00 52.12 ? 451 HOH A O   1 
HETATM 1327 O O   . HOH H 6 .   ? 0.511   -18.031 -11.371 1.00 37.33 ? 452 HOH A O   1 
HETATM 1328 O O   . HOH H 6 .   ? 17.724  5.492   -6.737  1.00 47.94 ? 453 HOH A O   1 
HETATM 1329 O O   . HOH H 6 .   ? 4.821   5.662   10.226  1.00 24.45 ? 454 HOH A O   1 
HETATM 1330 O O   . HOH H 6 .   ? -11.613 -4.445  8.525   1.00 29.28 ? 455 HOH A O   1 
HETATM 1331 O O   . HOH H 6 .   ? -14.554 -1.773  7.041   1.00 41.81 ? 456 HOH A O   1 
HETATM 1332 O O   . HOH H 6 .   ? 1.244   -2.275  -2.733  1.00 27.22 ? 457 HOH A O   1 
HETATM 1333 O O   . HOH H 6 .   ? -12.508 -29.541 -13.142 1.00 68.52 ? 458 HOH A O   1 
HETATM 1334 O O   . HOH H 6 .   ? 0.406   -14.131 0.253   1.00 52.61 ? 459 HOH A O   1 
HETATM 1335 O O   . HOH H 6 .   ? 9.122   14.468  0.709   1.00 39.68 ? 460 HOH A O   1 
HETATM 1336 O O   . HOH H 6 .   ? -10.569 -1.635  15.173  1.00 39.85 ? 461 HOH A O   1 
HETATM 1337 O O   . HOH H 6 .   ? -5.406  -7.118  12.979  1.00 32.07 ? 462 HOH A O   1 
HETATM 1338 O O   . HOH H 6 .   ? 2.478   7.901   -9.889  1.00 43.63 ? 463 HOH A O   1 
HETATM 1339 O O   . HOH H 6 .   ? 9.500   9.288   14.220  1.00 41.79 ? 464 HOH A O   1 
HETATM 1340 O O   . HOH H 6 .   ? 8.778   -5.166  8.490   1.00 47.76 ? 465 HOH A O   1 
HETATM 1341 O O   . HOH H 6 .   ? 0.692   -10.229 16.008  1.00 53.43 ? 466 HOH A O   1 
HETATM 1342 O O   . HOH H 6 .   ? 8.411   4.478   -8.889  1.00 41.68 ? 467 HOH A O   1 
HETATM 1343 O O   . HOH H 6 .   ? 14.307  7.999   6.720   1.00 45.66 ? 468 HOH A O   1 
HETATM 1344 O O   . HOH H 6 .   ? 10.557  -10.114 2.960   1.00 41.32 ? 469 HOH A O   1 
HETATM 1345 O O   . HOH H 6 .   ? -6.638  -21.478 -3.175  1.00 54.54 ? 470 HOH A O   1 
HETATM 1346 O O   . HOH H 6 .   ? -14.030 -2.963  1.152   1.00 23.08 ? 471 HOH A O   1 
HETATM 1347 O O   . HOH H 6 .   ? -13.476 5.154   -0.729  1.00 30.71 ? 472 HOH A O   1 
HETATM 1348 O O   . HOH H 6 .   ? -9.943  -9.714  -8.527  1.00 31.64 ? 473 HOH A O   1 
HETATM 1349 O O   . HOH H 6 .   ? -14.149 -10.235 0.574   1.00 45.05 ? 474 HOH A O   1 
HETATM 1350 O O   . HOH H 6 .   ? -16.079 1.189   7.965   1.00 59.03 ? 475 HOH A O   1 
HETATM 1351 O O   . HOH H 6 .   ? -13.337 6.465   -4.783  1.00 60.67 ? 476 HOH A O   1 
HETATM 1352 O O   . HOH H 6 .   ? -9.479  16.981  2.987   1.00 45.77 ? 477 HOH A O   1 
HETATM 1353 O O   . HOH H 6 .   ? 17.263  10.400  -8.667  1.00 53.21 ? 478 HOH A O   1 
HETATM 1354 O O   . HOH H 6 .   ? 8.721   13.255  7.730   1.00 48.87 ? 479 HOH A O   1 
HETATM 1355 O O   . HOH H 6 .   ? 8.787   12.877  5.448   1.00 40.39 ? 480 HOH A O   1 
HETATM 1356 O O   . HOH H 6 .   ? -12.673 16.993  4.148   1.00 56.40 ? 481 HOH A O   1 
HETATM 1357 O O   . HOH H 6 .   ? -13.660 0.248   -8.137  1.00 46.11 ? 482 HOH A O   1 
HETATM 1358 O O   . HOH H 6 .   ? -8.202  -3.491  -10.955 1.00 46.91 ? 483 HOH A O   1 
HETATM 1359 O O   . HOH H 6 .   ? -10.341 -10.633 -3.551  1.00 29.63 ? 484 HOH A O   1 
HETATM 1360 O O   . HOH H 6 .   ? 6.986   -7.513  7.309   1.00 53.25 ? 485 HOH A O   1 
HETATM 1361 O O   . HOH H 6 .   ? 19.848  9.151   2.331   1.00 63.35 ? 486 HOH A O   1 
HETATM 1362 O O   . HOH H 6 .   ? 10.745  -2.175  13.144  1.00 57.01 ? 487 HOH A O   1 
HETATM 1363 O O   . HOH H 6 .   ? 4.612   -10.374 10.562  1.00 46.14 ? 488 HOH A O   1 
HETATM 1364 O O   . HOH H 6 .   ? -12.636 -6.287  -1.050  1.00 39.94 ? 489 HOH A O   1 
HETATM 1365 O O   . HOH H 6 .   ? -5.051  16.851  2.655   1.00 46.80 ? 490 HOH A O   1 
HETATM 1366 O O   . HOH H 6 .   ? 5.984   -6.855  9.816   1.00 50.68 ? 491 HOH A O   1 
HETATM 1367 O O   . HOH H 6 .   ? -1.322  19.248  2.056   1.00 45.61 ? 492 HOH A O   1 
# 
